data_6XZ9
#
_entry.id   6XZ9
#
_cell.length_a   107.682
_cell.length_b   121.603
_cell.length_c   298.702
_cell.angle_alpha   90.000
_cell.angle_beta   90.000
_cell.angle_gamma   90.000
#
_symmetry.space_group_name_H-M   'I 2 2 2'
#
loop_
_entity.id
_entity.type
_entity.pdbx_description
1 polymer 'Cytochrome P450 11B2, mitochondrial'
2 non-polymer 'HEME C'
3 non-polymer 5-chloranyl-3,3-dimethyl-2-[5-[1-(1-methylpyrazol-4-yl)carbonylazetidin-3-yl]oxypyridin-3-yl]isoindol-1-one
4 water water
#
_entity_poly.entity_id   1
_entity_poly.type   'polypeptide(L)'
_entity_poly.pdbx_seq_one_letter_code
;MATKAARAPRTVLPFEAMPQHPGNRWLRLLQIWREQGYEHLHLEMHQTFQELGPIFRYNLGGPRMVCVMLPEDVEKLQQV
DSLHPCRMILEPWVAYRQHRGHKCGVFLLNGPEWRFNRLRLNPDVLSPKAVQRFLPMVDAVARDFSQALKKKVLQNARGS
LTLDVQPSIFHYTIEASNLALFGERLGLVGHSPSSASLNFLHALEVMFKSTVQLMFMPRSLSRWISPKVWKEHFEAWDCI
FQYGDNCIQKIYQELAFNRPQHYTGIVAELLLKAELSLEAIKANSMELTAGSVDTTAFPLLMTLFELARNPDVQQILRQE
SLAAAASISEHPQKATTELPLLRAALKETLRLYPVGLFLERVVSSDLVLQNYHIPAGTLVQVFLYSLGRNAALFPRPERY
NPQRWLDIRGSGRNFHHVPFGFGMRQCLGRRLAEAEMLLLLHHVLKHFLVETLTQEDIKMVYSFILRPGTSPLLTFRAIN
GGRHHHHHH
;
_entity_poly.pdbx_strand_id   A,B,C
#
loop_
_chem_comp.id
_chem_comp.type
_chem_comp.name
_chem_comp.formula
HEC non-polymer 'HEME C' 'C34 H34 Fe N4 O4'
O4W non-polymer 5-chloranyl-3,3-dimethyl-2-[5-[1-(1-methylpyrazol-4-yl)carbonylazetidin-3-yl]oxypyridin-3-yl]isoindol-1-one 'C23 H22 Cl N5 O3'
#
# COMPACT_ATOMS: atom_id res chain seq x y z
N THR A 11 -37.07 -52.21 25.41
CA THR A 11 -38.12 -51.35 25.98
C THR A 11 -37.69 -49.87 25.92
N VAL A 12 -38.24 -49.10 24.96
CA VAL A 12 -37.90 -47.69 24.70
C VAL A 12 -38.35 -46.78 25.86
N LEU A 13 -37.42 -45.96 26.36
CA LEU A 13 -37.59 -45.02 27.46
C LEU A 13 -38.12 -43.65 26.97
N PRO A 14 -38.75 -42.81 27.85
CA PRO A 14 -39.22 -41.50 27.36
C PRO A 14 -38.09 -40.48 27.30
N PHE A 15 -38.38 -39.31 26.70
CA PHE A 15 -37.44 -38.20 26.50
C PHE A 15 -36.83 -37.70 27.83
N GLU A 16 -37.67 -37.59 28.87
CA GLU A 16 -37.32 -37.11 30.19
C GLU A 16 -36.32 -37.99 30.94
N ALA A 17 -36.30 -39.32 30.64
CA ALA A 17 -35.40 -40.29 31.27
C ALA A 17 -33.91 -40.07 30.94
N MET A 18 -33.64 -39.31 29.87
CA MET A 18 -32.30 -38.98 29.36
C MET A 18 -31.51 -38.14 30.34
N PRO A 19 -30.16 -38.36 30.41
CA PRO A 19 -29.33 -37.47 31.25
C PRO A 19 -29.46 -36.01 30.81
N GLN A 20 -29.52 -35.08 31.77
CA GLN A 20 -29.68 -33.66 31.48
C GLN A 20 -28.34 -32.94 31.64
N HIS A 21 -28.07 -31.92 30.78
CA HIS A 21 -26.84 -31.12 30.86
C HIS A 21 -26.83 -30.33 32.19
N PRO A 22 -25.71 -30.38 32.97
CA PRO A 22 -25.67 -29.69 34.28
C PRO A 22 -25.89 -28.17 34.31
N GLY A 23 -25.48 -27.47 33.26
CA GLY A 23 -25.60 -26.01 33.23
C GLY A 23 -26.94 -25.47 32.73
N ASN A 24 -27.41 -24.39 33.38
CA ASN A 24 -28.64 -23.69 32.99
C ASN A 24 -28.36 -22.68 31.86
N ARG A 25 -29.37 -22.45 30.98
CA ARG A 25 -29.26 -21.57 29.82
C ARG A 25 -28.89 -20.09 30.11
N TRP A 26 -29.23 -19.57 31.32
CA TRP A 26 -28.98 -18.19 31.78
C TRP A 26 -27.53 -17.90 32.18
N LEU A 27 -26.89 -18.85 32.89
CA LEU A 27 -25.47 -18.72 33.29
C LEU A 27 -24.59 -18.65 32.06
N ARG A 28 -24.92 -19.48 31.04
CA ARG A 28 -24.28 -19.55 29.73
C ARG A 28 -24.48 -18.20 28.98
N LEU A 29 -25.70 -17.63 29.05
CA LEU A 29 -26.11 -16.38 28.42
C LEU A 29 -25.37 -15.15 29.00
N LEU A 30 -25.01 -15.22 30.29
CA LEU A 30 -24.30 -14.16 30.99
C LEU A 30 -22.79 -14.23 30.75
N GLN A 31 -22.23 -15.46 30.58
CA GLN A 31 -20.80 -15.62 30.27
C GLN A 31 -20.51 -15.16 28.82
N ILE A 32 -21.48 -15.37 27.90
CA ILE A 32 -21.42 -14.92 26.50
C ILE A 32 -21.44 -13.39 26.48
N TRP A 33 -22.13 -12.75 27.45
CA TRP A 33 -22.18 -11.30 27.57
C TRP A 33 -20.82 -10.80 28.06
N ARG A 34 -20.31 -11.40 29.16
CA ARG A 34 -19.05 -11.04 29.83
C ARG A 34 -17.80 -11.26 28.96
N GLU A 35 -17.61 -12.49 28.46
CA GLU A 35 -16.46 -12.90 27.65
C GLU A 35 -16.55 -12.52 26.17
N GLN A 36 -17.72 -12.00 25.72
CA GLN A 36 -18.02 -11.57 24.34
C GLN A 36 -17.83 -12.72 23.32
N GLY A 37 -18.12 -13.94 23.76
CA GLY A 37 -18.00 -15.16 22.98
C GLY A 37 -18.07 -16.43 23.81
N TYR A 38 -18.03 -17.57 23.12
CA TYR A 38 -18.11 -18.91 23.71
C TYR A 38 -16.96 -19.77 23.18
N GLU A 39 -15.73 -19.22 23.20
CA GLU A 39 -14.51 -19.84 22.67
C GLU A 39 -14.23 -21.28 23.13
N HIS A 40 -14.72 -21.66 24.32
CA HIS A 40 -14.52 -22.99 24.94
C HIS A 40 -15.72 -23.96 24.79
N LEU A 41 -16.73 -23.63 23.94
CA LEU A 41 -17.93 -24.46 23.74
C LEU A 41 -17.65 -25.94 23.46
N HIS A 42 -16.70 -26.21 22.55
CA HIS A 42 -16.31 -27.55 22.13
C HIS A 42 -15.73 -28.39 23.26
N LEU A 43 -14.98 -27.75 24.17
CA LEU A 43 -14.37 -28.43 25.31
C LEU A 43 -15.37 -28.62 26.42
N GLU A 44 -16.41 -27.76 26.46
CA GLU A 44 -17.51 -27.84 27.44
C GLU A 44 -18.42 -29.02 27.05
N MET A 45 -18.77 -29.09 25.75
CA MET A 45 -19.61 -30.15 25.21
C MET A 45 -18.90 -31.51 25.26
N HIS A 46 -17.58 -31.54 24.92
CA HIS A 46 -16.77 -32.78 24.95
C HIS A 46 -16.72 -33.39 26.33
N GLN A 47 -16.53 -32.55 27.38
CA GLN A 47 -16.48 -32.96 28.78
C GLN A 47 -17.80 -33.57 29.22
N THR A 48 -18.93 -32.99 28.77
CA THR A 48 -20.30 -33.42 29.11
C THR A 48 -20.59 -34.82 28.55
N PHE A 49 -20.06 -35.14 27.34
CA PHE A 49 -20.24 -36.46 26.74
C PHE A 49 -19.41 -37.50 27.47
N GLN A 50 -18.23 -37.07 27.98
CA GLN A 50 -17.29 -37.87 28.76
C GLN A 50 -17.88 -38.24 30.11
N GLU A 51 -18.61 -37.30 30.75
CA GLU A 51 -19.16 -37.51 32.09
C GLU A 51 -20.65 -37.97 32.11
N LEU A 52 -21.43 -37.79 31.00
CA LEU A 52 -22.85 -38.19 30.97
C LEU A 52 -23.17 -39.39 30.11
N GLY A 53 -22.47 -39.54 29.00
CA GLY A 53 -22.70 -40.63 28.07
C GLY A 53 -22.85 -40.15 26.64
N PRO A 54 -23.27 -41.04 25.69
CA PRO A 54 -23.37 -40.62 24.27
C PRO A 54 -24.57 -39.75 23.89
N ILE A 55 -25.54 -39.63 24.80
CA ILE A 55 -26.77 -38.88 24.63
C ILE A 55 -27.12 -38.12 25.92
N PHE A 56 -27.52 -36.83 25.77
CA PHE A 56 -27.98 -35.96 26.85
C PHE A 56 -28.90 -34.85 26.33
N ARG A 57 -29.90 -34.44 27.13
CA ARG A 57 -30.83 -33.38 26.73
C ARG A 57 -30.37 -32.00 27.28
N TYR A 58 -30.74 -30.92 26.59
CA TYR A 58 -30.41 -29.56 27.02
C TYR A 58 -31.65 -28.80 27.46
N ASN A 59 -31.61 -28.28 28.71
CA ASN A 59 -32.70 -27.50 29.29
C ASN A 59 -32.80 -26.12 28.63
N LEU A 60 -33.72 -26.03 27.66
CA LEU A 60 -34.02 -24.83 26.91
C LEU A 60 -35.22 -24.10 27.56
N GLY A 61 -35.68 -24.63 28.69
CA GLY A 61 -36.80 -24.11 29.48
C GLY A 61 -38.13 -24.15 28.74
N GLY A 62 -38.43 -25.30 28.15
CA GLY A 62 -39.62 -25.55 27.35
C GLY A 62 -39.28 -26.36 26.11
N PRO A 63 -38.60 -25.76 25.08
CA PRO A 63 -38.24 -26.53 23.87
C PRO A 63 -37.29 -27.69 24.16
N ARG A 64 -37.50 -28.80 23.45
CA ARG A 64 -36.72 -30.03 23.59
C ARG A 64 -35.45 -29.95 22.77
N MET A 65 -34.33 -30.35 23.37
CA MET A 65 -33.05 -30.39 22.66
C MET A 65 -32.25 -31.64 23.06
N VAL A 66 -31.76 -32.40 22.05
CA VAL A 66 -30.99 -33.64 22.24
C VAL A 66 -29.61 -33.51 21.65
N CYS A 67 -28.58 -33.93 22.42
CA CYS A 67 -27.19 -33.91 21.98
C CYS A 67 -26.66 -35.32 21.82
N VAL A 68 -26.23 -35.65 20.59
CA VAL A 68 -25.71 -36.99 20.25
C VAL A 68 -24.29 -36.89 19.70
N MET A 69 -23.55 -38.02 19.75
CA MET A 69 -22.17 -38.12 19.31
C MET A 69 -21.82 -39.44 18.64
N LEU A 70 -22.79 -40.34 18.50
CA LEU A 70 -22.55 -41.65 17.89
C LEU A 70 -23.04 -41.71 16.43
N PRO A 71 -22.27 -42.32 15.50
CA PRO A 71 -22.70 -42.36 14.09
C PRO A 71 -23.97 -43.19 13.85
N GLU A 72 -24.24 -44.18 14.75
CA GLU A 72 -25.44 -45.02 14.71
C GLU A 72 -26.69 -44.15 14.83
N ASP A 73 -26.58 -43.05 15.61
CA ASP A 73 -27.61 -42.04 15.83
C ASP A 73 -27.71 -41.06 14.66
N VAL A 74 -26.61 -40.85 13.87
CA VAL A 74 -26.61 -39.99 12.67
C VAL A 74 -27.49 -40.71 11.61
N GLU A 75 -27.20 -42.02 11.42
CA GLU A 75 -27.91 -42.95 10.52
C GLU A 75 -29.44 -42.88 10.73
N LYS A 76 -29.88 -42.78 12.02
CA LYS A 76 -31.29 -42.69 12.45
C LYS A 76 -31.88 -41.30 12.19
N LEU A 77 -31.13 -40.23 12.54
CA LEU A 77 -31.52 -38.83 12.33
C LEU A 77 -31.76 -38.57 10.85
N GLN A 78 -31.04 -39.31 10.00
CA GLN A 78 -31.18 -39.23 8.56
C GLN A 78 -32.49 -39.84 8.11
N GLN A 79 -32.84 -41.03 8.65
CA GLN A 79 -34.05 -41.77 8.28
C GLN A 79 -35.36 -40.97 8.46
N VAL A 80 -35.35 -39.93 9.33
CA VAL A 80 -36.52 -39.07 9.54
C VAL A 80 -36.46 -37.77 8.74
N ASP A 81 -35.29 -37.43 8.14
CA ASP A 81 -35.01 -36.20 7.39
C ASP A 81 -36.21 -35.59 6.69
N SER A 82 -37.00 -36.42 5.98
CA SER A 82 -38.17 -36.04 5.18
C SER A 82 -37.75 -35.25 3.92
N LEU A 83 -38.73 -34.87 3.09
CA LEU A 83 -38.52 -34.25 1.79
C LEU A 83 -37.94 -32.86 1.92
N HIS A 84 -38.26 -32.20 3.05
CA HIS A 84 -37.78 -30.89 3.42
C HIS A 84 -37.13 -30.93 4.83
N PRO A 85 -35.84 -31.35 4.98
CA PRO A 85 -35.22 -31.37 6.32
C PRO A 85 -35.17 -29.97 6.93
N CYS A 86 -35.56 -29.91 8.18
CA CYS A 86 -35.64 -28.65 8.90
C CYS A 86 -34.41 -28.38 9.78
N ARG A 87 -33.84 -27.18 9.63
CA ARG A 87 -32.68 -26.68 10.34
C ARG A 87 -33.14 -25.58 11.30
N MET A 88 -32.48 -25.44 12.48
CA MET A 88 -32.79 -24.35 13.42
C MET A 88 -32.24 -23.05 12.78
N ILE A 89 -33.15 -22.28 12.18
CA ILE A 89 -32.84 -21.05 11.42
C ILE A 89 -32.12 -20.02 12.30
N LEU A 90 -31.00 -19.49 11.76
CA LEU A 90 -30.14 -18.51 12.42
C LEU A 90 -30.78 -17.12 12.37
N GLU A 91 -31.50 -16.77 13.45
CA GLU A 91 -32.25 -15.54 13.68
C GLU A 91 -31.46 -14.24 13.31
N PRO A 92 -30.20 -13.98 13.78
CA PRO A 92 -29.53 -12.71 13.41
C PRO A 92 -29.21 -12.56 11.93
N TRP A 93 -28.94 -13.68 11.24
CA TRP A 93 -28.64 -13.64 9.80
C TRP A 93 -29.90 -13.33 9.00
N VAL A 94 -31.04 -13.95 9.41
CA VAL A 94 -32.35 -13.75 8.80
C VAL A 94 -32.80 -12.30 9.03
N ALA A 95 -32.53 -11.77 10.24
CA ALA A 95 -32.82 -10.39 10.65
C ALA A 95 -32.20 -9.35 9.70
N TYR A 96 -30.94 -9.59 9.24
CA TYR A 96 -30.25 -8.68 8.32
C TYR A 96 -30.91 -8.66 6.93
N ARG A 97 -31.16 -9.87 6.38
CA ARG A 97 -31.79 -10.07 5.08
C ARG A 97 -33.14 -9.35 5.07
N GLN A 98 -34.00 -9.63 6.08
CA GLN A 98 -35.34 -9.03 6.24
C GLN A 98 -35.28 -7.50 6.31
N HIS A 99 -34.23 -6.96 6.96
CA HIS A 99 -33.97 -5.53 7.12
C HIS A 99 -33.61 -4.84 5.78
N ARG A 100 -32.61 -5.36 5.06
CA ARG A 100 -32.15 -4.76 3.79
C ARG A 100 -32.98 -5.22 2.56
N GLY A 101 -33.98 -6.08 2.77
CA GLY A 101 -34.86 -6.61 1.74
C GLY A 101 -34.24 -7.62 0.80
N HIS A 102 -33.49 -8.60 1.37
CA HIS A 102 -32.81 -9.65 0.61
C HIS A 102 -33.49 -11.01 0.75
N LYS A 103 -33.37 -11.84 -0.30
CA LYS A 103 -33.89 -13.20 -0.28
C LYS A 103 -32.89 -14.05 0.51
N CYS A 104 -33.35 -15.19 1.04
CA CYS A 104 -32.51 -16.07 1.83
C CYS A 104 -31.92 -17.17 0.99
N GLY A 105 -30.66 -17.46 1.26
CA GLY A 105 -29.93 -18.53 0.61
C GLY A 105 -30.35 -19.85 1.20
N VAL A 106 -29.97 -20.94 0.53
CA VAL A 106 -30.31 -22.31 0.86
C VAL A 106 -30.01 -22.70 2.36
N PHE A 107 -28.98 -22.08 3.02
CA PHE A 107 -28.65 -22.34 4.43
C PHE A 107 -29.70 -21.78 5.38
N LEU A 108 -30.23 -20.58 5.06
CA LEU A 108 -31.22 -19.87 5.88
C LEU A 108 -32.69 -20.15 5.46
N LEU A 109 -32.90 -21.09 4.55
CA LEU A 109 -34.22 -21.48 4.05
C LEU A 109 -34.64 -22.82 4.64
N ASN A 110 -35.96 -23.08 4.65
CA ASN A 110 -36.58 -24.31 5.14
C ASN A 110 -37.82 -24.56 4.30
N GLY A 111 -38.26 -25.82 4.28
CA GLY A 111 -39.46 -26.23 3.59
C GLY A 111 -39.37 -26.20 2.08
N PRO A 112 -40.51 -26.00 1.37
CA PRO A 112 -40.48 -25.97 -0.11
C PRO A 112 -39.53 -24.95 -0.72
N GLU A 113 -39.39 -23.75 -0.11
CA GLU A 113 -38.48 -22.72 -0.62
C GLU A 113 -37.04 -23.24 -0.63
N TRP A 114 -36.65 -24.02 0.37
CA TRP A 114 -35.31 -24.59 0.41
C TRP A 114 -35.13 -25.61 -0.70
N ARG A 115 -36.11 -26.53 -0.87
CA ARG A 115 -36.05 -27.61 -1.86
C ARG A 115 -36.01 -27.10 -3.29
N PHE A 116 -36.78 -26.03 -3.59
CA PHE A 116 -36.82 -25.40 -4.91
C PHE A 116 -35.43 -24.87 -5.23
N ASN A 117 -34.83 -24.12 -4.28
CA ASN A 117 -33.50 -23.52 -4.40
C ASN A 117 -32.41 -24.57 -4.54
N ARG A 118 -32.38 -25.58 -3.64
CA ARG A 118 -31.39 -26.65 -3.59
C ARG A 118 -31.28 -27.45 -4.90
N LEU A 119 -32.40 -27.93 -5.43
CA LEU A 119 -32.38 -28.72 -6.65
C LEU A 119 -31.85 -27.95 -7.87
N ARG A 120 -31.98 -26.61 -7.90
CA ARG A 120 -31.47 -25.78 -8.99
C ARG A 120 -29.98 -25.41 -8.79
N LEU A 121 -29.49 -25.58 -7.54
CA LEU A 121 -28.12 -25.31 -7.11
C LEU A 121 -27.21 -26.54 -7.23
N ASN A 122 -27.70 -27.72 -6.84
CA ASN A 122 -26.93 -28.97 -6.89
C ASN A 122 -26.25 -29.27 -8.24
N PRO A 123 -26.93 -29.22 -9.42
CA PRO A 123 -26.25 -29.57 -10.68
C PRO A 123 -25.02 -28.74 -11.06
N ASP A 124 -24.98 -27.46 -10.68
CA ASP A 124 -23.89 -26.56 -11.04
C ASP A 124 -22.83 -26.34 -9.93
N VAL A 125 -23.16 -26.67 -8.65
CA VAL A 125 -22.29 -26.49 -7.49
C VAL A 125 -21.75 -27.81 -6.91
N LEU A 126 -22.63 -28.78 -6.67
CA LEU A 126 -22.26 -30.02 -6.01
C LEU A 126 -21.95 -31.19 -6.93
N SER A 127 -22.77 -31.38 -7.99
CA SER A 127 -22.72 -32.50 -8.95
C SER A 127 -21.32 -32.88 -9.46
N PRO A 128 -21.06 -34.18 -9.76
CA PRO A 128 -19.73 -34.57 -10.27
C PRO A 128 -19.37 -33.91 -11.60
N LYS A 129 -20.36 -33.73 -12.50
CA LYS A 129 -20.18 -33.09 -13.82
C LYS A 129 -19.69 -31.65 -13.66
N ALA A 130 -20.17 -30.93 -12.62
CA ALA A 130 -19.78 -29.55 -12.31
C ALA A 130 -18.35 -29.52 -11.81
N VAL A 131 -17.97 -30.48 -10.92
CA VAL A 131 -16.64 -30.63 -10.32
C VAL A 131 -15.57 -30.79 -11.39
N GLN A 132 -15.90 -31.53 -12.47
CA GLN A 132 -14.99 -31.73 -13.59
C GLN A 132 -14.76 -30.45 -14.39
N ARG A 133 -15.71 -29.49 -14.32
CA ARG A 133 -15.63 -28.22 -15.04
C ARG A 133 -14.78 -27.16 -14.30
N PHE A 134 -14.92 -27.04 -12.96
CA PHE A 134 -14.14 -26.08 -12.18
C PHE A 134 -12.82 -26.64 -11.61
N LEU A 135 -12.64 -27.98 -11.63
CA LEU A 135 -11.40 -28.60 -11.15
C LEU A 135 -10.17 -28.02 -11.84
N PRO A 136 -10.10 -27.89 -13.20
CA PRO A 136 -8.90 -27.32 -13.83
C PRO A 136 -8.66 -25.86 -13.44
N MET A 137 -9.73 -25.09 -13.16
CA MET A 137 -9.67 -23.68 -12.76
C MET A 137 -8.96 -23.58 -11.40
N VAL A 138 -9.46 -24.33 -10.39
CA VAL A 138 -8.91 -24.41 -9.03
C VAL A 138 -7.44 -24.85 -9.08
N ASP A 139 -7.13 -25.87 -9.88
CA ASP A 139 -5.79 -26.42 -10.08
C ASP A 139 -4.79 -25.31 -10.48
N ALA A 140 -5.20 -24.40 -11.40
CA ALA A 140 -4.36 -23.28 -11.87
C ALA A 140 -3.95 -22.34 -10.75
N VAL A 141 -4.85 -22.12 -9.78
CA VAL A 141 -4.62 -21.26 -8.62
C VAL A 141 -3.64 -21.96 -7.67
N ALA A 142 -3.86 -23.27 -7.42
CA ALA A 142 -3.00 -24.12 -6.58
C ALA A 142 -1.58 -24.19 -7.12
N ARG A 143 -1.45 -24.28 -8.47
CA ARG A 143 -0.19 -24.29 -9.22
C ARG A 143 0.54 -22.95 -9.01
N ASP A 144 -0.22 -21.82 -9.08
CA ASP A 144 0.29 -20.46 -8.89
C ASP A 144 0.77 -20.21 -7.47
N PHE A 145 0.12 -20.85 -6.47
CA PHE A 145 0.46 -20.71 -5.05
C PHE A 145 1.87 -21.25 -4.77
N SER A 146 2.14 -22.53 -5.12
CA SER A 146 3.42 -23.19 -4.93
C SER A 146 4.51 -22.51 -5.73
N GLN A 147 4.18 -22.04 -6.95
CA GLN A 147 5.09 -21.36 -7.86
C GLN A 147 5.61 -20.08 -7.24
N ALA A 148 4.72 -19.30 -6.64
CA ALA A 148 5.04 -18.05 -5.97
C ALA A 148 5.89 -18.31 -4.73
N LEU A 149 5.52 -19.35 -3.95
CA LEU A 149 6.22 -19.80 -2.75
C LEU A 149 7.63 -20.28 -3.09
N LYS A 150 7.80 -21.05 -4.17
CA LYS A 150 9.09 -21.53 -4.67
C LYS A 150 10.00 -20.33 -4.98
N LYS A 151 9.47 -19.32 -5.71
CA LYS A 151 10.18 -18.09 -6.06
C LYS A 151 10.79 -17.42 -4.82
N LYS A 152 9.97 -17.26 -3.75
CA LYS A 152 10.37 -16.66 -2.48
C LYS A 152 11.40 -17.54 -1.73
N VAL A 153 11.17 -18.88 -1.75
CA VAL A 153 12.01 -19.90 -1.12
C VAL A 153 13.44 -19.94 -1.71
N LEU A 154 13.55 -19.94 -3.06
CA LEU A 154 14.83 -20.04 -3.77
C LEU A 154 15.73 -18.81 -3.60
N GLN A 155 15.16 -17.66 -3.20
CA GLN A 155 15.91 -16.43 -2.96
C GLN A 155 16.64 -16.42 -1.62
N ASN A 156 16.31 -17.38 -0.74
CA ASN A 156 16.94 -17.56 0.58
C ASN A 156 18.05 -18.61 0.48
N ALA A 157 19.20 -18.36 1.15
CA ALA A 157 20.38 -19.21 1.12
C ALA A 157 20.15 -20.67 1.53
N ARG A 158 19.29 -20.92 2.52
CA ARG A 158 19.01 -22.28 2.97
C ARG A 158 17.94 -23.00 2.13
N GLY A 159 17.48 -22.36 1.05
CA GLY A 159 16.48 -22.91 0.14
C GLY A 159 15.19 -23.26 0.85
N SER A 160 14.76 -22.40 1.78
CA SER A 160 13.55 -22.57 2.59
C SER A 160 12.99 -21.22 3.07
N LEU A 161 11.65 -21.17 3.32
CA LEU A 161 10.97 -19.98 3.83
C LEU A 161 10.09 -20.34 5.02
N THR A 162 10.45 -19.83 6.21
CA THR A 162 9.71 -20.04 7.45
C THR A 162 8.75 -18.85 7.62
N LEU A 163 7.44 -19.14 7.75
CA LEU A 163 6.40 -18.11 7.86
C LEU A 163 5.10 -18.59 8.51
N ASP A 164 4.16 -17.64 8.71
CA ASP A 164 2.79 -17.87 9.16
C ASP A 164 2.04 -17.95 7.82
N VAL A 165 1.58 -19.16 7.44
CA VAL A 165 0.92 -19.37 6.14
C VAL A 165 -0.50 -18.87 6.09
N GLN A 166 -1.19 -18.75 7.26
CA GLN A 166 -2.60 -18.31 7.37
C GLN A 166 -2.98 -17.19 6.38
N PRO A 167 -2.26 -16.03 6.30
CA PRO A 167 -2.65 -15.00 5.32
C PRO A 167 -2.69 -15.46 3.86
N SER A 168 -1.72 -16.27 3.42
CA SER A 168 -1.60 -16.80 2.06
C SER A 168 -2.74 -17.77 1.73
N ILE A 169 -3.05 -18.72 2.65
CA ILE A 169 -4.11 -19.73 2.52
C ILE A 169 -5.48 -19.07 2.37
N PHE A 170 -5.72 -17.98 3.11
CA PHE A 170 -6.97 -17.23 3.00
C PHE A 170 -7.08 -16.55 1.64
N HIS A 171 -5.96 -15.98 1.14
CA HIS A 171 -5.95 -15.33 -0.16
C HIS A 171 -5.99 -16.35 -1.29
N TYR A 172 -5.67 -17.62 -0.98
CA TYR A 172 -5.78 -18.71 -1.93
C TYR A 172 -7.26 -19.07 -2.09
N THR A 173 -7.96 -19.31 -0.95
CA THR A 173 -9.38 -19.68 -0.89
C THR A 173 -10.26 -18.60 -1.53
N ILE A 174 -9.90 -17.31 -1.34
CA ILE A 174 -10.60 -16.17 -1.94
C ILE A 174 -10.43 -16.19 -3.47
N GLU A 175 -9.18 -16.46 -3.94
CA GLU A 175 -8.81 -16.50 -5.36
C GLU A 175 -9.45 -17.67 -6.09
N ALA A 176 -9.28 -18.89 -5.54
CA ALA A 176 -9.78 -20.16 -6.07
C ALA A 176 -11.29 -20.16 -6.11
N SER A 177 -11.95 -19.73 -5.02
CA SER A 177 -13.41 -19.65 -4.94
C SER A 177 -13.97 -18.60 -5.90
N ASN A 178 -13.28 -17.45 -6.08
CA ASN A 178 -13.71 -16.42 -7.01
C ASN A 178 -13.61 -16.93 -8.43
N LEU A 179 -12.52 -17.63 -8.77
CA LEU A 179 -12.34 -18.20 -10.10
C LEU A 179 -13.37 -19.28 -10.39
N ALA A 180 -13.67 -20.14 -9.41
CA ALA A 180 -14.64 -21.22 -9.57
C ALA A 180 -16.09 -20.71 -9.69
N LEU A 181 -16.44 -19.66 -8.94
CA LEU A 181 -17.79 -19.11 -8.93
C LEU A 181 -18.03 -18.12 -10.05
N PHE A 182 -17.08 -17.20 -10.26
CA PHE A 182 -17.26 -16.12 -11.25
C PHE A 182 -16.35 -16.18 -12.49
N GLY A 183 -15.30 -17.01 -12.49
CA GLY A 183 -14.38 -17.09 -13.61
C GLY A 183 -13.54 -15.83 -13.73
N GLU A 184 -13.14 -15.29 -12.57
CA GLU A 184 -12.38 -14.06 -12.45
C GLU A 184 -11.20 -14.22 -11.51
N ARG A 185 -10.01 -13.85 -11.98
CA ARG A 185 -8.79 -13.88 -11.17
C ARG A 185 -8.69 -12.53 -10.48
N LEU A 186 -8.60 -12.55 -9.14
CA LEU A 186 -8.50 -11.33 -8.34
C LEU A 186 -7.06 -10.81 -8.19
N GLY A 187 -6.09 -11.68 -8.46
CA GLY A 187 -4.66 -11.38 -8.38
C GLY A 187 -4.10 -11.37 -6.97
N LEU A 188 -4.75 -12.13 -6.07
CA LEU A 188 -4.39 -12.25 -4.66
C LEU A 188 -3.34 -13.32 -4.35
N VAL A 189 -3.19 -14.32 -5.27
CA VAL A 189 -2.21 -15.39 -5.14
C VAL A 189 -0.88 -14.95 -5.77
N GLY A 190 0.15 -14.87 -4.93
CA GLY A 190 1.51 -14.47 -5.30
C GLY A 190 1.77 -12.97 -5.29
N HIS A 191 0.78 -12.19 -4.80
CA HIS A 191 0.87 -10.73 -4.71
C HIS A 191 0.46 -10.23 -3.33
N SER A 192 0.52 -8.90 -3.12
CA SER A 192 0.13 -8.25 -1.87
C SER A 192 -1.40 -8.23 -1.70
N PRO A 193 -1.91 -8.50 -0.47
CA PRO A 193 -3.37 -8.47 -0.26
C PRO A 193 -3.99 -7.11 -0.53
N SER A 194 -5.17 -7.10 -1.15
CA SER A 194 -5.88 -5.85 -1.44
C SER A 194 -6.73 -5.40 -0.26
N SER A 195 -7.13 -4.11 -0.27
CA SER A 195 -7.96 -3.47 0.73
C SER A 195 -9.31 -4.19 0.78
N ALA A 196 -9.82 -4.60 -0.41
CA ALA A 196 -11.09 -5.29 -0.60
C ALA A 196 -11.07 -6.65 0.08
N SER A 197 -9.95 -7.40 -0.06
CA SER A 197 -9.78 -8.74 0.51
C SER A 197 -9.58 -8.69 2.00
N LEU A 198 -8.79 -7.72 2.51
CA LEU A 198 -8.54 -7.55 3.93
C LEU A 198 -9.77 -7.11 4.70
N ASN A 199 -10.56 -6.16 4.14
CA ASN A 199 -11.79 -5.67 4.75
C ASN A 199 -12.88 -6.75 4.76
N PHE A 200 -12.86 -7.66 3.73
CA PHE A 200 -13.80 -8.77 3.61
C PHE A 200 -13.51 -9.80 4.71
N LEU A 201 -12.23 -10.20 4.83
CA LEU A 201 -11.75 -11.13 5.85
C LEU A 201 -12.12 -10.65 7.23
N HIS A 202 -11.88 -9.36 7.50
CA HIS A 202 -12.20 -8.73 8.76
C HIS A 202 -13.70 -8.68 9.02
N ALA A 203 -14.50 -8.39 7.98
CA ALA A 203 -15.98 -8.35 8.05
C ALA A 203 -16.54 -9.72 8.42
N LEU A 204 -15.96 -10.78 7.85
CA LEU A 204 -16.36 -12.16 8.14
C LEU A 204 -16.04 -12.52 9.60
N GLU A 205 -14.86 -12.08 10.10
CA GLU A 205 -14.39 -12.29 11.47
C GLU A 205 -15.35 -11.66 12.47
N VAL A 206 -15.71 -10.38 12.24
CA VAL A 206 -16.64 -9.62 13.09
C VAL A 206 -18.07 -10.22 13.06
N MET A 207 -18.50 -10.70 11.89
CA MET A 207 -19.81 -11.28 11.72
C MET A 207 -19.91 -12.60 12.53
N PHE A 208 -18.91 -13.52 12.41
CA PHE A 208 -18.90 -14.80 13.14
C PHE A 208 -18.81 -14.61 14.65
N LYS A 209 -18.08 -13.57 15.11
CA LYS A 209 -17.94 -13.24 16.53
C LYS A 209 -19.27 -12.72 17.07
N SER A 210 -19.91 -11.75 16.37
CA SER A 210 -21.19 -11.18 16.76
C SER A 210 -22.36 -12.15 16.54
N THR A 211 -22.19 -13.23 15.70
CA THR A 211 -23.21 -14.29 15.52
C THR A 211 -23.30 -15.04 16.85
N VAL A 212 -22.16 -15.53 17.42
CA VAL A 212 -22.05 -16.23 18.72
C VAL A 212 -22.67 -15.38 19.85
N GLN A 213 -22.38 -14.07 19.84
CA GLN A 213 -22.85 -13.10 20.83
C GLN A 213 -24.37 -12.91 20.84
N LEU A 214 -25.04 -13.08 19.68
CA LEU A 214 -26.48 -12.88 19.54
C LEU A 214 -27.30 -14.17 19.44
N MET A 215 -26.61 -15.30 19.15
CA MET A 215 -27.17 -16.64 18.93
C MET A 215 -27.96 -17.26 20.08
N PHE A 216 -27.37 -17.27 21.28
CA PHE A 216 -27.86 -17.99 22.45
C PHE A 216 -28.86 -17.21 23.31
N MET A 217 -29.36 -16.07 22.79
CA MET A 217 -30.39 -15.25 23.44
C MET A 217 -31.41 -14.71 22.41
N PRO A 218 -32.73 -14.64 22.75
CA PRO A 218 -33.72 -14.18 21.75
C PRO A 218 -33.57 -12.72 21.34
N ARG A 219 -34.39 -12.27 20.37
CA ARG A 219 -34.40 -10.89 19.87
C ARG A 219 -34.69 -9.92 21.02
N SER A 220 -35.63 -10.30 21.92
CA SER A 220 -36.06 -9.53 23.07
C SER A 220 -34.92 -9.22 24.06
N LEU A 221 -34.10 -10.23 24.44
CA LEU A 221 -32.98 -10.05 25.37
C LEU A 221 -31.84 -9.31 24.72
N SER A 222 -31.47 -9.73 23.50
CA SER A 222 -30.39 -9.14 22.73
C SER A 222 -30.64 -7.69 22.35
N ARG A 223 -31.92 -7.26 22.32
CA ARG A 223 -32.30 -5.88 21.98
C ARG A 223 -31.73 -4.86 22.96
N TRP A 224 -31.71 -5.20 24.27
CA TRP A 224 -31.24 -4.30 25.34
C TRP A 224 -29.97 -4.77 26.05
N ILE A 225 -29.69 -6.08 26.03
CA ILE A 225 -28.48 -6.64 26.64
C ILE A 225 -27.25 -6.34 25.76
N SER A 226 -27.39 -6.55 24.44
CA SER A 226 -26.34 -6.34 23.46
C SER A 226 -26.87 -5.48 22.27
N PRO A 227 -27.22 -4.18 22.48
CA PRO A 227 -27.72 -3.38 21.36
C PRO A 227 -26.61 -2.99 20.39
N LYS A 228 -25.40 -2.78 20.92
CA LYS A 228 -24.19 -2.43 20.16
C LYS A 228 -23.74 -3.59 19.28
N VAL A 229 -23.94 -4.84 19.77
CA VAL A 229 -23.56 -6.06 19.06
C VAL A 229 -24.42 -6.25 17.79
N TRP A 230 -25.69 -5.81 17.82
CA TRP A 230 -26.58 -5.87 16.65
C TRP A 230 -26.05 -4.94 15.55
N LYS A 231 -25.73 -3.66 15.92
CA LYS A 231 -25.16 -2.66 14.99
C LYS A 231 -23.87 -3.21 14.37
N GLU A 232 -22.95 -3.72 15.23
CA GLU A 232 -21.66 -4.35 14.92
C GLU A 232 -21.84 -5.46 13.86
N HIS A 233 -22.85 -6.34 14.08
CA HIS A 233 -23.23 -7.49 13.24
C HIS A 233 -23.77 -7.04 11.88
N PHE A 234 -24.66 -6.03 11.88
CA PHE A 234 -25.26 -5.49 10.65
C PHE A 234 -24.26 -4.70 9.83
N GLU A 235 -23.29 -4.03 10.49
CA GLU A 235 -22.22 -3.29 9.83
C GLU A 235 -21.28 -4.28 9.14
N ALA A 236 -21.04 -5.47 9.78
CA ALA A 236 -20.21 -6.55 9.25
C ALA A 236 -20.85 -7.12 8.00
N TRP A 237 -22.18 -7.35 8.02
CA TRP A 237 -22.96 -7.86 6.90
C TRP A 237 -22.98 -6.86 5.74
N ASP A 238 -22.98 -5.55 6.08
CA ASP A 238 -22.96 -4.46 5.11
C ASP A 238 -21.69 -4.55 4.25
N CYS A 239 -20.54 -4.89 4.87
CA CYS A 239 -19.28 -5.06 4.15
C CYS A 239 -19.27 -6.36 3.34
N ILE A 240 -19.78 -7.47 3.92
CA ILE A 240 -19.86 -8.78 3.28
C ILE A 240 -20.73 -8.66 2.02
N PHE A 241 -21.89 -7.98 2.15
CA PHE A 241 -22.84 -7.77 1.05
C PHE A 241 -22.33 -6.80 -0.02
N GLN A 242 -21.47 -5.83 0.37
CA GLN A 242 -20.85 -4.87 -0.56
C GLN A 242 -19.92 -5.62 -1.52
N TYR A 243 -19.06 -6.50 -0.97
CA TYR A 243 -18.09 -7.33 -1.69
C TYR A 243 -18.80 -8.32 -2.61
N GLY A 244 -19.82 -8.97 -2.08
CA GLY A 244 -20.60 -9.97 -2.79
C GLY A 244 -21.41 -9.43 -3.95
N ASP A 245 -22.03 -8.21 -3.80
CA ASP A 245 -22.81 -7.58 -4.87
C ASP A 245 -21.91 -7.10 -5.98
N ASN A 246 -20.69 -6.67 -5.64
CA ASN A 246 -19.67 -6.24 -6.61
C ASN A 246 -19.36 -7.44 -7.57
N CYS A 247 -19.20 -8.64 -7.01
CA CYS A 247 -18.96 -9.92 -7.70
C CYS A 247 -20.07 -10.26 -8.72
N ILE A 248 -21.34 -10.21 -8.26
CA ILE A 248 -22.53 -10.55 -9.01
C ILE A 248 -22.89 -9.45 -10.06
N GLN A 249 -22.66 -8.15 -9.75
CA GLN A 249 -22.93 -7.04 -10.66
C GLN A 249 -22.04 -7.11 -11.91
N LYS A 250 -20.78 -7.58 -11.72
CA LYS A 250 -19.77 -7.71 -12.78
C LYS A 250 -20.16 -8.83 -13.77
N ILE A 251 -20.44 -10.05 -13.25
CA ILE A 251 -20.83 -11.23 -14.04
C ILE A 251 -22.18 -10.98 -14.76
N TYR A 252 -23.16 -10.38 -14.07
CA TYR A 252 -24.49 -10.06 -14.62
C TYR A 252 -24.41 -9.15 -15.82
N GLN A 253 -23.55 -8.11 -15.76
CA GLN A 253 -23.32 -7.17 -16.87
C GLN A 253 -22.60 -7.87 -18.03
N GLU A 254 -21.51 -8.61 -17.74
CA GLU A 254 -20.70 -9.37 -18.72
C GLU A 254 -21.59 -10.35 -19.51
N LEU A 255 -22.42 -11.16 -18.82
CA LEU A 255 -23.35 -12.14 -19.45
C LEU A 255 -24.51 -11.52 -20.22
N ALA A 256 -24.91 -10.28 -19.85
CA ALA A 256 -26.01 -9.58 -20.51
C ALA A 256 -25.70 -9.26 -21.96
N PHE A 257 -24.43 -8.97 -22.29
CA PHE A 257 -23.98 -8.60 -23.63
C PHE A 257 -23.43 -9.78 -24.45
N ASN A 258 -22.89 -10.80 -23.75
CA ASN A 258 -22.36 -11.99 -24.39
C ASN A 258 -22.60 -13.20 -23.51
N ARG A 259 -23.25 -14.24 -24.08
CA ARG A 259 -23.50 -15.52 -23.43
C ARG A 259 -22.31 -16.41 -23.87
N PRO A 260 -21.33 -16.68 -22.98
CA PRO A 260 -20.16 -17.48 -23.42
C PRO A 260 -20.48 -18.95 -23.71
N GLN A 261 -19.80 -19.49 -24.72
CA GLN A 261 -19.96 -20.88 -25.14
C GLN A 261 -19.26 -21.84 -24.16
N HIS A 262 -18.05 -21.48 -23.71
CA HIS A 262 -17.26 -22.26 -22.75
C HIS A 262 -17.68 -22.03 -21.29
N TYR A 263 -17.08 -22.79 -20.35
CA TYR A 263 -17.34 -22.68 -18.90
C TYR A 263 -16.57 -21.46 -18.38
N THR A 264 -17.28 -20.56 -17.67
CA THR A 264 -16.72 -19.34 -17.08
C THR A 264 -17.13 -19.22 -15.59
N GLY A 265 -17.34 -20.35 -14.93
CA GLY A 265 -17.70 -20.41 -13.51
C GLY A 265 -19.08 -20.94 -13.19
N ILE A 266 -19.31 -21.23 -11.88
CA ILE A 266 -20.56 -21.75 -11.32
C ILE A 266 -21.75 -20.80 -11.50
N VAL A 267 -21.60 -19.53 -11.05
CA VAL A 267 -22.61 -18.47 -11.07
C VAL A 267 -23.03 -18.11 -12.49
N ALA A 268 -22.11 -18.23 -13.47
CA ALA A 268 -22.41 -17.99 -14.88
C ALA A 268 -23.48 -18.98 -15.36
N GLU A 269 -23.35 -20.26 -14.97
CA GLU A 269 -24.28 -21.34 -15.30
C GLU A 269 -25.68 -21.08 -14.71
N LEU A 270 -25.72 -20.59 -13.46
CA LEU A 270 -26.97 -20.30 -12.74
C LEU A 270 -27.73 -19.14 -13.38
N LEU A 271 -27.00 -18.11 -13.80
CA LEU A 271 -27.54 -16.93 -14.47
C LEU A 271 -27.97 -17.24 -15.88
N LEU A 272 -27.22 -18.12 -16.59
CA LEU A 272 -27.56 -18.50 -17.97
C LEU A 272 -28.79 -19.39 -18.01
N LYS A 273 -28.91 -20.33 -17.04
CA LYS A 273 -30.05 -21.26 -16.93
C LYS A 273 -31.32 -20.49 -16.57
N ALA A 274 -31.19 -19.45 -15.70
CA ALA A 274 -32.27 -18.59 -15.21
C ALA A 274 -33.50 -19.37 -14.69
N GLU A 275 -33.23 -20.46 -13.95
CA GLU A 275 -34.22 -21.34 -13.31
C GLU A 275 -34.63 -20.69 -11.99
N LEU A 276 -33.71 -19.93 -11.37
CA LEU A 276 -33.92 -19.15 -10.15
C LEU A 276 -34.01 -17.66 -10.54
N SER A 277 -34.76 -16.88 -9.74
CA SER A 277 -34.93 -15.43 -9.90
C SER A 277 -33.60 -14.74 -9.58
N LEU A 278 -33.34 -13.55 -10.17
CA LEU A 278 -32.09 -12.81 -9.94
C LEU A 278 -31.84 -12.66 -8.43
N GLU A 279 -32.90 -12.38 -7.65
CA GLU A 279 -32.84 -12.22 -6.20
C GLU A 279 -32.39 -13.50 -5.49
N ALA A 280 -32.87 -14.69 -5.95
CA ALA A 280 -32.50 -16.01 -5.42
C ALA A 280 -31.04 -16.36 -5.78
N ILE A 281 -30.59 -16.01 -7.01
CA ILE A 281 -29.22 -16.23 -7.46
C ILE A 281 -28.30 -15.35 -6.62
N LYS A 282 -28.66 -14.04 -6.45
CA LYS A 282 -27.93 -13.07 -5.62
C LYS A 282 -27.69 -13.63 -4.20
N ALA A 283 -28.78 -14.14 -3.55
CA ALA A 283 -28.81 -14.70 -2.19
C ALA A 283 -27.89 -15.89 -2.01
N ASN A 284 -28.01 -16.89 -2.86
CA ASN A 284 -27.22 -18.12 -2.86
C ASN A 284 -25.78 -17.87 -3.26
N SER A 285 -25.54 -16.92 -4.20
CA SER A 285 -24.20 -16.53 -4.67
C SER A 285 -23.44 -15.88 -3.52
N MET A 286 -24.15 -15.09 -2.67
CA MET A 286 -23.61 -14.44 -1.48
C MET A 286 -23.13 -15.50 -0.46
N GLU A 287 -23.94 -16.57 -0.27
CA GLU A 287 -23.65 -17.70 0.64
C GLU A 287 -22.40 -18.46 0.16
N LEU A 288 -22.22 -18.55 -1.16
CA LEU A 288 -21.09 -19.28 -1.72
C LEU A 288 -19.80 -18.50 -1.66
N THR A 289 -19.83 -17.19 -2.02
CA THR A 289 -18.68 -16.27 -2.02
C THR A 289 -18.07 -16.10 -0.61
N ALA A 290 -18.94 -15.77 0.36
CA ALA A 290 -18.60 -15.52 1.75
C ALA A 290 -18.34 -16.81 2.49
N GLY A 291 -19.11 -17.83 2.19
CA GLY A 291 -19.01 -19.13 2.84
C GLY A 291 -17.77 -19.95 2.56
N SER A 292 -17.12 -19.72 1.41
CA SER A 292 -15.95 -20.46 0.99
C SER A 292 -14.58 -19.95 1.48
N VAL A 293 -14.53 -18.78 2.14
CA VAL A 293 -13.27 -18.18 2.60
C VAL A 293 -12.74 -18.86 3.91
N ASP A 294 -13.35 -18.56 5.08
CA ASP A 294 -12.96 -19.13 6.38
C ASP A 294 -13.13 -20.66 6.49
N THR A 295 -14.22 -21.22 5.96
CA THR A 295 -14.45 -22.66 6.11
C THR A 295 -13.32 -23.51 5.52
N THR A 296 -12.97 -23.35 4.23
CA THR A 296 -11.93 -24.14 3.57
C THR A 296 -10.52 -23.87 4.12
N ALA A 297 -10.22 -22.61 4.44
CA ALA A 297 -8.91 -22.15 4.92
C ALA A 297 -8.43 -22.75 6.26
N PHE A 298 -9.34 -22.94 7.24
CA PHE A 298 -8.97 -23.49 8.55
C PHE A 298 -8.56 -24.98 8.49
N PRO A 299 -9.32 -25.95 7.90
CA PRO A 299 -8.80 -27.32 7.82
C PRO A 299 -7.58 -27.48 6.89
N LEU A 300 -7.37 -26.52 5.97
CA LEU A 300 -6.20 -26.54 5.09
C LEU A 300 -4.92 -26.25 5.89
N LEU A 301 -4.96 -25.21 6.74
CA LEU A 301 -3.84 -24.85 7.62
C LEU A 301 -3.58 -26.00 8.60
N MET A 302 -4.65 -26.64 9.11
CA MET A 302 -4.56 -27.77 10.04
C MET A 302 -3.93 -29.01 9.41
N THR A 303 -4.19 -29.24 8.10
CA THR A 303 -3.58 -30.34 7.35
C THR A 303 -2.08 -30.06 7.20
N LEU A 304 -1.71 -28.82 6.81
CA LEU A 304 -0.30 -28.41 6.66
C LEU A 304 0.44 -28.58 7.99
N PHE A 305 -0.16 -28.15 9.11
CA PHE A 305 0.40 -28.28 10.46
C PHE A 305 0.56 -29.75 10.82
N GLU A 306 -0.52 -30.54 10.74
CA GLU A 306 -0.51 -31.98 11.06
C GLU A 306 0.49 -32.78 10.24
N LEU A 307 0.78 -32.34 9.01
CA LEU A 307 1.78 -32.97 8.15
C LEU A 307 3.19 -32.55 8.55
N ALA A 308 3.35 -31.35 9.15
CA ALA A 308 4.62 -30.82 9.63
C ALA A 308 5.02 -31.47 10.96
N ARG A 309 4.02 -32.00 11.72
CA ARG A 309 4.29 -32.74 12.97
C ARG A 309 4.38 -34.24 12.68
N ASN A 310 3.77 -34.72 11.57
CA ASN A 310 3.81 -36.13 11.15
C ASN A 310 4.62 -36.27 9.83
N PRO A 311 5.98 -36.16 9.86
CA PRO A 311 6.76 -36.26 8.62
C PRO A 311 6.65 -37.61 7.89
N ASP A 312 6.43 -38.68 8.66
CA ASP A 312 6.23 -40.06 8.21
C ASP A 312 5.00 -40.14 7.30
N VAL A 313 3.88 -39.50 7.73
CA VAL A 313 2.61 -39.42 7.01
C VAL A 313 2.79 -38.52 5.79
N GLN A 314 3.46 -37.36 5.98
CA GLN A 314 3.78 -36.39 4.93
C GLN A 314 4.52 -37.02 3.73
N GLN A 315 5.54 -37.87 4.01
CA GLN A 315 6.33 -38.54 2.98
C GLN A 315 5.52 -39.60 2.21
N ILE A 316 4.55 -40.27 2.88
CA ILE A 316 3.65 -41.26 2.25
C ILE A 316 2.79 -40.52 1.20
N LEU A 317 2.25 -39.34 1.59
CA LEU A 317 1.43 -38.47 0.75
C LEU A 317 2.22 -37.88 -0.41
N ARG A 318 3.50 -37.51 -0.16
CA ARG A 318 4.42 -36.93 -1.14
C ARG A 318 4.69 -37.92 -2.26
N GLN A 319 4.97 -39.19 -1.90
CA GLN A 319 5.24 -40.29 -2.83
C GLN A 319 4.05 -40.53 -3.76
N GLU A 320 2.82 -40.42 -3.21
CA GLU A 320 1.55 -40.58 -3.94
C GLU A 320 1.39 -39.41 -4.93
N SER A 321 1.54 -38.17 -4.42
CA SER A 321 1.42 -36.95 -5.21
C SER A 321 2.49 -36.86 -6.31
N LEU A 322 3.72 -37.35 -6.05
CA LEU A 322 4.79 -37.32 -7.05
C LEU A 322 4.61 -38.36 -8.16
N ALA A 323 4.06 -39.56 -7.83
CA ALA A 323 3.82 -40.62 -8.81
C ALA A 323 2.66 -40.22 -9.72
N ALA A 324 1.58 -39.69 -9.12
CA ALA A 324 0.37 -39.24 -9.81
C ALA A 324 0.50 -37.81 -10.37
N ALA A 325 1.70 -37.18 -10.27
CA ALA A 325 1.98 -35.82 -10.75
C ALA A 325 1.73 -35.62 -12.24
N ALA A 326 2.13 -36.61 -13.06
CA ALA A 326 2.00 -36.57 -14.52
C ALA A 326 0.56 -36.55 -15.02
N SER A 327 -0.27 -37.52 -14.58
CA SER A 327 -1.68 -37.64 -14.98
C SER A 327 -2.54 -36.43 -14.58
N ILE A 328 -2.28 -35.86 -13.37
CA ILE A 328 -2.97 -34.69 -12.82
C ILE A 328 -2.53 -33.41 -13.57
N SER A 329 -1.30 -33.39 -14.11
CA SER A 329 -0.77 -32.23 -14.86
C SER A 329 -1.50 -32.12 -16.20
N GLU A 330 -1.70 -33.27 -16.87
CA GLU A 330 -2.38 -33.40 -18.15
C GLU A 330 -3.90 -33.14 -17.97
N HIS A 331 -4.53 -33.92 -17.07
CA HIS A 331 -5.94 -33.82 -16.75
C HIS A 331 -6.13 -33.54 -15.26
N PRO A 332 -6.26 -32.24 -14.86
CA PRO A 332 -6.43 -31.91 -13.43
C PRO A 332 -7.63 -32.59 -12.76
N GLN A 333 -8.68 -32.92 -13.52
CA GLN A 333 -9.90 -33.57 -13.03
C GLN A 333 -9.66 -35.02 -12.52
N LYS A 334 -8.42 -35.54 -12.70
CA LYS A 334 -7.95 -36.86 -12.25
C LYS A 334 -7.50 -36.79 -10.79
N ALA A 335 -7.26 -35.58 -10.26
CA ALA A 335 -6.81 -35.37 -8.88
C ALA A 335 -7.68 -36.04 -7.81
N THR A 336 -8.99 -36.11 -8.06
CA THR A 336 -10.01 -36.69 -7.17
C THR A 336 -9.79 -38.18 -6.90
N THR A 337 -9.67 -38.99 -7.98
CA THR A 337 -9.48 -40.44 -7.95
C THR A 337 -8.02 -40.89 -7.77
N GLU A 338 -7.05 -40.16 -8.38
CA GLU A 338 -5.60 -40.47 -8.33
C GLU A 338 -4.93 -40.27 -6.95
N LEU A 339 -5.56 -39.49 -6.03
CA LEU A 339 -4.99 -39.21 -4.70
C LEU A 339 -5.88 -39.73 -3.53
N PRO A 340 -5.96 -41.07 -3.29
CA PRO A 340 -6.79 -41.56 -2.17
C PRO A 340 -6.30 -41.22 -0.76
N LEU A 341 -4.99 -41.39 -0.48
CA LEU A 341 -4.40 -41.11 0.83
C LEU A 341 -4.50 -39.63 1.20
N LEU A 342 -4.30 -38.72 0.22
CA LEU A 342 -4.39 -37.27 0.42
C LEU A 342 -5.85 -36.88 0.71
N ARG A 343 -6.83 -37.56 0.07
CA ARG A 343 -8.27 -37.36 0.32
C ARG A 343 -8.58 -37.81 1.73
N ALA A 344 -7.94 -38.92 2.19
CA ALA A 344 -8.08 -39.52 3.52
C ALA A 344 -7.39 -38.68 4.60
N ALA A 345 -6.33 -37.93 4.23
CA ALA A 345 -5.65 -37.01 5.15
C ALA A 345 -6.59 -35.86 5.48
N LEU A 346 -7.42 -35.40 4.50
CA LEU A 346 -8.42 -34.36 4.72
C LEU A 346 -9.52 -34.87 5.64
N LYS A 347 -9.97 -36.15 5.43
CA LYS A 347 -10.97 -36.82 6.26
C LYS A 347 -10.47 -36.81 7.71
N GLU A 348 -9.13 -37.07 7.89
CA GLU A 348 -8.42 -37.14 9.16
C GLU A 348 -8.34 -35.79 9.90
N THR A 349 -8.13 -34.69 9.13
CA THR A 349 -8.08 -33.32 9.64
C THR A 349 -9.47 -32.90 10.06
N LEU A 350 -10.51 -33.19 9.23
CA LEU A 350 -11.90 -32.86 9.55
C LEU A 350 -12.46 -33.73 10.70
N ARG A 351 -11.75 -34.81 11.10
CA ARG A 351 -12.13 -35.71 12.20
C ARG A 351 -11.70 -35.06 13.51
N LEU A 352 -10.44 -34.64 13.57
CA LEU A 352 -9.86 -33.99 14.73
C LEU A 352 -10.30 -32.52 14.77
N TYR A 353 -10.25 -31.82 13.64
CA TYR A 353 -10.58 -30.41 13.58
C TYR A 353 -11.82 -30.14 12.69
N PRO A 354 -13.06 -30.44 13.19
CA PRO A 354 -14.25 -30.22 12.35
C PRO A 354 -14.67 -28.75 12.32
N VAL A 355 -14.57 -28.10 11.16
CA VAL A 355 -14.92 -26.67 11.04
C VAL A 355 -16.35 -26.42 11.52
N GLY A 356 -17.29 -27.20 10.98
CA GLY A 356 -18.70 -27.11 11.30
C GLY A 356 -19.07 -28.09 12.39
N LEU A 357 -18.48 -27.92 13.56
CA LEU A 357 -18.65 -28.65 14.83
C LEU A 357 -19.93 -29.46 15.05
N PHE A 358 -21.08 -28.95 14.55
CA PHE A 358 -22.38 -29.59 14.73
C PHE A 358 -23.15 -29.79 13.44
N LEU A 359 -24.06 -30.76 13.49
CA LEU A 359 -25.04 -31.10 12.47
C LEU A 359 -26.35 -30.96 13.24
N GLU A 360 -27.19 -30.00 12.83
CA GLU A 360 -28.46 -29.77 13.53
C GLU A 360 -29.65 -30.05 12.65
N ARG A 361 -30.72 -30.62 13.26
CA ARG A 361 -32.00 -30.95 12.62
C ARG A 361 -33.18 -30.83 13.57
N VAL A 362 -34.20 -30.04 13.20
CA VAL A 362 -35.45 -29.94 13.96
C VAL A 362 -36.29 -31.06 13.35
N VAL A 363 -36.41 -32.20 14.07
CA VAL A 363 -37.05 -33.41 13.54
C VAL A 363 -38.53 -33.17 13.27
N SER A 364 -38.98 -33.59 12.07
CA SER A 364 -40.34 -33.47 11.53
C SER A 364 -41.28 -34.61 11.97
N SER A 365 -40.71 -35.76 12.35
CA SER A 365 -41.42 -36.94 12.81
C SER A 365 -40.68 -37.46 14.06
N ASP A 366 -41.37 -38.26 14.91
CA ASP A 366 -40.84 -38.91 16.10
C ASP A 366 -39.77 -39.93 15.66
N LEU A 367 -38.75 -40.13 16.49
CA LEU A 367 -37.67 -41.09 16.25
C LEU A 367 -37.13 -41.63 17.58
N VAL A 368 -36.28 -42.68 17.52
CA VAL A 368 -35.67 -43.27 18.72
C VAL A 368 -34.14 -43.18 18.61
N LEU A 369 -33.49 -42.62 19.62
CA LEU A 369 -32.03 -42.51 19.64
C LEU A 369 -31.53 -42.97 20.97
N GLN A 370 -30.62 -43.96 20.98
CA GLN A 370 -30.02 -44.55 22.17
C GLN A 370 -31.10 -45.04 23.18
N ASN A 371 -32.19 -45.68 22.65
CA ASN A 371 -33.34 -46.24 23.35
C ASN A 371 -34.21 -45.17 24.06
N TYR A 372 -34.14 -43.92 23.58
CA TYR A 372 -34.95 -42.83 24.11
C TYR A 372 -35.87 -42.32 23.03
N HIS A 373 -37.10 -41.97 23.39
CA HIS A 373 -38.05 -41.40 22.45
C HIS A 373 -37.73 -39.92 22.22
N ILE A 374 -37.45 -39.55 20.95
CA ILE A 374 -37.15 -38.18 20.53
C ILE A 374 -38.40 -37.71 19.76
N PRO A 375 -39.27 -36.85 20.36
CA PRO A 375 -40.51 -36.46 19.66
C PRO A 375 -40.32 -35.50 18.49
N ALA A 376 -41.35 -35.37 17.64
CA ALA A 376 -41.37 -34.46 16.50
C ALA A 376 -41.32 -33.05 17.06
N GLY A 377 -40.54 -32.21 16.41
CA GLY A 377 -40.32 -30.83 16.82
C GLY A 377 -38.98 -30.64 17.51
N THR A 378 -38.41 -31.74 18.04
CA THR A 378 -37.14 -31.74 18.78
C THR A 378 -35.93 -31.45 17.89
N LEU A 379 -35.08 -30.54 18.39
CA LEU A 379 -33.82 -30.17 17.78
C LEU A 379 -32.81 -31.21 18.24
N VAL A 380 -32.20 -31.92 17.28
CA VAL A 380 -31.17 -32.94 17.49
C VAL A 380 -29.87 -32.39 16.95
N GLN A 381 -28.88 -32.20 17.84
CA GLN A 381 -27.55 -31.67 17.54
C GLN A 381 -26.47 -32.77 17.69
N VAL A 382 -25.84 -33.13 16.55
CA VAL A 382 -24.75 -34.11 16.50
C VAL A 382 -23.45 -33.34 16.75
N PHE A 383 -22.65 -33.76 17.76
CA PHE A 383 -21.37 -33.13 18.10
C PHE A 383 -20.17 -33.82 17.40
N LEU A 384 -19.68 -33.21 16.30
CA LEU A 384 -18.61 -33.75 15.42
C LEU A 384 -17.22 -33.83 16.07
N TYR A 385 -16.98 -33.06 17.14
CA TYR A 385 -15.70 -33.04 17.87
C TYR A 385 -15.52 -34.30 18.73
N SER A 386 -16.55 -34.67 19.54
CA SER A 386 -16.59 -35.88 20.38
C SER A 386 -16.69 -37.16 19.52
N LEU A 387 -17.53 -37.13 18.45
CA LEU A 387 -17.74 -38.22 17.50
C LEU A 387 -16.41 -38.70 16.91
N GLY A 388 -15.60 -37.76 16.42
CA GLY A 388 -14.28 -38.00 15.82
C GLY A 388 -13.15 -38.19 16.81
N ARG A 389 -13.48 -38.14 18.12
CA ARG A 389 -12.56 -38.33 19.25
C ARG A 389 -12.99 -39.50 20.15
N ASN A 390 -13.86 -40.36 19.62
CA ASN A 390 -14.34 -41.56 20.28
C ASN A 390 -13.35 -42.67 19.95
N ALA A 391 -12.67 -43.18 20.99
CA ALA A 391 -11.65 -44.23 20.92
C ALA A 391 -12.15 -45.59 20.38
N ALA A 392 -13.46 -45.89 20.54
CA ALA A 392 -14.07 -47.14 20.08
C ALA A 392 -14.32 -47.17 18.57
N LEU A 393 -14.68 -46.02 17.98
CA LEU A 393 -14.93 -45.88 16.55
C LEU A 393 -13.61 -45.69 15.81
N PHE A 394 -12.66 -45.00 16.46
CA PHE A 394 -11.36 -44.70 15.88
C PHE A 394 -10.24 -45.09 16.85
N PRO A 395 -9.60 -46.27 16.66
CA PRO A 395 -8.52 -46.70 17.57
C PRO A 395 -7.33 -45.74 17.56
N ARG A 396 -6.83 -45.37 18.77
CA ARG A 396 -5.78 -44.36 19.03
C ARG A 396 -6.28 -43.04 18.38
N PRO A 397 -7.38 -42.43 18.91
CA PRO A 397 -8.01 -41.28 18.24
C PRO A 397 -7.14 -40.03 18.05
N GLU A 398 -6.15 -39.81 18.94
CA GLU A 398 -5.25 -38.66 18.87
C GLU A 398 -4.24 -38.76 17.72
N ARG A 399 -4.00 -39.98 17.23
CA ARG A 399 -3.06 -40.26 16.13
C ARG A 399 -3.63 -39.77 14.80
N TYR A 400 -2.86 -38.87 14.11
CA TYR A 400 -3.22 -38.36 12.78
C TYR A 400 -2.81 -39.45 11.76
N ASN A 401 -3.70 -40.43 11.56
CA ASN A 401 -3.46 -41.53 10.64
C ASN A 401 -4.49 -41.62 9.50
N PRO A 402 -4.14 -41.06 8.33
CA PRO A 402 -5.02 -41.14 7.16
C PRO A 402 -5.30 -42.56 6.66
N GLN A 403 -4.46 -43.55 7.05
CA GLN A 403 -4.61 -44.96 6.66
C GLN A 403 -5.86 -45.59 7.25
N ARG A 404 -6.33 -45.12 8.43
CA ARG A 404 -7.54 -45.64 9.10
C ARG A 404 -8.77 -45.65 8.16
N TRP A 405 -8.84 -44.69 7.20
CA TRP A 405 -9.92 -44.51 6.23
C TRP A 405 -9.85 -45.49 5.04
N LEU A 406 -8.88 -46.43 5.11
CA LEU A 406 -8.65 -47.43 4.06
C LEU A 406 -8.78 -48.88 4.54
N ASP A 407 -8.46 -49.15 5.83
CA ASP A 407 -8.48 -50.49 6.45
C ASP A 407 -9.90 -51.05 6.65
N ASN A 414 -19.44 -45.94 6.84
CA ASN A 414 -20.72 -46.21 7.48
C ASN A 414 -21.08 -45.11 8.50
N PHE A 415 -21.14 -43.83 8.01
CA PHE A 415 -21.48 -42.61 8.74
C PHE A 415 -20.38 -42.12 9.69
N HIS A 416 -19.17 -42.69 9.55
CA HIS A 416 -18.00 -42.34 10.34
C HIS A 416 -17.47 -40.96 9.95
N HIS A 417 -17.57 -40.63 8.63
CA HIS A 417 -17.14 -39.35 8.01
C HIS A 417 -18.35 -38.53 7.60
N VAL A 418 -18.74 -37.58 8.48
CA VAL A 418 -19.88 -36.67 8.30
C VAL A 418 -19.52 -35.19 8.65
N PRO A 419 -18.34 -34.65 8.23
CA PRO A 419 -18.04 -33.25 8.58
C PRO A 419 -18.76 -32.20 7.74
N PHE A 420 -19.35 -32.64 6.62
CA PHE A 420 -20.12 -31.83 5.67
C PHE A 420 -21.63 -32.11 5.82
N GLY A 421 -21.99 -32.99 6.75
CA GLY A 421 -23.37 -33.35 7.01
C GLY A 421 -23.82 -34.60 6.28
N PHE A 422 -25.12 -34.68 6.03
CA PHE A 422 -25.73 -35.84 5.38
C PHE A 422 -26.99 -35.47 4.62
N GLY A 423 -27.42 -36.38 3.76
CA GLY A 423 -28.63 -36.24 2.99
C GLY A 423 -28.67 -35.05 2.07
N MET A 424 -29.89 -34.54 1.81
CA MET A 424 -30.19 -33.47 0.89
C MET A 424 -29.64 -32.11 1.32
N ARG A 425 -29.57 -31.89 2.65
CA ARG A 425 -29.11 -30.67 3.32
C ARG A 425 -27.61 -30.65 3.61
N GLN A 426 -26.85 -31.65 3.09
CA GLN A 426 -25.39 -31.70 3.28
C GLN A 426 -24.75 -30.50 2.59
N CYS A 427 -23.62 -30.06 3.10
CA CYS A 427 -22.82 -28.94 2.58
C CYS A 427 -22.83 -28.80 1.06
N LEU A 428 -23.29 -27.65 0.54
CA LEU A 428 -23.33 -27.36 -0.90
C LEU A 428 -21.93 -27.16 -1.47
N GLY A 429 -21.04 -26.52 -0.69
CA GLY A 429 -19.66 -26.25 -1.09
C GLY A 429 -18.70 -27.34 -0.71
N ARG A 430 -19.22 -28.54 -0.45
CA ARG A 430 -18.47 -29.73 -0.04
C ARG A 430 -17.45 -30.16 -1.07
N ARG A 431 -17.84 -30.20 -2.35
CA ARG A 431 -16.95 -30.70 -3.39
C ARG A 431 -15.98 -29.61 -3.86
N LEU A 432 -16.38 -28.32 -3.83
CA LEU A 432 -15.50 -27.20 -4.18
C LEU A 432 -14.38 -27.04 -3.14
N ALA A 433 -14.74 -27.15 -1.83
CA ALA A 433 -13.81 -27.09 -0.69
C ALA A 433 -12.79 -28.20 -0.77
N GLU A 434 -13.24 -29.46 -1.03
CA GLU A 434 -12.39 -30.63 -1.18
C GLU A 434 -11.35 -30.42 -2.28
N ALA A 435 -11.80 -29.95 -3.47
CA ALA A 435 -10.97 -29.67 -4.64
C ALA A 435 -9.89 -28.63 -4.33
N GLU A 436 -10.29 -27.55 -3.61
CA GLU A 436 -9.39 -26.47 -3.22
C GLU A 436 -8.31 -26.98 -2.28
N MET A 437 -8.68 -27.85 -1.33
CA MET A 437 -7.75 -28.40 -0.36
C MET A 437 -6.81 -29.41 -1.00
N LEU A 438 -7.35 -30.44 -1.65
CA LEU A 438 -6.57 -31.50 -2.32
C LEU A 438 -5.47 -30.94 -3.22
N LEU A 439 -5.83 -30.02 -4.13
CA LEU A 439 -4.94 -29.45 -5.12
C LEU A 439 -3.86 -28.59 -4.51
N LEU A 440 -4.22 -27.70 -3.54
CA LEU A 440 -3.18 -26.88 -2.89
C LEU A 440 -2.13 -27.78 -2.28
N LEU A 441 -2.58 -28.79 -1.50
CA LEU A 441 -1.75 -29.77 -0.83
C LEU A 441 -0.90 -30.62 -1.80
N HIS A 442 -1.49 -31.01 -2.94
CA HIS A 442 -0.80 -31.80 -3.95
C HIS A 442 0.41 -31.04 -4.50
N HIS A 443 0.23 -29.77 -4.84
CA HIS A 443 1.29 -28.93 -5.39
C HIS A 443 2.33 -28.49 -4.35
N VAL A 444 1.95 -28.43 -3.06
CA VAL A 444 2.87 -28.11 -1.96
C VAL A 444 3.79 -29.32 -1.71
N LEU A 445 3.20 -30.53 -1.65
CA LEU A 445 3.93 -31.78 -1.43
C LEU A 445 4.95 -32.09 -2.52
N LYS A 446 4.61 -31.78 -3.78
CA LYS A 446 5.46 -31.98 -4.96
C LYS A 446 6.80 -31.22 -4.87
N HIS A 447 6.78 -29.99 -4.32
CA HIS A 447 7.93 -29.10 -4.33
C HIS A 447 8.57 -28.79 -2.97
N PHE A 448 7.81 -28.91 -1.86
CA PHE A 448 8.31 -28.54 -0.53
C PHE A 448 8.14 -29.55 0.57
N LEU A 449 9.00 -29.46 1.58
CA LEU A 449 8.97 -30.22 2.82
C LEU A 449 8.39 -29.25 3.87
N VAL A 450 7.27 -29.62 4.50
CA VAL A 450 6.66 -28.79 5.54
C VAL A 450 7.24 -29.24 6.89
N GLU A 451 7.82 -28.29 7.66
CA GLU A 451 8.49 -28.55 8.94
C GLU A 451 8.07 -27.53 10.02
N THR A 452 8.15 -27.92 11.32
CA THR A 452 7.84 -27.07 12.48
C THR A 452 8.39 -27.63 13.80
N LEU A 453 8.84 -26.73 14.69
CA LEU A 453 9.32 -27.06 16.03
C LEU A 453 8.14 -27.05 17.00
N THR A 454 7.04 -26.39 16.59
CA THR A 454 5.76 -26.29 17.30
C THR A 454 5.13 -27.69 17.20
N GLN A 455 5.51 -28.59 18.12
CA GLN A 455 5.00 -29.96 18.12
C GLN A 455 3.79 -30.14 19.10
N GLU A 456 3.39 -29.05 19.76
CA GLU A 456 2.27 -29.00 20.70
C GLU A 456 0.98 -28.78 19.93
N ASP A 457 -0.12 -29.43 20.37
CA ASP A 457 -1.45 -29.30 19.77
C ASP A 457 -1.91 -27.86 19.82
N ILE A 458 -2.50 -27.36 18.72
CA ILE A 458 -3.03 -25.99 18.66
C ILE A 458 -4.35 -25.98 19.41
N LYS A 459 -4.57 -24.95 20.23
CA LYS A 459 -5.81 -24.76 20.97
C LYS A 459 -6.85 -24.24 19.96
N MET A 460 -7.96 -24.96 19.80
CA MET A 460 -9.02 -24.54 18.88
C MET A 460 -9.93 -23.56 19.60
N VAL A 461 -10.55 -22.66 18.87
CA VAL A 461 -11.45 -21.65 19.41
C VAL A 461 -12.78 -21.65 18.63
N TYR A 462 -13.90 -21.72 19.36
CA TYR A 462 -15.20 -21.72 18.73
C TYR A 462 -15.60 -20.28 18.46
N SER A 463 -15.69 -19.93 17.18
CA SER A 463 -16.10 -18.61 16.69
C SER A 463 -17.08 -18.88 15.52
N PHE A 464 -18.24 -19.53 15.84
CA PHE A 464 -19.31 -20.03 14.96
C PHE A 464 -18.80 -21.25 14.23
N ILE A 465 -17.54 -21.15 13.77
CA ILE A 465 -16.76 -22.24 13.18
C ILE A 465 -15.62 -22.55 14.16
N LEU A 466 -15.12 -23.79 14.13
CA LEU A 466 -14.00 -24.20 14.96
C LEU A 466 -12.71 -23.85 14.21
N ARG A 467 -12.12 -22.68 14.58
CA ARG A 467 -10.88 -22.12 14.03
C ARG A 467 -9.70 -22.22 15.03
N PRO A 468 -8.43 -22.46 14.58
CA PRO A 468 -7.31 -22.46 15.53
C PRO A 468 -7.08 -21.10 16.18
N GLY A 469 -6.60 -21.12 17.42
CA GLY A 469 -6.32 -19.90 18.16
C GLY A 469 -5.07 -19.21 17.65
N THR A 470 -4.00 -20.01 17.45
CA THR A 470 -2.71 -19.54 16.96
C THR A 470 -2.35 -20.20 15.65
N SER A 471 -1.62 -19.46 14.78
CA SER A 471 -1.12 -19.98 13.51
C SER A 471 0.35 -20.34 13.74
N PRO A 472 0.77 -21.60 13.52
CA PRO A 472 2.16 -21.96 13.80
C PRO A 472 3.10 -21.49 12.71
N LEU A 473 4.40 -21.46 13.05
CA LEU A 473 5.49 -21.07 12.17
C LEU A 473 5.87 -22.32 11.38
N LEU A 474 5.55 -22.32 10.09
CA LEU A 474 5.82 -23.45 9.20
C LEU A 474 6.96 -23.11 8.25
N THR A 475 7.96 -24.02 8.16
CA THR A 475 9.11 -23.92 7.26
C THR A 475 8.74 -24.69 6.00
N PHE A 476 8.95 -24.08 4.82
CA PHE A 476 8.70 -24.71 3.53
C PHE A 476 10.05 -24.86 2.84
N ARG A 477 10.63 -26.07 2.91
CA ARG A 477 11.94 -26.32 2.34
C ARG A 477 11.83 -26.89 0.95
N ALA A 478 12.51 -26.25 -0.02
CA ALA A 478 12.53 -26.72 -1.42
C ALA A 478 13.17 -28.10 -1.49
N ILE A 479 12.61 -29.01 -2.32
CA ILE A 479 13.14 -30.36 -2.46
C ILE A 479 14.32 -30.37 -3.45
N ASN A 480 14.15 -29.74 -4.63
CA ASN A 480 15.19 -29.66 -5.67
C ASN A 480 15.59 -28.21 -5.92
N PRO B 9 -36.82 49.73 -37.18
CA PRO B 9 -36.09 50.73 -36.39
C PRO B 9 -36.04 50.37 -34.90
N ARG B 10 -35.57 49.14 -34.60
CA ARG B 10 -35.48 48.59 -33.24
C ARG B 10 -34.51 49.37 -32.33
N THR B 11 -35.06 49.85 -31.18
CA THR B 11 -34.36 50.64 -30.19
C THR B 11 -33.60 49.76 -29.19
N VAL B 12 -32.29 50.02 -28.99
CA VAL B 12 -31.50 49.31 -27.99
C VAL B 12 -31.96 49.78 -26.61
N LEU B 13 -32.28 48.81 -25.73
CA LEU B 13 -32.80 48.99 -24.39
C LEU B 13 -31.68 49.16 -23.36
N PRO B 14 -31.92 49.77 -22.16
CA PRO B 14 -30.83 49.88 -21.16
C PRO B 14 -30.63 48.58 -20.40
N PHE B 15 -29.54 48.52 -19.61
CA PHE B 15 -29.14 47.35 -18.81
C PHE B 15 -30.24 46.91 -17.84
N GLU B 16 -30.90 47.88 -17.19
CA GLU B 16 -31.95 47.67 -16.18
C GLU B 16 -33.22 47.01 -16.73
N ALA B 17 -33.51 47.22 -18.04
CA ALA B 17 -34.68 46.64 -18.72
C ALA B 17 -34.64 45.09 -18.82
N MET B 18 -33.42 44.51 -18.66
CA MET B 18 -33.08 43.10 -18.73
C MET B 18 -33.75 42.29 -17.62
N PRO B 19 -34.29 41.07 -17.92
CA PRO B 19 -34.87 40.24 -16.84
C PRO B 19 -33.84 40.02 -15.74
N GLN B 20 -34.28 40.06 -14.48
CA GLN B 20 -33.39 39.91 -13.34
C GLN B 20 -33.56 38.53 -12.75
N HIS B 21 -32.46 37.92 -12.27
CA HIS B 21 -32.47 36.60 -11.64
C HIS B 21 -33.30 36.68 -10.33
N PRO B 22 -34.27 35.76 -10.10
CA PRO B 22 -35.09 35.84 -8.87
C PRO B 22 -34.33 35.73 -7.54
N GLY B 23 -33.14 35.12 -7.58
CA GLY B 23 -32.27 34.92 -6.43
C GLY B 23 -31.60 36.15 -5.87
N ASN B 24 -30.60 35.93 -5.02
CA ASN B 24 -29.81 36.97 -4.37
C ASN B 24 -28.57 36.39 -3.73
N ARG B 25 -27.48 37.16 -3.76
CA ARG B 25 -26.17 36.84 -3.20
C ARG B 25 -26.21 36.37 -1.72
N TRP B 26 -27.15 36.93 -0.92
CA TRP B 26 -27.29 36.62 0.51
C TRP B 26 -27.84 35.23 0.81
N LEU B 27 -28.97 34.85 0.16
CA LEU B 27 -29.58 33.53 0.34
C LEU B 27 -28.62 32.48 -0.18
N ARG B 28 -28.00 32.77 -1.34
CA ARG B 28 -27.01 31.93 -2.03
C ARG B 28 -25.85 31.59 -1.08
N LEU B 29 -25.21 32.62 -0.47
CA LEU B 29 -24.06 32.45 0.43
C LEU B 29 -24.45 31.71 1.72
N LEU B 30 -25.64 31.99 2.29
CA LEU B 30 -26.08 31.28 3.51
C LEU B 30 -26.36 29.81 3.23
N GLN B 31 -26.95 29.54 2.04
CA GLN B 31 -27.29 28.22 1.53
C GLN B 31 -26.01 27.44 1.26
N ILE B 32 -24.99 28.09 0.64
CA ILE B 32 -23.67 27.51 0.33
C ILE B 32 -22.92 27.16 1.63
N TRP B 33 -23.12 27.95 2.70
CA TRP B 33 -22.54 27.71 4.01
C TRP B 33 -23.20 26.47 4.63
N ARG B 34 -24.56 26.41 4.59
CA ARG B 34 -25.38 25.30 5.10
C ARG B 34 -25.10 23.98 4.39
N GLU B 35 -25.18 23.96 3.04
CA GLU B 35 -24.97 22.77 2.21
C GLU B 35 -23.49 22.43 1.94
N GLN B 36 -22.56 23.36 2.27
CA GLN B 36 -21.11 23.23 2.09
C GLN B 36 -20.70 23.01 0.62
N GLY B 37 -21.48 23.63 -0.28
CA GLY B 37 -21.29 23.57 -1.73
C GLY B 37 -22.50 24.06 -2.52
N TYR B 38 -22.35 24.11 -3.85
CA TYR B 38 -23.39 24.56 -4.78
C TYR B 38 -23.56 23.52 -5.91
N GLU B 39 -23.66 22.24 -5.53
CA GLU B 39 -23.74 21.09 -6.45
C GLU B 39 -24.81 21.17 -7.55
N HIS B 40 -25.88 21.95 -7.35
CA HIS B 40 -27.00 22.12 -8.28
C HIS B 40 -26.97 23.45 -9.10
N LEU B 41 -25.86 24.19 -9.07
CA LEU B 41 -25.72 25.49 -9.75
C LEU B 41 -26.12 25.46 -11.24
N HIS B 42 -25.66 24.43 -11.97
CA HIS B 42 -25.93 24.27 -13.40
C HIS B 42 -27.40 24.08 -13.72
N LEU B 43 -28.13 23.39 -12.83
CA LEU B 43 -29.55 23.13 -13.01
C LEU B 43 -30.36 24.32 -12.60
N GLU B 44 -29.83 25.14 -11.68
CA GLU B 44 -30.46 26.37 -11.21
C GLU B 44 -30.37 27.42 -12.33
N MET B 45 -29.17 27.57 -12.92
CA MET B 45 -28.92 28.51 -14.02
C MET B 45 -29.67 28.08 -15.27
N HIS B 46 -29.70 26.77 -15.59
CA HIS B 46 -30.38 26.23 -16.75
C HIS B 46 -31.88 26.53 -16.72
N GLN B 47 -32.51 26.37 -15.55
CA GLN B 47 -33.92 26.62 -15.31
C GLN B 47 -34.28 28.09 -15.51
N THR B 48 -33.38 28.99 -15.04
CA THR B 48 -33.53 30.44 -15.15
C THR B 48 -33.51 30.91 -16.62
N PHE B 49 -32.71 30.27 -17.49
CA PHE B 49 -32.67 30.60 -18.91
C PHE B 49 -33.93 30.11 -19.61
N GLN B 50 -34.49 28.97 -19.13
CA GLN B 50 -35.73 28.37 -19.60
C GLN B 50 -36.92 29.27 -19.26
N GLU B 51 -36.82 30.03 -18.14
CA GLU B 51 -37.85 30.92 -17.62
C GLU B 51 -37.73 32.39 -18.06
N LEU B 52 -36.54 32.99 -17.91
CA LEU B 52 -36.28 34.40 -18.21
C LEU B 52 -35.88 34.74 -19.66
N GLY B 53 -35.40 33.76 -20.43
CA GLY B 53 -34.96 33.98 -21.81
C GLY B 53 -33.46 33.78 -22.00
N PRO B 54 -32.88 34.18 -23.17
CA PRO B 54 -31.43 33.95 -23.40
C PRO B 54 -30.44 34.88 -22.68
N ILE B 55 -30.98 35.94 -22.05
CA ILE B 55 -30.23 36.95 -21.32
C ILE B 55 -30.98 37.36 -20.05
N PHE B 56 -30.23 37.47 -18.93
CA PHE B 56 -30.71 37.93 -17.63
C PHE B 56 -29.57 38.51 -16.76
N ARG B 57 -29.89 39.48 -15.88
CA ARG B 57 -28.93 40.12 -14.97
C ARG B 57 -29.00 39.56 -13.55
N TYR B 58 -27.84 39.42 -12.91
CA TYR B 58 -27.77 38.95 -11.52
C TYR B 58 -27.49 40.15 -10.62
N ASN B 59 -28.24 40.26 -9.50
CA ASN B 59 -28.08 41.36 -8.57
C ASN B 59 -26.99 41.10 -7.52
N LEU B 60 -25.77 41.58 -7.82
CA LEU B 60 -24.59 41.49 -6.94
C LEU B 60 -24.52 42.75 -6.06
N GLY B 61 -25.65 43.47 -5.99
CA GLY B 61 -25.84 44.70 -5.23
C GLY B 61 -25.40 45.94 -5.98
N GLY B 62 -24.09 45.99 -6.23
CA GLY B 62 -23.39 47.06 -6.93
C GLY B 62 -22.88 46.62 -8.29
N PRO B 63 -21.93 45.62 -8.38
CA PRO B 63 -21.43 45.19 -9.70
C PRO B 63 -22.52 44.65 -10.61
N ARG B 64 -22.38 44.97 -11.91
CA ARG B 64 -23.29 44.54 -12.97
C ARG B 64 -22.86 43.17 -13.45
N MET B 65 -23.82 42.26 -13.62
CA MET B 65 -23.54 40.92 -14.10
C MET B 65 -24.60 40.49 -15.10
N VAL B 66 -24.16 40.06 -16.31
CA VAL B 66 -25.00 39.62 -17.43
C VAL B 66 -24.75 38.15 -17.68
N CYS B 67 -25.82 37.35 -17.72
CA CYS B 67 -25.76 35.93 -18.01
C CYS B 67 -26.33 35.68 -19.40
N VAL B 68 -25.48 35.12 -20.28
CA VAL B 68 -25.85 34.83 -21.66
C VAL B 68 -25.62 33.36 -21.97
N MET B 69 -26.07 32.94 -23.13
CA MET B 69 -25.91 31.63 -23.74
C MET B 69 -26.04 32.01 -25.21
N LEU B 70 -25.93 31.06 -26.14
CA LEU B 70 -26.02 31.29 -27.59
C LEU B 70 -24.68 31.77 -28.17
N PRO B 71 -24.18 31.05 -29.21
CA PRO B 71 -22.96 31.50 -29.91
C PRO B 71 -23.01 32.98 -30.32
N GLU B 72 -24.22 33.50 -30.63
CA GLU B 72 -24.54 34.88 -31.00
C GLU B 72 -23.81 35.89 -30.11
N ASP B 73 -23.96 35.74 -28.78
CA ASP B 73 -23.36 36.59 -27.75
C ASP B 73 -21.89 36.23 -27.47
N VAL B 74 -21.42 35.07 -27.95
CA VAL B 74 -20.00 34.71 -27.75
C VAL B 74 -19.19 35.49 -28.78
N GLU B 75 -19.67 35.56 -30.05
CA GLU B 75 -19.02 36.26 -31.13
C GLU B 75 -18.79 37.72 -30.76
N LYS B 76 -19.86 38.38 -30.24
CA LYS B 76 -19.85 39.78 -29.80
C LYS B 76 -18.93 40.03 -28.62
N LEU B 77 -18.76 39.02 -27.75
CA LEU B 77 -17.89 39.09 -26.57
C LEU B 77 -16.41 39.07 -26.97
N GLN B 78 -16.08 38.25 -28.00
CA GLN B 78 -14.76 38.12 -28.60
C GLN B 78 -14.41 39.47 -29.26
N GLN B 79 -15.38 40.14 -29.94
CA GLN B 79 -15.22 41.44 -30.59
C GLN B 79 -14.69 42.56 -29.64
N VAL B 80 -15.10 42.52 -28.35
CA VAL B 80 -14.76 43.44 -27.25
C VAL B 80 -13.49 42.99 -26.51
N ASP B 81 -12.97 41.77 -26.82
CA ASP B 81 -11.73 41.24 -26.21
C ASP B 81 -10.68 42.26 -26.55
N SER B 82 -10.12 42.85 -25.52
CA SER B 82 -9.07 43.84 -25.67
C SER B 82 -7.76 43.10 -25.97
N LEU B 83 -6.63 43.85 -26.01
CA LEU B 83 -5.31 43.26 -26.16
C LEU B 83 -5.00 42.48 -24.87
N HIS B 84 -5.67 42.88 -23.77
CA HIS B 84 -5.60 42.24 -22.46
C HIS B 84 -7.03 41.88 -21.97
N PRO B 85 -7.62 40.74 -22.39
CA PRO B 85 -8.96 40.38 -21.91
C PRO B 85 -8.98 40.15 -20.40
N CYS B 86 -10.03 40.62 -19.73
CA CYS B 86 -10.18 40.52 -18.28
C CYS B 86 -11.04 39.34 -17.85
N ARG B 87 -10.76 38.79 -16.67
CA ARG B 87 -11.58 37.73 -16.09
C ARG B 87 -11.71 38.03 -14.60
N MET B 88 -12.90 37.78 -14.01
CA MET B 88 -13.15 37.97 -12.58
C MET B 88 -12.16 37.10 -11.79
N ILE B 89 -11.09 37.72 -11.26
CA ILE B 89 -10.02 37.03 -10.58
C ILE B 89 -10.50 36.34 -9.31
N LEU B 90 -10.07 35.08 -9.17
CA LEU B 90 -10.40 34.13 -8.12
C LEU B 90 -9.69 34.52 -6.84
N GLU B 91 -10.36 35.32 -5.99
CA GLU B 91 -9.81 35.82 -4.73
C GLU B 91 -9.17 34.76 -3.82
N PRO B 92 -9.80 33.60 -3.50
CA PRO B 92 -9.13 32.64 -2.60
C PRO B 92 -7.83 32.03 -3.13
N TRP B 93 -7.73 31.85 -4.47
CA TRP B 93 -6.52 31.31 -5.08
C TRP B 93 -5.39 32.34 -5.03
N VAL B 94 -5.72 33.61 -5.31
CA VAL B 94 -4.80 34.75 -5.27
C VAL B 94 -4.30 34.93 -3.83
N ALA B 95 -5.22 34.78 -2.84
CA ALA B 95 -4.95 34.89 -1.41
C ALA B 95 -3.86 33.92 -0.95
N TYR B 96 -3.85 32.68 -1.48
CA TYR B 96 -2.84 31.68 -1.13
C TYR B 96 -1.45 32.06 -1.63
N ARG B 97 -1.32 32.44 -2.93
CA ARG B 97 -0.07 32.83 -3.56
C ARG B 97 0.51 34.06 -2.87
N GLN B 98 -0.33 35.07 -2.56
CA GLN B 98 0.08 36.28 -1.83
C GLN B 98 0.63 35.94 -0.44
N HIS B 99 0.02 34.94 0.22
CA HIS B 99 0.37 34.44 1.55
C HIS B 99 1.74 33.73 1.57
N ARG B 100 1.94 32.73 0.69
CA ARG B 100 3.18 31.95 0.63
C ARG B 100 4.27 32.60 -0.23
N GLY B 101 3.97 33.76 -0.82
CA GLY B 101 4.92 34.52 -1.63
C GLY B 101 5.22 33.96 -3.01
N HIS B 102 4.15 33.53 -3.72
CA HIS B 102 4.24 32.95 -5.07
C HIS B 102 3.74 33.90 -6.15
N LYS B 103 4.28 33.76 -7.37
CA LYS B 103 3.83 34.53 -8.52
C LYS B 103 2.54 33.87 -9.04
N CYS B 104 1.72 34.63 -9.78
CA CYS B 104 0.47 34.10 -10.31
C CYS B 104 0.60 33.61 -11.72
N GLY B 105 -0.05 32.49 -11.99
CA GLY B 105 -0.08 31.90 -13.32
C GLY B 105 -1.05 32.63 -14.22
N VAL B 106 -1.04 32.35 -15.55
CA VAL B 106 -1.90 33.01 -16.56
C VAL B 106 -3.34 33.14 -16.14
N PHE B 107 -3.91 32.08 -15.58
CA PHE B 107 -5.32 32.04 -15.19
C PHE B 107 -5.68 33.11 -14.14
N LEU B 108 -4.79 33.34 -13.17
CA LEU B 108 -4.97 34.30 -12.09
C LEU B 108 -4.35 35.70 -12.36
N LEU B 109 -3.89 35.93 -13.61
CA LEU B 109 -3.30 37.19 -14.04
C LEU B 109 -4.25 37.93 -14.96
N ASN B 110 -4.06 39.26 -15.07
CA ASN B 110 -4.83 40.17 -15.91
C ASN B 110 -3.89 41.28 -16.39
N GLY B 111 -4.27 41.93 -17.48
CA GLY B 111 -3.51 43.05 -18.04
C GLY B 111 -2.17 42.68 -18.66
N PRO B 112 -1.20 43.61 -18.68
CA PRO B 112 0.11 43.31 -19.29
C PRO B 112 0.83 42.10 -18.70
N GLU B 113 0.74 41.86 -17.36
CA GLU B 113 1.38 40.71 -16.74
C GLU B 113 0.85 39.41 -17.34
N TRP B 114 -0.46 39.35 -17.65
CA TRP B 114 -1.03 38.16 -18.27
C TRP B 114 -0.50 37.98 -19.68
N ARG B 115 -0.47 39.07 -20.48
CA ARG B 115 -0.03 39.03 -21.89
C ARG B 115 1.42 38.63 -22.05
N PHE B 116 2.28 39.13 -21.14
CA PHE B 116 3.71 38.82 -21.14
C PHE B 116 3.87 37.31 -20.94
N ASN B 117 3.19 36.77 -19.91
CA ASN B 117 3.20 35.35 -19.56
C ASN B 117 2.64 34.45 -20.65
N ARG B 118 1.44 34.79 -21.17
CA ARG B 118 0.73 34.05 -22.23
C ARG B 118 1.54 33.88 -23.53
N LEU B 119 2.12 34.98 -24.04
CA LEU B 119 2.91 34.97 -25.26
C LEU B 119 4.14 34.07 -25.19
N ARG B 120 4.70 33.86 -23.98
CA ARG B 120 5.86 32.99 -23.76
C ARG B 120 5.47 31.52 -23.50
N LEU B 121 4.19 31.31 -23.16
CA LEU B 121 3.58 30.02 -22.87
C LEU B 121 2.97 29.36 -24.10
N ASN B 122 2.26 30.12 -24.94
CA ASN B 122 1.63 29.63 -26.18
C ASN B 122 2.54 28.78 -27.10
N PRO B 123 3.77 29.22 -27.48
CA PRO B 123 4.57 28.42 -28.42
C PRO B 123 4.93 27.01 -27.97
N ASP B 124 5.12 26.79 -26.65
CA ASP B 124 5.54 25.49 -26.12
C ASP B 124 4.40 24.63 -25.54
N VAL B 125 3.21 25.24 -25.25
CA VAL B 125 2.03 24.55 -24.67
C VAL B 125 0.87 24.40 -25.67
N LEU B 126 0.44 25.48 -26.29
CA LEU B 126 -0.74 25.43 -27.15
C LEU B 126 -0.46 25.21 -28.66
N SER B 127 0.59 25.86 -29.22
CA SER B 127 1.00 25.85 -30.64
C SER B 127 0.98 24.47 -31.34
N PRO B 128 0.66 24.41 -32.67
CA PRO B 128 0.67 23.12 -33.38
C PRO B 128 2.04 22.43 -33.38
N LYS B 129 3.13 23.21 -33.49
CA LYS B 129 4.50 22.70 -33.50
C LYS B 129 4.85 21.98 -32.20
N ALA B 130 4.33 22.48 -31.06
CA ALA B 130 4.52 21.88 -29.75
C ALA B 130 3.76 20.57 -29.65
N VAL B 131 2.49 20.54 -30.16
CA VAL B 131 1.58 19.38 -30.16
C VAL B 131 2.23 18.20 -30.90
N GLN B 132 2.96 18.48 -31.98
CA GLN B 132 3.67 17.46 -32.76
C GLN B 132 4.83 16.84 -31.96
N ARG B 133 5.36 17.58 -30.97
CA ARG B 133 6.48 17.14 -30.14
C ARG B 133 6.04 16.25 -28.95
N PHE B 134 4.93 16.60 -28.27
CA PHE B 134 4.44 15.80 -27.14
C PHE B 134 3.42 14.72 -27.55
N LEU B 135 2.85 14.80 -28.78
CA LEU B 135 1.89 13.80 -29.26
C LEU B 135 2.45 12.38 -29.15
N PRO B 136 3.70 12.07 -29.62
CA PRO B 136 4.21 10.69 -29.48
C PRO B 136 4.40 10.25 -28.04
N MET B 137 4.69 11.20 -27.12
CA MET B 137 4.86 10.94 -25.68
C MET B 137 3.54 10.48 -25.07
N VAL B 138 2.47 11.27 -25.27
CA VAL B 138 1.10 10.99 -24.82
C VAL B 138 0.63 9.64 -25.37
N ASP B 139 0.88 9.39 -26.66
CA ASP B 139 0.53 8.15 -27.37
C ASP B 139 1.10 6.93 -26.66
N ALA B 140 2.36 6.98 -26.19
CA ALA B 140 3.02 5.89 -25.46
C ALA B 140 2.30 5.52 -24.15
N VAL B 141 1.73 6.52 -23.46
CA VAL B 141 0.99 6.33 -22.21
C VAL B 141 -0.36 5.68 -22.54
N ALA B 142 -1.05 6.19 -23.59
CA ALA B 142 -2.34 5.68 -24.09
C ALA B 142 -2.21 4.22 -24.52
N ARG B 143 -1.08 3.88 -25.18
CA ARG B 143 -0.73 2.52 -25.63
C ARG B 143 -0.55 1.62 -24.42
N ASP B 144 0.14 2.11 -23.36
CA ASP B 144 0.38 1.40 -22.10
C ASP B 144 -0.89 1.17 -21.30
N PHE B 145 -1.88 2.09 -21.39
CA PHE B 145 -3.16 1.99 -20.71
C PHE B 145 -3.95 0.77 -21.20
N SER B 146 -4.20 0.68 -22.52
CA SER B 146 -4.93 -0.41 -23.17
C SER B 146 -4.19 -1.74 -22.98
N GLN B 147 -2.84 -1.75 -23.07
CA GLN B 147 -2.02 -2.95 -22.92
C GLN B 147 -2.05 -3.53 -21.50
N ALA B 148 -2.21 -2.65 -20.49
CA ALA B 148 -2.35 -3.06 -19.08
C ALA B 148 -3.75 -3.59 -18.87
N LEU B 149 -4.76 -2.93 -19.45
CA LEU B 149 -6.17 -3.31 -19.40
C LEU B 149 -6.38 -4.67 -20.09
N LYS B 150 -5.71 -4.89 -21.25
CA LYS B 150 -5.71 -6.14 -22.00
C LYS B 150 -5.18 -7.29 -21.13
N LYS B 151 -4.08 -7.07 -20.39
CA LYS B 151 -3.44 -8.02 -19.46
C LYS B 151 -4.43 -8.48 -18.38
N LYS B 152 -5.16 -7.52 -17.76
CA LYS B 152 -6.16 -7.77 -16.71
C LYS B 152 -7.39 -8.50 -17.28
N VAL B 153 -7.84 -8.08 -18.49
CA VAL B 153 -8.98 -8.62 -19.24
C VAL B 153 -8.79 -10.10 -19.60
N LEU B 154 -7.61 -10.46 -20.15
CA LEU B 154 -7.29 -11.81 -20.60
C LEU B 154 -7.18 -12.85 -19.48
N GLN B 155 -6.98 -12.39 -18.22
CA GLN B 155 -6.89 -13.27 -17.05
C GLN B 155 -8.28 -13.74 -16.57
N ASN B 156 -9.36 -13.13 -17.08
CA ASN B 156 -10.76 -13.47 -16.79
C ASN B 156 -11.30 -14.39 -17.89
N ALA B 157 -12.05 -15.43 -17.50
CA ALA B 157 -12.60 -16.44 -18.42
C ALA B 157 -13.46 -15.89 -19.56
N ARG B 158 -14.25 -14.83 -19.30
CA ARG B 158 -15.13 -14.24 -20.31
C ARG B 158 -14.41 -13.24 -21.21
N GLY B 159 -13.09 -13.09 -21.03
CA GLY B 159 -12.26 -12.17 -21.81
C GLY B 159 -12.75 -10.73 -21.76
N SER B 160 -13.16 -10.30 -20.56
CA SER B 160 -13.67 -8.96 -20.27
C SER B 160 -13.46 -8.57 -18.81
N LEU B 161 -13.35 -7.25 -18.55
CA LEU B 161 -13.19 -6.70 -17.21
C LEU B 161 -14.18 -5.58 -16.97
N THR B 162 -15.14 -5.83 -16.05
CA THR B 162 -16.16 -4.85 -15.64
C THR B 162 -15.63 -4.13 -14.41
N LEU B 163 -15.54 -2.79 -14.48
CA LEU B 163 -14.98 -1.96 -13.39
C LEU B 163 -15.45 -0.51 -13.42
N ASP B 164 -15.06 0.25 -12.39
CA ASP B 164 -15.22 1.70 -12.27
C ASP B 164 -13.88 2.21 -12.85
N VAL B 165 -13.90 2.80 -14.05
CA VAL B 165 -12.68 3.26 -14.72
C VAL B 165 -12.11 4.53 -14.14
N GLN B 166 -12.94 5.39 -13.49
CA GLN B 166 -12.53 6.68 -12.91
C GLN B 166 -11.11 6.66 -12.28
N PRO B 167 -10.76 5.73 -11.34
CA PRO B 167 -9.39 5.74 -10.79
C PRO B 167 -8.27 5.61 -11.82
N SER B 168 -8.44 4.74 -12.83
CA SER B 168 -7.47 4.48 -13.90
C SER B 168 -7.28 5.69 -14.81
N ILE B 169 -8.39 6.34 -15.23
CA ILE B 169 -8.41 7.53 -16.10
C ILE B 169 -7.70 8.70 -15.43
N PHE B 170 -7.85 8.86 -14.10
CA PHE B 170 -7.16 9.90 -13.36
C PHE B 170 -5.67 9.62 -13.33
N HIS B 171 -5.27 8.35 -13.12
CA HIS B 171 -3.86 7.98 -13.10
C HIS B 171 -3.25 8.02 -14.50
N TYR B 172 -4.10 7.99 -15.54
CA TYR B 172 -3.67 8.14 -16.93
C TYR B 172 -3.33 9.62 -17.18
N THR B 173 -4.26 10.53 -16.83
CA THR B 173 -4.11 11.98 -16.99
C THR B 173 -2.91 12.50 -16.23
N ILE B 174 -2.66 11.96 -15.01
CA ILE B 174 -1.51 12.32 -14.18
C ILE B 174 -0.20 11.86 -14.87
N GLU B 175 -0.20 10.65 -15.43
CA GLU B 175 0.96 10.03 -16.11
C GLU B 175 1.30 10.74 -17.41
N ALA B 176 0.28 10.90 -18.31
CA ALA B 176 0.36 11.52 -19.63
C ALA B 176 0.75 12.99 -19.50
N SER B 177 0.11 13.74 -18.57
CA SER B 177 0.43 15.15 -18.32
C SER B 177 1.83 15.32 -17.74
N ASN B 178 2.27 14.40 -16.86
CA ASN B 178 3.60 14.46 -16.28
C ASN B 178 4.64 14.22 -17.35
N LEU B 179 4.41 13.24 -18.23
CA LEU B 179 5.32 12.92 -19.33
C LEU B 179 5.39 14.07 -20.33
N ALA B 180 4.24 14.71 -20.66
CA ALA B 180 4.20 15.82 -21.59
C ALA B 180 4.84 17.08 -21.05
N LEU B 181 4.67 17.37 -19.75
CA LEU B 181 5.21 18.56 -19.13
C LEU B 181 6.66 18.42 -18.69
N PHE B 182 7.00 17.29 -18.04
CA PHE B 182 8.33 17.08 -17.49
C PHE B 182 9.19 15.99 -18.15
N GLY B 183 8.61 15.14 -18.99
CA GLY B 183 9.36 14.06 -19.63
C GLY B 183 9.75 12.99 -18.63
N GLU B 184 8.84 12.70 -17.69
CA GLU B 184 9.03 11.78 -16.59
C GLU B 184 7.85 10.83 -16.46
N ARG B 185 8.15 9.53 -16.44
CA ARG B 185 7.14 8.49 -16.25
C ARG B 185 7.05 8.27 -14.74
N LEU B 186 5.82 8.44 -14.19
CA LEU B 186 5.57 8.27 -12.75
C LEU B 186 5.30 6.80 -12.36
N GLY B 187 4.95 5.97 -13.35
CA GLY B 187 4.67 4.56 -13.18
C GLY B 187 3.30 4.27 -12.61
N LEU B 188 2.33 5.19 -12.85
CA LEU B 188 0.95 5.11 -12.37
C LEU B 188 0.01 4.33 -13.30
N VAL B 189 0.38 4.22 -14.61
CA VAL B 189 -0.39 3.49 -15.62
C VAL B 189 0.05 2.02 -15.61
N GLY B 190 -0.89 1.15 -15.29
CA GLY B 190 -0.69 -0.30 -15.23
C GLY B 190 -0.16 -0.83 -13.92
N HIS B 191 -0.05 0.04 -12.89
CA HIS B 191 0.44 -0.30 -11.55
C HIS B 191 -0.50 0.23 -10.47
N SER B 192 -0.14 -0.02 -9.18
CA SER B 192 -0.91 0.45 -8.03
C SER B 192 -0.70 1.97 -7.81
N PRO B 193 -1.79 2.73 -7.51
CA PRO B 193 -1.64 4.17 -7.26
C PRO B 193 -0.75 4.48 -6.06
N SER B 194 0.08 5.52 -6.20
CA SER B 194 0.97 5.91 -5.13
C SER B 194 0.29 6.84 -4.12
N SER B 195 0.90 6.97 -2.92
CA SER B 195 0.45 7.85 -1.84
C SER B 195 0.48 9.30 -2.35
N ALA B 196 1.51 9.65 -3.16
CA ALA B 196 1.71 10.97 -3.75
C ALA B 196 0.57 11.33 -4.68
N SER B 197 0.15 10.38 -5.54
CA SER B 197 -0.93 10.56 -6.52
C SER B 197 -2.29 10.62 -5.86
N LEU B 198 -2.54 9.78 -4.85
CA LEU B 198 -3.82 9.76 -4.11
C LEU B 198 -4.03 11.01 -3.26
N ASN B 199 -2.97 11.47 -2.58
CA ASN B 199 -3.03 12.68 -1.76
C ASN B 199 -3.18 13.92 -2.61
N PHE B 200 -2.62 13.91 -3.86
CA PHE B 200 -2.72 15.01 -4.83
C PHE B 200 -4.17 15.12 -5.31
N LEU B 201 -4.76 13.99 -5.75
CA LEU B 201 -6.13 13.89 -6.21
C LEU B 201 -7.09 14.39 -5.17
N HIS B 202 -6.89 13.96 -3.91
CA HIS B 202 -7.70 14.36 -2.77
C HIS B 202 -7.54 15.86 -2.47
N ALA B 203 -6.31 16.40 -2.57
CA ALA B 203 -5.99 17.82 -2.35
C ALA B 203 -6.71 18.70 -3.36
N LEU B 204 -6.79 18.24 -4.63
CA LEU B 204 -7.47 18.94 -5.72
C LEU B 204 -8.98 18.97 -5.44
N GLU B 205 -9.54 17.84 -4.95
CA GLU B 205 -10.96 17.67 -4.59
C GLU B 205 -11.33 18.66 -3.50
N VAL B 206 -10.55 18.71 -2.40
CA VAL B 206 -10.75 19.60 -1.24
C VAL B 206 -10.63 21.10 -1.65
N MET B 207 -9.62 21.42 -2.50
CA MET B 207 -9.34 22.75 -3.02
C MET B 207 -10.54 23.29 -3.77
N PHE B 208 -11.16 22.48 -4.69
CA PHE B 208 -12.34 22.90 -5.45
C PHE B 208 -13.57 23.02 -4.55
N LYS B 209 -13.76 22.09 -3.60
CA LYS B 209 -14.88 22.13 -2.66
C LYS B 209 -14.80 23.44 -1.88
N SER B 210 -13.61 23.75 -1.28
CA SER B 210 -13.37 24.98 -0.53
C SER B 210 -13.34 26.24 -1.41
N THR B 211 -13.11 26.10 -2.76
CA THR B 211 -13.14 27.22 -3.70
C THR B 211 -14.60 27.68 -3.78
N VAL B 212 -15.55 26.76 -4.07
CA VAL B 212 -17.01 26.98 -4.13
C VAL B 212 -17.53 27.65 -2.83
N GLN B 213 -17.02 27.22 -1.65
CA GLN B 213 -17.42 27.76 -0.36
C GLN B 213 -16.90 29.19 -0.07
N LEU B 214 -15.65 29.54 -0.45
CA LEU B 214 -15.08 30.88 -0.23
C LEU B 214 -15.25 31.82 -1.42
N MET B 215 -15.83 31.32 -2.50
CA MET B 215 -16.06 32.00 -3.79
C MET B 215 -17.14 33.10 -3.84
N PHE B 216 -18.37 32.78 -3.40
CA PHE B 216 -19.54 33.61 -3.56
C PHE B 216 -19.79 34.61 -2.43
N MET B 217 -18.76 34.85 -1.59
CA MET B 217 -18.84 35.83 -0.51
C MET B 217 -17.52 36.59 -0.34
N PRO B 218 -17.58 37.91 -0.02
CA PRO B 218 -16.34 38.68 0.17
C PRO B 218 -15.51 38.17 1.34
N ARG B 219 -14.18 38.44 1.30
CA ARG B 219 -13.25 38.09 2.38
C ARG B 219 -13.71 38.68 3.76
N SER B 220 -14.57 39.74 3.74
CA SER B 220 -15.16 40.37 4.92
C SER B 220 -16.19 39.47 5.58
N LEU B 221 -16.88 38.62 4.76
CA LEU B 221 -17.88 37.66 5.22
C LEU B 221 -17.28 36.28 5.48
N SER B 222 -16.48 35.75 4.53
CA SER B 222 -15.85 34.44 4.67
C SER B 222 -14.79 34.38 5.79
N ARG B 223 -14.34 35.53 6.33
CA ARG B 223 -13.35 35.57 7.42
C ARG B 223 -13.93 35.09 8.76
N TRP B 224 -15.27 35.26 8.96
CA TRP B 224 -15.97 34.86 10.18
C TRP B 224 -17.08 33.83 9.94
N ILE B 225 -17.64 33.80 8.71
CA ILE B 225 -18.69 32.85 8.34
C ILE B 225 -18.06 31.44 8.12
N SER B 226 -16.95 31.39 7.38
CA SER B 226 -16.24 30.16 7.07
C SER B 226 -14.73 30.30 7.40
N PRO B 227 -14.33 30.44 8.68
CA PRO B 227 -12.90 30.56 8.99
C PRO B 227 -12.15 29.24 8.81
N LYS B 228 -12.84 28.12 9.10
CA LYS B 228 -12.31 26.76 8.99
C LYS B 228 -12.09 26.39 7.51
N VAL B 229 -12.96 26.90 6.61
CA VAL B 229 -12.90 26.65 5.17
C VAL B 229 -11.66 27.30 4.56
N TRP B 230 -11.20 28.45 5.09
CA TRP B 230 -9.98 29.11 4.63
C TRP B 230 -8.75 28.23 4.96
N LYS B 231 -8.64 27.74 6.22
CA LYS B 231 -7.57 26.85 6.66
C LYS B 231 -7.56 25.58 5.80
N GLU B 232 -8.73 24.93 5.62
CA GLU B 232 -9.01 23.75 4.80
C GLU B 232 -8.48 23.95 3.36
N HIS B 233 -8.78 25.13 2.76
CA HIS B 233 -8.41 25.57 1.40
C HIS B 233 -6.90 25.76 1.26
N PHE B 234 -6.27 26.43 2.24
CA PHE B 234 -4.83 26.69 2.25
C PHE B 234 -4.04 25.43 2.51
N GLU B 235 -4.60 24.49 3.30
CA GLU B 235 -3.98 23.19 3.58
C GLU B 235 -3.99 22.34 2.31
N ALA B 236 -5.08 22.45 1.51
CA ALA B 236 -5.26 21.76 0.22
C ALA B 236 -4.22 22.27 -0.77
N TRP B 237 -4.01 23.60 -0.83
CA TRP B 237 -3.02 24.24 -1.71
C TRP B 237 -1.61 23.87 -1.30
N ASP B 238 -1.38 23.67 0.00
CA ASP B 238 -0.08 23.27 0.56
C ASP B 238 0.31 21.91 -0.02
N CYS B 239 -0.64 20.98 -0.15
CA CYS B 239 -0.40 19.66 -0.74
C CYS B 239 -0.19 19.73 -2.26
N ILE B 240 -1.03 20.55 -2.95
CA ILE B 240 -0.96 20.77 -4.41
C ILE B 240 0.40 21.37 -4.75
N PHE B 241 0.84 22.37 -3.98
CA PHE B 241 2.12 23.05 -4.19
C PHE B 241 3.32 22.18 -3.82
N GLN B 242 3.15 21.24 -2.87
CA GLN B 242 4.22 20.31 -2.45
C GLN B 242 4.56 19.39 -3.63
N TYR B 243 3.51 18.83 -4.27
CA TYR B 243 3.59 17.91 -5.41
C TYR B 243 4.19 18.63 -6.62
N GLY B 244 3.71 19.83 -6.89
CA GLY B 244 4.13 20.65 -8.01
C GLY B 244 5.56 21.11 -7.95
N ASP B 245 6.06 21.51 -6.75
CA ASP B 245 7.45 21.97 -6.54
C ASP B 245 8.42 20.82 -6.67
N ASN B 246 8.02 19.62 -6.24
CA ASN B 246 8.79 18.39 -6.35
C ASN B 246 9.09 18.14 -7.85
N CYS B 247 8.08 18.33 -8.72
CA CYS B 247 8.16 18.23 -10.19
C CYS B 247 9.22 19.16 -10.75
N ILE B 248 9.10 20.46 -10.42
CA ILE B 248 9.93 21.54 -10.92
C ILE B 248 11.36 21.47 -10.38
N GLN B 249 11.54 21.09 -9.09
CA GLN B 249 12.86 20.96 -8.48
C GLN B 249 13.69 19.89 -9.17
N LYS B 250 13.03 18.78 -9.62
CA LYS B 250 13.65 17.64 -10.33
C LYS B 250 14.15 18.06 -11.71
N ILE B 251 13.26 18.66 -12.54
CA ILE B 251 13.58 19.11 -13.90
C ILE B 251 14.64 20.24 -13.88
N TYR B 252 14.53 21.21 -12.93
CA TYR B 252 15.45 22.32 -12.79
C TYR B 252 16.87 21.86 -12.51
N GLN B 253 17.03 20.84 -11.63
CA GLN B 253 18.32 20.25 -11.29
C GLN B 253 18.88 19.48 -12.48
N GLU B 254 18.05 18.61 -13.12
CA GLU B 254 18.41 17.80 -14.30
C GLU B 254 18.92 18.70 -15.45
N LEU B 255 18.19 19.79 -15.77
CA LEU B 255 18.55 20.73 -16.84
C LEU B 255 19.76 21.61 -16.55
N ALA B 256 20.07 21.81 -15.26
CA ALA B 256 21.20 22.62 -14.82
C ALA B 256 22.56 21.99 -15.18
N PHE B 257 22.62 20.64 -15.18
CA PHE B 257 23.84 19.86 -15.47
C PHE B 257 23.94 19.39 -16.90
N ASN B 258 22.79 19.20 -17.57
CA ASN B 258 22.75 18.79 -18.95
C ASN B 258 21.56 19.41 -19.64
N ARG B 259 21.81 20.12 -20.75
CA ARG B 259 20.78 20.73 -21.60
C ARG B 259 20.53 19.67 -22.72
N PRO B 260 19.40 18.93 -22.69
CA PRO B 260 19.19 17.88 -23.69
C PRO B 260 18.95 18.40 -25.10
N GLN B 261 19.48 17.67 -26.09
CA GLN B 261 19.36 17.99 -27.51
C GLN B 261 17.93 17.69 -28.01
N HIS B 262 17.35 16.54 -27.60
CA HIS B 262 16.01 16.12 -27.98
C HIS B 262 14.91 16.77 -27.10
N TYR B 263 13.64 16.53 -27.42
CA TYR B 263 12.49 17.04 -26.67
C TYR B 263 12.30 16.14 -25.45
N THR B 264 12.21 16.76 -24.26
CA THR B 264 12.03 16.09 -22.97
C THR B 264 10.88 16.73 -22.17
N GLY B 265 9.89 17.28 -22.88
CA GLY B 265 8.73 17.90 -22.28
C GLY B 265 8.56 19.39 -22.48
N ILE B 266 7.35 19.91 -22.16
CA ILE B 266 6.93 21.31 -22.27
C ILE B 266 7.76 22.25 -21.38
N VAL B 267 7.82 21.95 -20.06
CA VAL B 267 8.50 22.74 -19.02
C VAL B 267 10.00 22.81 -19.27
N ALA B 268 10.60 21.76 -19.88
CA ALA B 268 12.03 21.75 -20.24
C ALA B 268 12.31 22.88 -21.24
N GLU B 269 11.42 23.07 -22.23
CA GLU B 269 11.50 24.13 -23.26
C GLU B 269 11.42 25.53 -22.65
N LEU B 270 10.52 25.71 -21.67
CA LEU B 270 10.30 26.97 -20.97
C LEU B 270 11.51 27.39 -20.14
N LEU B 271 12.13 26.40 -19.45
CA LEU B 271 13.31 26.58 -18.62
C LEU B 271 14.53 26.80 -19.48
N LEU B 272 14.64 26.12 -20.65
CA LEU B 272 15.78 26.26 -21.56
C LEU B 272 15.75 27.62 -22.26
N LYS B 273 14.55 28.08 -22.68
CA LYS B 273 14.35 29.38 -23.33
C LYS B 273 14.65 30.53 -22.36
N ALA B 274 14.29 30.35 -21.07
CA ALA B 274 14.46 31.33 -19.98
C ALA B 274 13.99 32.74 -20.35
N GLU B 275 12.82 32.81 -21.02
CA GLU B 275 12.14 34.05 -21.43
C GLU B 275 11.35 34.58 -20.26
N LEU B 276 10.90 33.65 -19.37
CA LEU B 276 10.15 33.93 -18.15
C LEU B 276 11.05 33.65 -16.97
N SER B 277 10.90 34.42 -15.88
CA SER B 277 11.66 34.28 -14.64
C SER B 277 11.34 32.92 -14.00
N LEU B 278 12.29 32.33 -13.23
CA LEU B 278 12.07 31.03 -12.58
C LEU B 278 10.74 31.04 -11.82
N GLU B 279 10.44 32.15 -11.12
CA GLU B 279 9.20 32.32 -10.35
C GLU B 279 7.94 32.25 -11.23
N ALA B 280 7.99 32.86 -12.45
CA ALA B 280 6.90 32.84 -13.44
C ALA B 280 6.72 31.44 -14.04
N ILE B 281 7.85 30.72 -14.30
CA ILE B 281 7.82 29.36 -14.82
C ILE B 281 7.20 28.44 -13.74
N LYS B 282 7.66 28.59 -12.48
CA LYS B 282 7.15 27.83 -11.33
C LYS B 282 5.62 27.96 -11.23
N ALA B 283 5.10 29.21 -11.29
CA ALA B 283 3.69 29.60 -11.20
C ALA B 283 2.81 28.97 -12.29
N ASN B 284 3.21 29.12 -13.55
CA ASN B 284 2.54 28.58 -14.73
C ASN B 284 2.66 27.07 -14.83
N SER B 285 3.81 26.50 -14.40
CA SER B 285 4.04 25.05 -14.38
C SER B 285 3.11 24.40 -13.37
N MET B 286 2.83 25.09 -12.24
CA MET B 286 1.90 24.67 -11.19
C MET B 286 0.46 24.58 -11.75
N GLU B 287 0.05 25.60 -12.55
CA GLU B 287 -1.26 25.67 -13.23
C GLU B 287 -1.43 24.53 -14.22
N LEU B 288 -0.34 24.13 -14.88
CA LEU B 288 -0.41 23.07 -15.88
C LEU B 288 -0.47 21.69 -15.25
N THR B 289 0.37 21.43 -14.23
CA THR B 289 0.47 20.14 -13.52
C THR B 289 -0.85 19.79 -12.81
N ALA B 290 -1.38 20.74 -12.01
CA ALA B 290 -2.58 20.60 -11.22
C ALA B 290 -3.82 20.71 -12.06
N GLY B 291 -3.78 21.60 -13.06
CA GLY B 291 -4.89 21.84 -13.96
C GLY B 291 -5.26 20.73 -14.92
N SER B 292 -4.30 19.86 -15.26
CA SER B 292 -4.50 18.79 -16.23
C SER B 292 -5.07 17.48 -15.69
N VAL B 293 -5.26 17.40 -14.38
CA VAL B 293 -5.75 16.21 -13.71
C VAL B 293 -7.27 16.08 -13.71
N ASP B 294 -7.98 17.00 -13.02
CA ASP B 294 -9.44 16.93 -12.91
C ASP B 294 -10.19 17.32 -14.17
N THR B 295 -9.63 18.22 -14.98
CA THR B 295 -10.29 18.71 -16.17
C THR B 295 -10.37 17.68 -17.30
N THR B 296 -9.24 17.07 -17.75
CA THR B 296 -9.21 16.09 -18.85
C THR B 296 -9.93 14.77 -18.50
N ALA B 297 -9.80 14.31 -17.24
CA ALA B 297 -10.34 13.06 -16.75
C ALA B 297 -11.87 12.93 -16.77
N PHE B 298 -12.61 14.02 -16.44
CA PHE B 298 -14.08 13.98 -16.40
C PHE B 298 -14.72 13.85 -17.81
N PRO B 299 -14.40 14.68 -18.86
CA PRO B 299 -15.01 14.42 -20.17
C PRO B 299 -14.52 13.11 -20.82
N LEU B 300 -13.37 12.55 -20.38
CA LEU B 300 -12.88 11.27 -20.89
C LEU B 300 -13.78 10.13 -20.42
N LEU B 301 -14.13 10.10 -19.12
CA LEU B 301 -15.02 9.11 -18.54
C LEU B 301 -16.41 9.24 -19.17
N MET B 302 -16.86 10.50 -19.43
CA MET B 302 -18.15 10.78 -20.06
C MET B 302 -18.21 10.30 -21.51
N THR B 303 -17.10 10.39 -22.25
CA THR B 303 -17.00 9.89 -23.62
C THR B 303 -17.10 8.36 -23.57
N LEU B 304 -16.39 7.70 -22.63
CA LEU B 304 -16.40 6.24 -22.47
C LEU B 304 -17.80 5.74 -22.14
N PHE B 305 -18.52 6.46 -21.26
CA PHE B 305 -19.89 6.16 -20.87
C PHE B 305 -20.82 6.35 -22.06
N GLU B 306 -20.80 7.54 -22.70
CA GLU B 306 -21.65 7.84 -23.84
C GLU B 306 -21.45 6.90 -25.02
N LEU B 307 -20.26 6.29 -25.15
CA LEU B 307 -19.97 5.31 -26.19
C LEU B 307 -20.49 3.94 -25.79
N ALA B 308 -20.56 3.67 -24.48
CA ALA B 308 -21.08 2.41 -23.94
C ALA B 308 -22.62 2.38 -23.99
N ARG B 309 -23.22 3.58 -24.05
CA ARG B 309 -24.64 3.90 -24.13
C ARG B 309 -25.08 3.97 -25.59
N ASN B 310 -24.15 4.30 -26.50
CA ASN B 310 -24.37 4.44 -27.94
C ASN B 310 -23.45 3.48 -28.71
N PRO B 311 -23.75 2.14 -28.74
CA PRO B 311 -22.88 1.19 -29.46
C PRO B 311 -22.76 1.44 -30.96
N ASP B 312 -23.82 2.00 -31.57
CA ASP B 312 -23.93 2.40 -32.98
C ASP B 312 -22.86 3.44 -33.31
N VAL B 313 -22.70 4.47 -32.43
CA VAL B 313 -21.73 5.56 -32.53
C VAL B 313 -20.34 4.99 -32.28
N GLN B 314 -20.20 4.16 -31.22
CA GLN B 314 -18.96 3.48 -30.82
C GLN B 314 -18.34 2.67 -31.98
N GLN B 315 -19.17 1.89 -32.72
CA GLN B 315 -18.71 1.08 -33.84
C GLN B 315 -18.26 1.94 -35.05
N ILE B 316 -18.88 3.12 -35.25
CA ILE B 316 -18.51 4.06 -36.34
C ILE B 316 -17.09 4.56 -36.04
N LEU B 317 -16.83 4.92 -34.77
CA LEU B 317 -15.54 5.41 -34.27
C LEU B 317 -14.47 4.32 -34.32
N ARG B 318 -14.84 3.05 -34.01
CA ARG B 318 -13.97 1.89 -34.00
C ARG B 318 -13.45 1.61 -35.40
N GLN B 319 -14.35 1.65 -36.43
CA GLN B 319 -14.02 1.44 -37.84
C GLN B 319 -13.02 2.47 -38.35
N GLU B 320 -13.16 3.74 -37.89
CA GLU B 320 -12.27 4.85 -38.21
C GLU B 320 -10.89 4.61 -37.56
N SER B 321 -10.87 4.31 -36.25
CA SER B 321 -9.67 4.05 -35.48
C SER B 321 -8.92 2.81 -35.99
N LEU B 322 -9.63 1.77 -36.45
CA LEU B 322 -9.01 0.56 -36.98
C LEU B 322 -8.40 0.74 -38.37
N ALA B 323 -9.03 1.55 -39.24
CA ALA B 323 -8.51 1.84 -40.58
C ALA B 323 -7.26 2.74 -40.48
N ALA B 324 -7.33 3.77 -39.64
CA ALA B 324 -6.24 4.71 -39.39
C ALA B 324 -5.21 4.21 -38.35
N ALA B 325 -5.35 2.95 -37.88
CA ALA B 325 -4.46 2.32 -36.88
C ALA B 325 -2.99 2.26 -37.31
N ALA B 326 -2.75 1.91 -38.59
CA ALA B 326 -1.42 1.77 -39.18
C ALA B 326 -0.63 3.09 -39.25
N SER B 327 -1.21 4.16 -39.85
CA SER B 327 -0.56 5.46 -40.00
C SER B 327 -0.21 6.12 -38.66
N ILE B 328 -1.13 6.02 -37.67
CA ILE B 328 -0.96 6.55 -36.31
C ILE B 328 0.11 5.77 -35.55
N SER B 329 0.26 4.45 -35.83
CA SER B 329 1.29 3.62 -35.19
C SER B 329 2.68 4.12 -35.62
N GLU B 330 2.82 4.43 -36.94
CA GLU B 330 4.03 4.94 -37.57
C GLU B 330 4.30 6.38 -37.12
N HIS B 331 3.32 7.28 -37.31
CA HIS B 331 3.42 8.68 -36.92
C HIS B 331 2.25 9.02 -35.98
N PRO B 332 2.47 8.94 -34.63
CA PRO B 332 1.38 9.26 -33.68
C PRO B 332 0.76 10.63 -33.88
N GLN B 333 1.53 11.55 -34.52
CA GLN B 333 1.19 12.93 -34.88
C GLN B 333 0.02 13.00 -35.88
N LYS B 334 -0.21 11.90 -36.63
CA LYS B 334 -1.30 11.77 -37.61
C LYS B 334 -2.69 11.72 -36.95
N ALA B 335 -2.77 11.22 -35.68
CA ALA B 335 -4.00 11.09 -34.88
C ALA B 335 -4.95 12.30 -34.93
N THR B 336 -4.39 13.51 -34.98
CA THR B 336 -5.10 14.78 -35.05
C THR B 336 -6.00 14.86 -36.29
N THR B 337 -5.41 14.69 -37.49
CA THR B 337 -6.08 14.75 -38.81
C THR B 337 -6.76 13.45 -39.24
N GLU B 338 -6.15 12.27 -38.93
CA GLU B 338 -6.65 10.93 -39.28
C GLU B 338 -7.95 10.49 -38.55
N LEU B 339 -8.29 11.13 -37.40
CA LEU B 339 -9.48 10.78 -36.62
C LEU B 339 -10.51 11.92 -36.50
N PRO B 340 -11.25 12.29 -37.58
CA PRO B 340 -12.23 13.38 -37.47
C PRO B 340 -13.45 13.09 -36.59
N LEU B 341 -14.09 11.90 -36.71
CA LEU B 341 -15.30 11.56 -35.95
C LEU B 341 -15.01 11.34 -34.46
N LEU B 342 -13.77 10.90 -34.12
CA LEU B 342 -13.38 10.72 -32.72
C LEU B 342 -13.16 12.10 -32.11
N ARG B 343 -12.60 13.06 -32.90
CA ARG B 343 -12.38 14.45 -32.48
C ARG B 343 -13.74 15.11 -32.24
N ALA B 344 -14.73 14.81 -33.11
CA ALA B 344 -16.09 15.30 -33.10
C ALA B 344 -16.91 14.66 -31.96
N ALA B 345 -16.57 13.42 -31.55
CA ALA B 345 -17.21 12.75 -30.42
C ALA B 345 -16.84 13.49 -29.14
N LEU B 346 -15.60 14.02 -29.04
CA LEU B 346 -15.17 14.85 -27.91
C LEU B 346 -15.95 16.21 -27.89
N LYS B 347 -16.25 16.78 -29.08
CA LYS B 347 -17.01 18.03 -29.23
C LYS B 347 -18.43 17.84 -28.70
N GLU B 348 -19.01 16.66 -28.98
CA GLU B 348 -20.34 16.22 -28.55
C GLU B 348 -20.41 16.02 -27.04
N THR B 349 -19.35 15.43 -26.47
CA THR B 349 -19.22 15.21 -25.04
C THR B 349 -19.12 16.56 -24.32
N LEU B 350 -18.25 17.48 -24.79
CA LEU B 350 -18.05 18.80 -24.19
C LEU B 350 -19.25 19.73 -24.35
N ARG B 351 -20.21 19.36 -25.19
CA ARG B 351 -21.43 20.12 -25.37
C ARG B 351 -22.43 19.72 -24.26
N LEU B 352 -22.64 18.41 -24.11
CA LEU B 352 -23.51 17.82 -23.11
C LEU B 352 -22.93 17.99 -21.71
N TYR B 353 -21.65 17.64 -21.52
CA TYR B 353 -20.96 17.75 -20.22
C TYR B 353 -19.80 18.80 -20.28
N PRO B 354 -20.09 20.14 -20.27
CA PRO B 354 -18.99 21.13 -20.29
C PRO B 354 -18.34 21.26 -18.90
N VAL B 355 -17.13 20.71 -18.75
CA VAL B 355 -16.41 20.72 -17.48
C VAL B 355 -16.03 22.15 -17.00
N GLY B 356 -15.92 23.10 -17.92
CA GLY B 356 -15.63 24.49 -17.62
C GLY B 356 -16.84 25.32 -17.25
N LEU B 357 -18.07 24.85 -17.56
CA LEU B 357 -19.43 25.41 -17.35
C LEU B 357 -19.63 26.85 -17.87
N PHE B 358 -18.74 27.77 -17.51
CA PHE B 358 -18.80 29.18 -17.87
C PHE B 358 -17.55 29.72 -18.53
N LEU B 359 -17.75 30.81 -19.29
CA LEU B 359 -16.76 31.64 -19.94
C LEU B 359 -17.04 33.01 -19.34
N GLU B 360 -16.10 33.56 -18.57
CA GLU B 360 -16.31 34.86 -17.93
C GLU B 360 -15.38 35.93 -18.45
N ARG B 361 -15.88 37.16 -18.58
CA ARG B 361 -15.11 38.33 -19.04
C ARG B 361 -15.66 39.62 -18.43
N VAL B 362 -14.82 40.36 -17.68
CA VAL B 362 -15.22 41.67 -17.20
C VAL B 362 -14.94 42.56 -18.43
N VAL B 363 -16.01 42.89 -19.14
CA VAL B 363 -15.99 43.60 -20.41
C VAL B 363 -15.37 44.99 -20.24
N SER B 364 -14.43 45.33 -21.13
CA SER B 364 -13.59 46.53 -21.11
C SER B 364 -14.16 47.75 -21.87
N SER B 365 -15.16 47.51 -22.74
CA SER B 365 -15.83 48.54 -23.53
C SER B 365 -17.30 48.22 -23.61
N ASP B 366 -18.15 49.26 -23.68
CA ASP B 366 -19.60 49.11 -23.82
C ASP B 366 -19.92 48.23 -25.04
N LEU B 367 -20.96 47.40 -24.94
CA LEU B 367 -21.40 46.51 -26.02
C LEU B 367 -22.89 46.29 -25.95
N VAL B 368 -23.47 45.66 -26.98
CA VAL B 368 -24.91 45.36 -27.03
C VAL B 368 -25.10 43.85 -27.15
N LEU B 369 -25.81 43.24 -26.19
CA LEU B 369 -26.11 41.80 -26.20
C LEU B 369 -27.61 41.63 -26.07
N GLN B 370 -28.23 41.02 -27.09
CA GLN B 370 -29.67 40.74 -27.15
C GLN B 370 -30.55 42.01 -27.01
N ASN B 371 -30.13 43.09 -27.70
CA ASN B 371 -30.76 44.42 -27.77
C ASN B 371 -30.72 45.17 -26.41
N TYR B 372 -29.77 44.79 -25.53
CA TYR B 372 -29.59 45.45 -24.24
C TYR B 372 -28.21 46.07 -24.20
N HIS B 373 -28.10 47.27 -23.60
CA HIS B 373 -26.82 47.92 -23.45
C HIS B 373 -26.08 47.28 -22.26
N ILE B 374 -24.88 46.73 -22.53
CA ILE B 374 -24.00 46.09 -21.54
C ILE B 374 -22.84 47.07 -21.34
N PRO B 375 -22.81 47.84 -20.22
CA PRO B 375 -21.73 48.83 -20.05
C PRO B 375 -20.35 48.25 -19.75
N ALA B 376 -19.31 49.08 -19.91
CA ALA B 376 -17.94 48.69 -19.62
C ALA B 376 -17.85 48.44 -18.10
N GLY B 377 -17.16 47.38 -17.72
CA GLY B 377 -17.03 47.00 -16.31
C GLY B 377 -17.94 45.87 -15.89
N THR B 378 -18.93 45.53 -16.73
CA THR B 378 -19.88 44.46 -16.49
C THR B 378 -19.20 43.09 -16.63
N LEU B 379 -19.52 42.14 -15.75
CA LEU B 379 -18.98 40.78 -15.87
C LEU B 379 -20.00 40.03 -16.67
N VAL B 380 -19.61 39.59 -17.87
CA VAL B 380 -20.45 38.81 -18.80
C VAL B 380 -20.05 37.34 -18.64
N GLN B 381 -21.01 36.51 -18.18
CA GLN B 381 -20.85 35.07 -17.97
C GLN B 381 -21.67 34.27 -19.00
N VAL B 382 -20.97 33.54 -19.88
CA VAL B 382 -21.59 32.68 -20.89
C VAL B 382 -21.81 31.32 -20.23
N PHE B 383 -23.07 30.80 -20.25
CA PHE B 383 -23.43 29.51 -19.67
C PHE B 383 -23.38 28.39 -20.73
N LEU B 384 -22.30 27.58 -20.72
CA LEU B 384 -22.01 26.51 -21.70
C LEU B 384 -22.93 25.30 -21.63
N TYR B 385 -23.64 25.14 -20.50
CA TYR B 385 -24.59 24.05 -20.27
C TYR B 385 -25.83 24.29 -21.11
N SER B 386 -26.51 25.43 -20.86
CA SER B 386 -27.72 25.87 -21.58
C SER B 386 -27.46 26.03 -23.07
N LEU B 387 -26.31 26.66 -23.46
CA LEU B 387 -25.86 26.86 -24.84
C LEU B 387 -25.85 25.51 -25.60
N GLY B 388 -25.24 24.48 -24.99
CA GLY B 388 -25.12 23.14 -25.56
C GLY B 388 -26.41 22.36 -25.67
N ARG B 389 -27.27 22.41 -24.63
CA ARG B 389 -28.52 21.67 -24.63
C ARG B 389 -29.68 22.39 -25.40
N ASN B 390 -29.47 23.61 -25.91
CA ASN B 390 -30.47 24.39 -26.64
C ASN B 390 -30.87 23.65 -27.92
N ALA B 391 -32.14 23.25 -27.99
CA ALA B 391 -32.71 22.49 -29.10
C ALA B 391 -32.68 23.20 -30.46
N ALA B 392 -32.70 24.55 -30.48
CA ALA B 392 -32.68 25.34 -31.71
C ALA B 392 -31.29 25.42 -32.36
N LEU B 393 -30.21 25.45 -31.54
CA LEU B 393 -28.81 25.47 -31.99
C LEU B 393 -28.33 24.06 -32.30
N PHE B 394 -28.78 23.07 -31.52
CA PHE B 394 -28.43 21.66 -31.68
C PHE B 394 -29.69 20.78 -31.79
N PRO B 395 -30.14 20.41 -33.04
CA PRO B 395 -31.36 19.58 -33.18
C PRO B 395 -31.20 18.20 -32.53
N ARG B 396 -32.24 17.76 -31.73
CA ARG B 396 -32.24 16.54 -30.88
C ARG B 396 -31.04 16.69 -29.92
N PRO B 397 -31.07 17.71 -29.01
CA PRO B 397 -29.87 17.99 -28.19
C PRO B 397 -29.38 16.86 -27.33
N GLU B 398 -30.32 16.03 -26.86
CA GLU B 398 -30.10 14.88 -25.98
C GLU B 398 -29.44 13.66 -26.71
N ARG B 399 -29.41 13.69 -28.06
CA ARG B 399 -28.83 12.65 -28.91
C ARG B 399 -27.31 12.80 -29.02
N TYR B 400 -26.55 11.74 -28.70
CA TYR B 400 -25.07 11.78 -28.83
C TYR B 400 -24.69 11.53 -30.32
N ASN B 401 -24.52 12.65 -31.05
CA ASN B 401 -24.33 12.68 -32.49
C ASN B 401 -23.04 13.37 -32.96
N PRO B 402 -21.88 12.66 -33.02
CA PRO B 402 -20.64 13.32 -33.50
C PRO B 402 -20.67 13.80 -34.95
N GLN B 403 -21.63 13.31 -35.77
CA GLN B 403 -21.79 13.68 -37.17
C GLN B 403 -22.15 15.16 -37.36
N ARG B 404 -22.83 15.77 -36.34
CA ARG B 404 -23.30 17.17 -36.34
C ARG B 404 -22.18 18.22 -36.41
N TRP B 405 -20.91 17.75 -36.34
CA TRP B 405 -19.72 18.57 -36.39
C TRP B 405 -18.93 18.44 -37.71
N LEU B 406 -19.28 17.50 -38.59
CA LEU B 406 -18.50 17.29 -39.82
C LEU B 406 -18.78 18.29 -40.95
N ASP B 407 -20.03 18.36 -41.45
CA ASP B 407 -20.25 19.30 -42.54
C ASP B 407 -20.86 20.64 -42.06
N ILE B 408 -20.11 21.33 -41.17
CA ILE B 408 -20.47 22.63 -40.61
C ILE B 408 -19.41 23.71 -41.02
N ARG B 409 -18.58 23.38 -42.05
CA ARG B 409 -17.55 24.25 -42.63
C ARG B 409 -18.27 25.21 -43.56
N GLY B 410 -18.58 26.40 -43.03
CA GLY B 410 -19.36 27.38 -43.75
C GLY B 410 -20.83 27.30 -43.39
N SER B 411 -21.12 26.90 -42.14
CA SER B 411 -22.46 26.80 -41.56
C SER B 411 -22.66 27.97 -40.61
N GLY B 412 -21.59 28.73 -40.38
CA GLY B 412 -21.59 29.87 -39.45
C GLY B 412 -21.71 29.38 -38.03
N ARG B 413 -21.29 28.14 -37.80
CA ARG B 413 -21.35 27.49 -36.51
C ARG B 413 -19.95 27.42 -35.86
N ASN B 414 -19.13 28.46 -36.13
CA ASN B 414 -17.76 28.62 -35.64
C ASN B 414 -17.77 28.72 -34.10
N PHE B 415 -18.76 29.50 -33.58
CA PHE B 415 -18.93 29.79 -32.15
C PHE B 415 -19.84 28.81 -31.40
N HIS B 416 -20.25 27.71 -32.07
CA HIS B 416 -21.07 26.66 -31.45
C HIS B 416 -20.22 25.81 -30.51
N HIS B 417 -18.93 25.60 -30.86
CA HIS B 417 -17.95 24.86 -30.07
C HIS B 417 -16.99 25.82 -29.37
N VAL B 418 -17.32 26.14 -28.10
CA VAL B 418 -16.54 27.04 -27.25
C VAL B 418 -16.36 26.45 -25.81
N PRO B 419 -16.05 25.14 -25.63
CA PRO B 419 -15.89 24.64 -24.26
C PRO B 419 -14.55 25.00 -23.62
N PHE B 420 -13.58 25.45 -24.44
CA PHE B 420 -12.24 25.87 -24.04
C PHE B 420 -12.11 27.40 -24.08
N GLY B 421 -13.20 28.09 -24.44
CA GLY B 421 -13.22 29.54 -24.51
C GLY B 421 -12.98 30.07 -25.89
N PHE B 422 -12.46 31.30 -25.97
CA PHE B 422 -12.21 31.98 -27.24
C PHE B 422 -11.09 33.00 -27.11
N GLY B 423 -10.58 33.44 -28.25
CA GLY B 423 -9.55 34.45 -28.32
C GLY B 423 -8.24 34.06 -27.67
N MET B 424 -7.53 35.09 -27.20
CA MET B 424 -6.20 35.00 -26.59
C MET B 424 -6.20 34.29 -25.24
N ARG B 425 -7.29 34.44 -24.45
CA ARG B 425 -7.44 33.82 -23.12
C ARG B 425 -8.05 32.43 -23.17
N GLN B 426 -8.24 31.83 -24.37
CA GLN B 426 -8.79 30.47 -24.51
C GLN B 426 -7.85 29.49 -23.80
N CYS B 427 -8.40 28.41 -23.28
CA CYS B 427 -7.69 27.37 -22.56
C CYS B 427 -6.29 27.05 -23.12
N LEU B 428 -5.25 27.18 -22.26
CA LEU B 428 -3.84 26.93 -22.59
C LEU B 428 -3.61 25.43 -22.79
N GLY B 429 -4.24 24.62 -21.94
CA GLY B 429 -4.10 23.16 -21.96
C GLY B 429 -5.13 22.46 -22.82
N ARG B 430 -5.73 23.21 -23.78
CA ARG B 430 -6.75 22.74 -24.74
C ARG B 430 -6.20 21.59 -25.61
N ARG B 431 -5.08 21.86 -26.29
CA ARG B 431 -4.41 20.93 -27.21
C ARG B 431 -3.84 19.70 -26.54
N LEU B 432 -3.30 19.85 -25.32
CA LEU B 432 -2.74 18.74 -24.55
C LEU B 432 -3.88 17.81 -24.08
N ALA B 433 -4.99 18.39 -23.57
CA ALA B 433 -6.19 17.67 -23.11
C ALA B 433 -6.80 16.88 -24.26
N GLU B 434 -6.99 17.52 -25.43
CA GLU B 434 -7.53 16.89 -26.63
C GLU B 434 -6.70 15.67 -27.04
N ALA B 435 -5.36 15.82 -27.08
CA ALA B 435 -4.42 14.74 -27.43
C ALA B 435 -4.52 13.55 -26.47
N GLU B 436 -4.63 13.85 -25.16
CA GLU B 436 -4.76 12.85 -24.10
C GLU B 436 -6.06 12.08 -24.25
N MET B 437 -7.15 12.77 -24.58
CA MET B 437 -8.46 12.15 -24.76
C MET B 437 -8.52 11.33 -26.05
N LEU B 438 -8.14 11.93 -27.21
CA LEU B 438 -8.13 11.26 -28.53
C LEU B 438 -7.42 9.90 -28.45
N LEU B 439 -6.11 9.94 -28.10
CA LEU B 439 -5.21 8.81 -28.03
C LEU B 439 -5.65 7.73 -27.06
N LEU B 440 -6.19 8.08 -25.86
CA LEU B 440 -6.66 7.03 -24.95
C LEU B 440 -7.81 6.28 -25.61
N LEU B 441 -8.80 7.04 -26.13
CA LEU B 441 -9.98 6.52 -26.82
C LEU B 441 -9.65 5.72 -28.07
N HIS B 442 -8.65 6.15 -28.86
CA HIS B 442 -8.22 5.45 -30.08
C HIS B 442 -7.72 4.06 -29.76
N HIS B 443 -6.85 3.93 -28.74
CA HIS B 443 -6.28 2.65 -28.31
C HIS B 443 -7.28 1.73 -27.59
N VAL B 444 -8.31 2.31 -26.94
CA VAL B 444 -9.37 1.55 -26.27
C VAL B 444 -10.28 0.94 -27.34
N LEU B 445 -10.68 1.75 -28.35
CA LEU B 445 -11.54 1.31 -29.46
C LEU B 445 -10.91 0.18 -30.31
N LYS B 446 -9.59 0.22 -30.53
CA LYS B 446 -8.83 -0.77 -31.31
C LYS B 446 -8.81 -2.19 -30.69
N HIS B 447 -8.95 -2.28 -29.34
CA HIS B 447 -8.85 -3.56 -28.65
C HIS B 447 -10.07 -4.00 -27.84
N PHE B 448 -10.92 -3.06 -27.41
CA PHE B 448 -12.06 -3.38 -26.56
C PHE B 448 -13.39 -2.83 -27.00
N LEU B 449 -14.46 -3.52 -26.54
CA LEU B 449 -15.85 -3.11 -26.69
C LEU B 449 -16.26 -2.55 -25.33
N VAL B 450 -16.70 -1.29 -25.29
CA VAL B 450 -17.14 -0.67 -24.04
C VAL B 450 -18.67 -0.90 -23.94
N GLU B 451 -19.12 -1.50 -22.81
CA GLU B 451 -20.52 -1.87 -22.57
C GLU B 451 -20.97 -1.46 -21.16
N THR B 452 -22.30 -1.27 -20.97
CA THR B 452 -22.91 -0.92 -19.69
C THR B 452 -24.43 -1.13 -19.69
N LEU B 453 -24.97 -1.57 -18.55
CA LEU B 453 -26.40 -1.75 -18.30
C LEU B 453 -26.99 -0.45 -17.77
N THR B 454 -26.10 0.44 -17.25
CA THR B 454 -26.40 1.77 -16.74
C THR B 454 -26.72 2.63 -17.97
N GLN B 455 -27.97 2.60 -18.41
CA GLN B 455 -28.35 3.40 -19.57
C GLN B 455 -28.75 4.80 -19.14
N GLU B 456 -29.13 4.95 -17.84
CA GLU B 456 -29.58 6.19 -17.20
C GLU B 456 -28.53 7.30 -17.21
N ASP B 457 -28.97 8.52 -17.56
CA ASP B 457 -28.11 9.70 -17.63
C ASP B 457 -27.49 9.94 -16.28
N ILE B 458 -26.18 10.26 -16.25
CA ILE B 458 -25.46 10.54 -15.01
C ILE B 458 -25.80 11.96 -14.58
N LYS B 459 -26.08 12.13 -13.29
CA LYS B 459 -26.36 13.43 -12.71
C LYS B 459 -25.01 14.14 -12.54
N MET B 460 -24.87 15.32 -13.14
CA MET B 460 -23.63 16.10 -13.03
C MET B 460 -23.66 16.91 -11.73
N VAL B 461 -22.48 17.19 -11.18
CA VAL B 461 -22.30 17.92 -9.92
C VAL B 461 -21.37 19.10 -10.17
N TYR B 462 -21.72 20.28 -9.65
CA TYR B 462 -20.85 21.42 -9.78
C TYR B 462 -19.93 21.49 -8.56
N SER B 463 -18.63 21.34 -8.78
CA SER B 463 -17.62 21.50 -7.72
C SER B 463 -16.44 22.20 -8.39
N PHE B 464 -16.69 23.50 -8.73
CA PHE B 464 -15.85 24.44 -9.47
C PHE B 464 -15.83 24.08 -10.96
N ILE B 465 -15.61 22.78 -11.27
CA ILE B 465 -15.65 22.20 -12.63
C ILE B 465 -16.85 21.20 -12.68
N LEU B 466 -17.51 21.04 -13.83
CA LEU B 466 -18.68 20.15 -13.87
C LEU B 466 -18.32 18.69 -14.01
N ARG B 467 -18.32 17.99 -12.86
CA ARG B 467 -17.95 16.58 -12.72
C ARG B 467 -19.14 15.63 -12.51
N PRO B 468 -19.15 14.36 -13.00
CA PRO B 468 -20.27 13.45 -12.71
C PRO B 468 -20.37 13.11 -11.23
N GLY B 469 -21.60 12.87 -10.79
CA GLY B 469 -21.89 12.49 -9.40
C GLY B 469 -21.46 11.06 -9.11
N THR B 470 -21.82 10.14 -10.01
CA THR B 470 -21.49 8.72 -9.91
C THR B 470 -20.66 8.26 -11.10
N SER B 471 -19.79 7.26 -10.89
CA SER B 471 -18.98 6.63 -11.94
C SER B 471 -19.67 5.32 -12.31
N PRO B 472 -20.07 5.12 -13.59
CA PRO B 472 -20.77 3.88 -13.93
C PRO B 472 -19.84 2.69 -14.08
N LEU B 473 -20.44 1.50 -14.05
CA LEU B 473 -19.76 0.23 -14.18
C LEU B 473 -19.63 -0.04 -15.67
N LEU B 474 -18.40 0.05 -16.18
CA LEU B 474 -18.12 -0.17 -17.59
C LEU B 474 -17.39 -1.49 -17.81
N THR B 475 -17.90 -2.31 -18.77
CA THR B 475 -17.33 -3.60 -19.16
C THR B 475 -16.43 -3.33 -20.35
N PHE B 476 -15.19 -3.85 -20.30
CA PHE B 476 -14.23 -3.73 -21.40
C PHE B 476 -13.99 -5.13 -21.95
N ARG B 477 -14.66 -5.46 -23.06
CA ARG B 477 -14.56 -6.79 -23.64
C ARG B 477 -13.52 -6.83 -24.73
N ALA B 478 -12.56 -7.79 -24.63
CA ALA B 478 -11.51 -7.94 -25.63
C ALA B 478 -12.12 -8.33 -26.99
N ILE B 479 -11.61 -7.75 -28.09
CA ILE B 479 -12.10 -8.05 -29.44
C ILE B 479 -11.30 -9.24 -30.05
N ASN B 480 -9.98 -9.03 -30.20
CA ASN B 480 -9.01 -10.00 -30.77
C ASN B 480 -8.33 -10.85 -29.67
N GLY B 481 -7.26 -11.57 -30.03
CA GLY B 481 -6.52 -12.42 -29.11
C GLY B 481 -5.39 -11.72 -28.39
N THR C 11 55.20 20.89 37.76
CA THR C 11 55.48 20.29 36.46
C THR C 11 54.20 19.63 35.86
N VAL C 12 53.64 18.61 36.52
CA VAL C 12 52.40 17.97 36.05
C VAL C 12 51.21 18.69 36.65
N LEU C 13 50.29 19.12 35.79
CA LEU C 13 49.12 19.89 36.18
C LEU C 13 47.99 19.01 36.69
N PRO C 14 47.32 19.38 37.81
CA PRO C 14 46.23 18.54 38.31
C PRO C 14 45.04 18.46 37.36
N PHE C 15 44.13 17.49 37.61
CA PHE C 15 42.90 17.34 36.84
C PHE C 15 42.09 18.66 36.86
N GLU C 16 42.00 19.31 38.03
CA GLU C 16 41.24 20.55 38.26
C GLU C 16 41.78 21.76 37.50
N ALA C 17 43.10 21.77 37.18
CA ALA C 17 43.79 22.85 36.45
C ALA C 17 43.34 22.95 35.00
N MET C 18 42.68 21.87 34.52
CA MET C 18 42.12 21.70 33.19
C MET C 18 41.06 22.74 32.89
N PRO C 19 41.00 23.29 31.65
CA PRO C 19 39.86 24.17 31.31
C PRO C 19 38.56 23.40 31.53
N GLN C 20 37.56 24.04 32.12
CA GLN C 20 36.27 23.42 32.41
C GLN C 20 35.24 23.92 31.41
N HIS C 21 34.34 23.04 30.99
CA HIS C 21 33.27 23.37 30.05
C HIS C 21 32.32 24.43 30.69
N PRO C 22 31.96 25.53 29.98
CA PRO C 22 31.09 26.57 30.57
C PRO C 22 29.67 26.11 30.96
N GLY C 23 29.25 24.98 30.39
CA GLY C 23 27.95 24.34 30.61
C GLY C 23 27.71 23.83 32.02
N ASN C 24 26.51 23.31 32.19
CA ASN C 24 25.98 22.84 33.46
C ASN C 24 25.35 21.46 33.30
N ARG C 25 25.56 20.59 34.30
CA ARG C 25 24.97 19.25 34.35
C ARG C 25 23.44 19.34 34.48
N TRP C 26 22.93 20.53 34.87
CA TRP C 26 21.50 20.81 35.06
C TRP C 26 20.87 21.65 33.95
N LEU C 27 21.57 22.70 33.49
CA LEU C 27 21.06 23.56 32.41
C LEU C 27 20.93 22.75 31.11
N ARG C 28 21.89 21.84 30.85
CA ARG C 28 21.87 20.94 29.69
C ARG C 28 20.73 19.94 29.84
N LEU C 29 20.51 19.42 31.07
CA LEU C 29 19.47 18.46 31.43
C LEU C 29 18.06 19.03 31.20
N LEU C 30 17.90 20.35 31.38
CA LEU C 30 16.62 21.05 31.23
C LEU C 30 16.36 21.41 29.79
N GLN C 31 17.44 21.66 29.03
CA GLN C 31 17.38 21.97 27.60
C GLN C 31 16.95 20.73 26.81
N ILE C 32 17.45 19.54 27.23
CA ILE C 32 17.13 18.20 26.69
C ILE C 32 15.67 17.89 27.02
N TRP C 33 15.18 18.43 28.15
CA TRP C 33 13.82 18.26 28.62
C TRP C 33 12.84 19.05 27.75
N ARG C 34 13.18 20.34 27.50
CA ARG C 34 12.41 21.31 26.71
C ARG C 34 12.38 21.00 25.19
N GLU C 35 13.55 20.87 24.56
CA GLU C 35 13.72 20.60 23.14
C GLU C 35 13.53 19.13 22.73
N GLN C 36 13.42 18.22 23.72
CA GLN C 36 13.25 16.77 23.54
C GLN C 36 14.41 16.10 22.74
N GLY C 37 15.61 16.67 22.88
CA GLY C 37 16.82 16.23 22.23
C GLY C 37 17.97 17.22 22.36
N TYR C 38 19.17 16.84 21.90
CA TYR C 38 20.35 17.70 21.88
C TYR C 38 20.96 17.67 20.47
N GLU C 39 20.12 17.99 19.44
CA GLU C 39 20.47 18.00 18.02
C GLU C 39 21.72 18.80 17.64
N HIS C 40 22.08 19.81 18.44
CA HIS C 40 23.24 20.69 18.23
C HIS C 40 24.49 20.33 19.08
N LEU C 41 24.50 19.16 19.77
CA LEU C 41 25.61 18.70 20.61
C LEU C 41 26.98 18.79 19.94
N HIS C 42 27.07 18.33 18.67
CA HIS C 42 28.29 18.32 17.86
C HIS C 42 28.86 19.73 17.63
N LEU C 43 27.99 20.71 17.40
CA LEU C 43 28.39 22.10 17.17
C LEU C 43 28.73 22.80 18.48
N GLU C 44 28.16 22.31 19.58
CA GLU C 44 28.40 22.85 20.91
C GLU C 44 29.79 22.39 21.36
N MET C 45 30.09 21.10 21.16
CA MET C 45 31.37 20.51 21.53
C MET C 45 32.50 21.08 20.65
N HIS C 46 32.24 21.23 19.33
CA HIS C 46 33.22 21.78 18.39
C HIS C 46 33.63 23.21 18.77
N GLN C 47 32.69 24.06 19.17
CA GLN C 47 32.92 25.45 19.58
C GLN C 47 33.78 25.51 20.85
N THR C 48 33.53 24.59 21.79
CA THR C 48 34.22 24.51 23.07
C THR C 48 35.71 24.15 22.88
N PHE C 49 36.05 23.30 21.88
CA PHE C 49 37.43 22.94 21.59
C PHE C 49 38.16 24.13 20.94
N GLN C 50 37.41 24.92 20.14
CA GLN C 50 37.86 26.13 19.47
C GLN C 50 38.19 27.22 20.52
N GLU C 51 37.47 27.22 21.66
CA GLU C 51 37.59 28.18 22.76
C GLU C 51 38.54 27.76 23.89
N LEU C 52 38.38 26.53 24.40
CA LEU C 52 39.14 26.03 25.54
C LEU C 52 40.47 25.31 25.23
N GLY C 53 40.65 24.84 24.00
CA GLY C 53 41.85 24.12 23.61
C GLY C 53 41.61 22.65 23.28
N PRO C 54 42.68 21.82 23.12
CA PRO C 54 42.47 20.40 22.73
C PRO C 54 41.94 19.44 23.83
N ILE C 55 41.94 19.91 25.09
CA ILE C 55 41.50 19.19 26.27
C ILE C 55 40.70 20.11 27.21
N PHE C 56 39.57 19.60 27.72
CA PHE C 56 38.70 20.27 28.69
C PHE C 56 37.91 19.25 29.54
N ARG C 57 37.64 19.59 30.83
CA ARG C 57 36.89 18.74 31.75
C ARG C 57 35.39 19.10 31.80
N TYR C 58 34.51 18.09 32.00
CA TYR C 58 33.07 18.31 32.11
C TYR C 58 32.57 18.09 33.52
N ASN C 59 31.92 19.13 34.09
CA ASN C 59 31.37 19.10 35.45
C ASN C 59 30.13 18.20 35.51
N LEU C 60 30.36 16.97 35.95
CA LEU C 60 29.35 15.93 36.12
C LEU C 60 28.87 15.93 37.58
N GLY C 61 29.40 16.89 38.36
CA GLY C 61 29.08 17.08 39.78
C GLY C 61 29.45 15.90 40.66
N GLY C 62 30.70 15.45 40.52
CA GLY C 62 31.25 14.30 41.22
C GLY C 62 32.12 13.48 40.28
N PRO C 63 31.51 12.70 39.33
CA PRO C 63 32.33 11.93 38.37
C PRO C 63 33.18 12.81 37.45
N ARG C 64 34.40 12.35 37.17
CA ARG C 64 35.36 13.07 36.33
C ARG C 64 35.14 12.73 34.88
N MET C 65 35.16 13.74 34.02
CA MET C 65 34.99 13.56 32.60
C MET C 65 35.95 14.45 31.82
N VAL C 66 36.69 13.85 30.89
CA VAL C 66 37.64 14.59 30.06
C VAL C 66 37.19 14.50 28.61
N CYS C 67 37.42 15.60 27.88
CA CYS C 67 37.11 15.67 26.46
C CYS C 67 38.39 15.97 25.69
N VAL C 68 38.76 15.06 24.78
CA VAL C 68 39.97 15.16 23.96
C VAL C 68 39.63 15.14 22.49
N MET C 69 40.55 15.66 21.65
CA MET C 69 40.37 15.75 20.19
C MET C 69 41.66 15.48 19.39
N LEU C 70 42.75 15.11 20.06
CA LEU C 70 44.02 14.85 19.36
C LEU C 70 44.34 13.36 19.17
N PRO C 71 44.95 12.94 18.02
CA PRO C 71 45.29 11.52 17.85
C PRO C 71 46.46 11.05 18.72
N GLU C 72 47.31 11.97 19.25
CA GLU C 72 48.39 11.61 20.18
C GLU C 72 47.76 11.16 21.51
N ASP C 73 46.52 11.67 21.82
CA ASP C 73 45.72 11.31 22.99
C ASP C 73 44.93 10.01 22.72
N VAL C 74 44.66 9.71 21.44
CA VAL C 74 43.97 8.49 20.99
C VAL C 74 44.96 7.32 21.17
N GLU C 75 46.27 7.58 20.92
CA GLU C 75 47.41 6.67 21.06
C GLU C 75 47.66 6.38 22.54
N LYS C 76 47.65 7.44 23.38
CA LYS C 76 47.82 7.33 24.82
C LYS C 76 46.68 6.49 25.44
N LEU C 77 45.45 6.68 24.94
CA LEU C 77 44.24 5.96 25.38
C LEU C 77 44.27 4.45 25.03
N GLN C 78 44.85 4.05 23.85
CA GLN C 78 44.91 2.62 23.49
C GLN C 78 45.94 1.84 24.29
N GLN C 79 47.05 2.48 24.65
CA GLN C 79 48.10 1.85 25.45
C GLN C 79 47.58 1.57 26.85
N VAL C 80 46.73 2.46 27.38
CA VAL C 80 46.15 2.32 28.72
C VAL C 80 44.86 1.43 28.66
N ASP C 81 44.49 0.94 27.44
CA ASP C 81 43.37 0.00 27.23
C ASP C 81 43.78 -1.30 27.90
N SER C 82 42.87 -1.91 28.67
CA SER C 82 43.16 -3.16 29.39
C SER C 82 42.85 -4.37 28.50
N LEU C 83 42.94 -5.59 29.08
CA LEU C 83 42.53 -6.82 28.39
C LEU C 83 40.99 -6.80 28.27
N HIS C 84 40.34 -5.99 29.15
CA HIS C 84 38.91 -5.74 29.15
C HIS C 84 38.65 -4.21 29.13
N PRO C 85 38.70 -3.53 27.94
CA PRO C 85 38.44 -2.09 27.90
C PRO C 85 37.03 -1.76 28.37
N CYS C 86 36.96 -0.66 29.12
CA CYS C 86 35.78 -0.16 29.81
C CYS C 86 35.08 0.95 29.08
N ARG C 87 33.75 0.86 29.00
CA ARG C 87 32.93 1.91 28.43
C ARG C 87 31.80 2.29 29.37
N MET C 88 31.32 3.54 29.28
CA MET C 88 30.23 4.04 30.10
C MET C 88 28.94 3.39 29.62
N ILE C 89 28.49 2.35 30.36
CA ILE C 89 27.33 1.56 29.98
C ILE C 89 26.04 2.40 29.95
N LEU C 90 25.30 2.22 28.84
CA LEU C 90 24.08 2.94 28.53
C LEU C 90 22.92 2.40 29.33
N GLU C 91 22.65 3.05 30.48
CA GLU C 91 21.61 2.68 31.46
C GLU C 91 20.22 2.43 30.86
N PRO C 92 19.62 3.29 29.97
CA PRO C 92 18.27 2.97 29.47
C PRO C 92 18.18 1.70 28.63
N TRP C 93 19.25 1.35 27.89
CA TRP C 93 19.28 0.14 27.07
C TRP C 93 19.37 -1.08 27.95
N VAL C 94 20.22 -1.03 29.00
CA VAL C 94 20.42 -2.08 29.99
C VAL C 94 19.10 -2.31 30.76
N ALA C 95 18.40 -1.21 31.10
CA ALA C 95 17.11 -1.18 31.80
C ALA C 95 16.05 -2.01 31.08
N TYR C 96 16.00 -1.92 29.72
CA TYR C 96 15.04 -2.68 28.89
C TYR C 96 15.33 -4.19 28.95
N ARG C 97 16.60 -4.58 28.74
CA ARG C 97 17.03 -5.97 28.78
C ARG C 97 16.81 -6.58 30.16
N GLN C 98 17.07 -5.81 31.26
CA GLN C 98 16.82 -6.26 32.64
C GLN C 98 15.33 -6.59 32.77
N HIS C 99 14.47 -5.63 32.32
CA HIS C 99 13.02 -5.68 32.36
C HIS C 99 12.40 -6.90 31.64
N ARG C 100 12.75 -7.09 30.36
CA ARG C 100 12.21 -8.21 29.56
C ARG C 100 12.99 -9.53 29.72
N GLY C 101 14.04 -9.51 30.55
CA GLY C 101 14.88 -10.66 30.85
C GLY C 101 15.78 -11.14 29.73
N HIS C 102 16.48 -10.19 29.07
CA HIS C 102 17.41 -10.45 27.97
C HIS C 102 18.86 -10.33 28.39
N LYS C 103 19.74 -11.10 27.72
CA LYS C 103 21.18 -11.03 27.94
C LYS C 103 21.69 -9.79 27.19
N CYS C 104 22.85 -9.26 27.61
CA CYS C 104 23.41 -8.07 26.98
C CYS C 104 24.39 -8.40 25.89
N GLY C 105 24.30 -7.65 24.79
CA GLY C 105 25.20 -7.78 23.67
C GLY C 105 26.53 -7.15 24.01
N VAL C 106 27.53 -7.42 23.16
CA VAL C 106 28.92 -6.98 23.33
C VAL C 106 29.07 -5.44 23.57
N PHE C 107 28.16 -4.59 23.04
CA PHE C 107 28.20 -3.14 23.24
C PHE C 107 27.83 -2.74 24.68
N LEU C 108 26.85 -3.44 25.27
CA LEU C 108 26.34 -3.19 26.62
C LEU C 108 27.04 -4.04 27.71
N LEU C 109 28.10 -4.76 27.34
CA LEU C 109 28.87 -5.61 28.27
C LEU C 109 30.22 -4.97 28.58
N ASN C 110 30.83 -5.38 29.70
CA ASN C 110 32.12 -4.93 30.21
C ASN C 110 32.80 -6.11 30.93
N GLY C 111 34.12 -6.05 31.03
CA GLY C 111 34.91 -7.05 31.74
C GLY C 111 34.96 -8.41 31.06
N PRO C 112 35.16 -9.50 31.84
CA PRO C 112 35.24 -10.84 31.25
C PRO C 112 34.03 -11.25 30.39
N GLU C 113 32.79 -10.85 30.79
CA GLU C 113 31.59 -11.19 30.00
C GLU C 113 31.70 -10.60 28.59
N TRP C 114 32.26 -9.38 28.46
CA TRP C 114 32.44 -8.77 27.14
C TRP C 114 33.46 -9.54 26.33
N ARG C 115 34.62 -9.87 26.95
CA ARG C 115 35.72 -10.57 26.27
C ARG C 115 35.34 -11.97 25.79
N PHE C 116 34.55 -12.70 26.58
CA PHE C 116 34.06 -14.04 26.23
C PHE C 116 33.20 -13.93 24.99
N ASN C 117 32.24 -12.99 24.98
CA ASN C 117 31.33 -12.72 23.86
C ASN C 117 32.05 -12.26 22.61
N ARG C 118 32.95 -11.26 22.73
CA ARG C 118 33.74 -10.68 21.64
C ARG C 118 34.60 -11.71 20.90
N LEU C 119 35.33 -12.54 21.64
CA LEU C 119 36.23 -13.57 21.11
C LEU C 119 35.51 -14.66 20.28
N ARG C 120 34.18 -14.84 20.50
CA ARG C 120 33.34 -15.80 19.78
C ARG C 120 32.60 -15.13 18.61
N LEU C 121 32.54 -13.79 18.63
CA LEU C 121 31.90 -12.95 17.61
C LEU C 121 32.87 -12.54 16.50
N ASN C 122 34.10 -12.13 16.86
CA ASN C 122 35.13 -11.71 15.90
C ASN C 122 35.36 -12.67 14.71
N PRO C 123 35.56 -14.00 14.88
CA PRO C 123 35.83 -14.85 13.71
C PRO C 123 34.77 -14.90 12.62
N ASP C 124 33.48 -14.77 13.01
CA ASP C 124 32.36 -14.88 12.05
C ASP C 124 31.79 -13.51 11.58
N VAL C 125 32.10 -12.40 12.30
CA VAL C 125 31.60 -11.05 11.98
C VAL C 125 32.70 -10.10 11.48
N LEU C 126 33.85 -10.01 12.17
CA LEU C 126 34.89 -9.05 11.84
C LEU C 126 36.03 -9.59 10.97
N SER C 127 36.51 -10.81 11.26
CA SER C 127 37.64 -11.46 10.61
C SER C 127 37.69 -11.37 9.08
N PRO C 128 38.90 -11.31 8.46
CA PRO C 128 38.98 -11.26 6.98
C PRO C 128 38.37 -12.48 6.29
N LYS C 129 38.53 -13.69 6.88
CA LYS C 129 37.97 -14.91 6.31
C LYS C 129 36.44 -14.90 6.26
N ALA C 130 35.79 -14.22 7.23
CA ALA C 130 34.34 -14.06 7.28
C ALA C 130 33.90 -13.10 6.18
N VAL C 131 34.64 -11.98 6.00
CA VAL C 131 34.40 -10.93 5.00
C VAL C 131 34.38 -11.51 3.59
N GLN C 132 35.26 -12.49 3.32
CA GLN C 132 35.34 -13.17 2.03
C GLN C 132 34.10 -14.04 1.76
N ARG C 133 33.41 -14.47 2.84
CA ARG C 133 32.21 -15.32 2.74
C ARG C 133 30.93 -14.51 2.48
N PHE C 134 30.74 -13.34 3.15
CA PHE C 134 29.55 -12.52 2.95
C PHE C 134 29.72 -11.43 1.88
N LEU C 135 30.96 -11.15 1.44
CA LEU C 135 31.20 -10.16 0.39
C LEU C 135 30.38 -10.46 -0.87
N PRO C 136 30.37 -11.72 -1.43
CA PRO C 136 29.55 -11.96 -2.63
C PRO C 136 28.06 -11.78 -2.42
N MET C 137 27.57 -12.03 -1.18
CA MET C 137 26.16 -11.88 -0.80
C MET C 137 25.77 -10.40 -0.89
N VAL C 138 26.53 -9.52 -0.19
CA VAL C 138 26.35 -8.07 -0.16
C VAL C 138 26.40 -7.50 -1.59
N ASP C 139 27.37 -7.97 -2.40
CA ASP C 139 27.58 -7.58 -3.80
C ASP C 139 26.31 -7.78 -4.62
N ALA C 140 25.61 -8.92 -4.44
CA ALA C 140 24.35 -9.23 -5.14
C ALA C 140 23.25 -8.22 -4.88
N VAL C 141 23.19 -7.67 -3.65
CA VAL C 141 22.21 -6.67 -3.23
C VAL C 141 22.57 -5.34 -3.89
N ALA C 142 23.86 -4.97 -3.86
CA ALA C 142 24.41 -3.73 -4.45
C ALA C 142 24.15 -3.71 -5.96
N ARG C 143 24.30 -4.90 -6.62
CA ARG C 143 24.06 -5.10 -8.06
C ARG C 143 22.58 -4.87 -8.35
N ASP C 144 21.70 -5.41 -7.48
CA ASP C 144 20.25 -5.32 -7.58
C ASP C 144 19.71 -3.91 -7.34
N PHE C 145 20.48 -3.08 -6.58
CA PHE C 145 20.13 -1.67 -6.29
C PHE C 145 20.26 -0.80 -7.55
N SER C 146 21.46 -0.81 -8.18
CA SER C 146 21.75 -0.04 -9.40
C SER C 146 20.88 -0.50 -10.56
N GLN C 147 20.59 -1.81 -10.65
CA GLN C 147 19.76 -2.45 -11.67
C GLN C 147 18.36 -1.87 -11.64
N ALA C 148 17.79 -1.77 -10.43
CA ALA C 148 16.45 -1.24 -10.20
C ALA C 148 16.40 0.25 -10.51
N LEU C 149 17.44 0.99 -10.09
CA LEU C 149 17.63 2.43 -10.33
C LEU C 149 17.73 2.72 -11.83
N LYS C 150 18.52 1.91 -12.56
CA LYS C 150 18.69 2.00 -14.01
C LYS C 150 17.32 1.87 -14.69
N LYS C 151 16.52 0.85 -14.28
CA LYS C 151 15.18 0.58 -14.80
C LYS C 151 14.29 1.82 -14.71
N LYS C 152 14.27 2.46 -13.54
CA LYS C 152 13.51 3.69 -13.27
C LYS C 152 14.04 4.89 -14.08
N VAL C 153 15.38 5.02 -14.18
CA VAL C 153 16.12 6.07 -14.89
C VAL C 153 15.83 6.06 -16.40
N LEU C 154 15.90 4.88 -17.02
CA LEU C 154 15.70 4.70 -18.47
C LEU C 154 14.29 5.01 -18.96
N GLN C 155 13.30 4.96 -18.06
CA GLN C 155 11.90 5.24 -18.37
C GLN C 155 11.60 6.74 -18.49
N ASN C 156 12.55 7.59 -18.02
CA ASN C 156 12.47 9.05 -18.09
C ASN C 156 13.19 9.57 -19.33
N ALA C 157 12.61 10.58 -19.99
CA ALA C 157 13.11 11.18 -21.24
C ALA C 157 14.54 11.69 -21.16
N ARG C 158 14.93 12.30 -20.04
CA ARG C 158 16.29 12.83 -19.90
C ARG C 158 17.32 11.78 -19.48
N GLY C 159 16.90 10.51 -19.39
CA GLY C 159 17.76 9.40 -18.98
C GLY C 159 18.42 9.61 -17.63
N SER C 160 17.64 10.17 -16.70
CA SER C 160 18.06 10.48 -15.33
C SER C 160 16.86 10.49 -14.35
N LEU C 161 17.14 10.20 -13.07
CA LEU C 161 16.14 10.21 -12.01
C LEU C 161 16.63 11.04 -10.83
N THR C 162 15.97 12.18 -10.59
CA THR C 162 16.26 13.08 -9.48
C THR C 162 15.33 12.70 -8.32
N LEU C 163 15.91 12.36 -7.15
CA LEU C 163 15.16 11.91 -5.98
C LEU C 163 15.89 12.09 -4.64
N ASP C 164 15.18 11.80 -3.55
CA ASP C 164 15.69 11.73 -2.18
C ASP C 164 16.04 10.23 -2.06
N VAL C 165 17.35 9.90 -2.05
CA VAL C 165 17.83 8.52 -2.00
C VAL C 165 17.69 7.87 -0.65
N GLN C 166 17.66 8.67 0.44
CA GLN C 166 17.58 8.18 1.84
C GLN C 166 16.65 6.94 2.03
N PRO C 167 15.36 6.94 1.57
CA PRO C 167 14.53 5.73 1.74
C PRO C 167 15.10 4.45 1.11
N SER C 168 15.70 4.54 -0.10
CA SER C 168 16.29 3.43 -0.84
C SER C 168 17.52 2.88 -0.15
N ILE C 169 18.44 3.77 0.30
CA ILE C 169 19.68 3.44 1.01
C ILE C 169 19.38 2.70 2.33
N PHE C 170 18.32 3.09 3.04
CA PHE C 170 17.91 2.40 4.26
C PHE C 170 17.40 1.00 3.94
N HIS C 171 16.61 0.85 2.86
CA HIS C 171 16.10 -0.45 2.45
C HIS C 171 17.19 -1.32 1.85
N TYR C 172 18.32 -0.69 1.44
CA TYR C 172 19.49 -1.42 0.95
C TYR C 172 20.21 -2.03 2.15
N THR C 173 20.51 -1.20 3.18
CA THR C 173 21.20 -1.60 4.42
C THR C 173 20.44 -2.69 5.15
N ILE C 174 19.09 -2.62 5.17
CA ILE C 174 18.20 -3.63 5.78
C ILE C 174 18.31 -4.95 5.00
N GLU C 175 18.31 -4.88 3.65
CA GLU C 175 18.38 -6.04 2.75
C GLU C 175 19.72 -6.74 2.80
N ALA C 176 20.81 -5.95 2.63
CA ALA C 176 22.21 -6.39 2.62
C ALA C 176 22.60 -6.97 3.97
N SER C 177 22.23 -6.29 5.07
CA SER C 177 22.51 -6.76 6.43
C SER C 177 21.73 -8.02 6.77
N ASN C 178 20.48 -8.14 6.30
CA ASN C 178 19.66 -9.33 6.53
C ASN C 178 20.26 -10.50 5.78
N LEU C 179 20.69 -10.29 4.53
CA LEU C 179 21.30 -11.36 3.73
C LEU C 179 22.63 -11.80 4.34
N ALA C 180 23.45 -10.85 4.82
CA ALA C 180 24.75 -11.17 5.42
C ALA C 180 24.63 -11.89 6.75
N LEU C 181 23.65 -11.50 7.57
CA LEU C 181 23.46 -12.08 8.89
C LEU C 181 22.65 -13.38 8.87
N PHE C 182 21.55 -13.39 8.13
CA PHE C 182 20.64 -14.54 8.11
C PHE C 182 20.57 -15.34 6.79
N GLY C 183 21.10 -14.83 5.70
CA GLY C 183 21.05 -15.51 4.41
C GLY C 183 19.64 -15.53 3.86
N GLU C 184 18.92 -14.41 4.06
CA GLU C 184 17.53 -14.25 3.68
C GLU C 184 17.31 -12.93 2.94
N ARG C 185 16.69 -13.02 1.75
CA ARG C 185 16.36 -11.83 0.97
C ARG C 185 14.98 -11.39 1.42
N LEU C 186 14.85 -10.13 1.86
CA LEU C 186 13.59 -9.57 2.33
C LEU C 186 12.70 -9.00 1.19
N GLY C 187 13.33 -8.74 0.03
CA GLY C 187 12.69 -8.21 -1.17
C GLY C 187 12.41 -6.72 -1.10
N LEU C 188 13.23 -5.98 -0.30
CA LEU C 188 13.12 -4.53 -0.10
C LEU C 188 13.87 -3.69 -1.15
N VAL C 189 14.87 -4.28 -1.84
CA VAL C 189 15.65 -3.62 -2.88
C VAL C 189 14.95 -3.80 -4.24
N GLY C 190 14.55 -2.67 -4.83
CA GLY C 190 13.86 -2.61 -6.11
C GLY C 190 12.36 -2.79 -6.05
N HIS C 191 11.79 -2.84 -4.82
CA HIS C 191 10.35 -3.00 -4.59
C HIS C 191 9.83 -1.97 -3.57
N SER C 192 8.51 -2.02 -3.27
CA SER C 192 7.87 -1.14 -2.31
C SER C 192 8.20 -1.55 -0.86
N PRO C 193 8.49 -0.57 0.04
CA PRO C 193 8.84 -0.91 1.43
C PRO C 193 7.71 -1.63 2.15
N SER C 194 8.07 -2.62 2.97
CA SER C 194 7.09 -3.39 3.73
C SER C 194 6.75 -2.70 5.05
N SER C 195 5.61 -3.10 5.65
CA SER C 195 5.12 -2.60 6.93
C SER C 195 6.13 -2.90 8.02
N ALA C 196 6.76 -4.09 7.93
CA ALA C 196 7.77 -4.59 8.86
C ALA C 196 9.01 -3.72 8.84
N SER C 197 9.48 -3.32 7.63
CA SER C 197 10.67 -2.48 7.44
C SER C 197 10.42 -1.05 7.87
N LEU C 198 9.22 -0.50 7.54
CA LEU C 198 8.87 0.88 7.92
C LEU C 198 8.69 1.07 9.41
N ASN C 199 8.01 0.10 10.07
CA ASN C 199 7.81 0.14 11.51
C ASN C 199 9.13 -0.08 12.27
N PHE C 200 10.09 -0.85 11.69
CA PHE C 200 11.42 -1.08 12.27
C PHE C 200 12.22 0.21 12.22
N LEU C 201 12.27 0.86 11.05
CA LEU C 201 12.96 2.12 10.83
C LEU C 201 12.47 3.16 11.81
N HIS C 202 11.15 3.26 11.95
CA HIS C 202 10.51 4.21 12.86
C HIS C 202 10.85 3.90 14.30
N ALA C 203 10.85 2.60 14.69
CA ALA C 203 11.16 2.13 16.04
C ALA C 203 12.59 2.50 16.42
N LEU C 204 13.53 2.41 15.45
CA LEU C 204 14.93 2.76 15.65
C LEU C 204 15.08 4.27 15.91
N GLU C 205 14.37 5.10 15.14
CA GLU C 205 14.38 6.57 15.23
C GLU C 205 13.93 7.05 16.63
N VAL C 206 12.83 6.46 17.15
CA VAL C 206 12.21 6.75 18.46
C VAL C 206 13.19 6.32 19.55
N MET C 207 13.65 5.06 19.51
CA MET C 207 14.60 4.54 20.47
C MET C 207 15.82 5.46 20.52
N PHE C 208 16.38 5.87 19.36
CA PHE C 208 17.53 6.77 19.30
C PHE C 208 17.20 8.13 19.91
N LYS C 209 16.00 8.69 19.58
CA LYS C 209 15.48 9.96 20.09
C LYS C 209 15.29 9.92 21.62
N SER C 210 14.69 8.82 22.14
CA SER C 210 14.41 8.61 23.56
C SER C 210 15.66 8.23 24.34
N THR C 211 16.72 7.73 23.64
CA THR C 211 18.00 7.42 24.29
C THR C 211 18.61 8.73 24.76
N VAL C 212 18.74 9.74 23.85
CA VAL C 212 19.25 11.10 24.12
C VAL C 212 18.46 11.76 25.29
N GLN C 213 17.12 11.60 25.29
CA GLN C 213 16.22 12.15 26.29
C GLN C 213 16.42 11.62 27.70
N LEU C 214 17.04 10.42 27.87
CA LEU C 214 17.24 9.79 29.18
C LEU C 214 18.71 9.58 29.53
N MET C 215 19.59 9.75 28.53
CA MET C 215 21.05 9.57 28.53
C MET C 215 21.82 10.49 29.47
N PHE C 216 21.30 11.70 29.70
CA PHE C 216 22.03 12.72 30.45
C PHE C 216 21.44 13.01 31.83
N MET C 217 20.52 12.15 32.29
CA MET C 217 19.92 12.24 33.62
C MET C 217 19.77 10.85 34.27
N PRO C 218 20.04 10.74 35.60
CA PRO C 218 19.93 9.41 36.24
C PRO C 218 18.52 8.86 36.21
N ARG C 219 18.38 7.51 36.24
CA ARG C 219 17.09 6.82 36.26
C ARG C 219 16.21 7.43 37.38
N SER C 220 16.85 7.88 38.50
CA SER C 220 16.20 8.51 39.66
C SER C 220 15.46 9.82 39.32
N LEU C 221 15.95 10.57 38.31
CA LEU C 221 15.38 11.83 37.83
C LEU C 221 14.45 11.56 36.67
N SER C 222 14.97 10.88 35.63
CA SER C 222 14.22 10.54 34.44
C SER C 222 12.94 9.73 34.69
N ARG C 223 12.76 9.09 35.87
CA ARG C 223 11.54 8.32 36.11
C ARG C 223 10.35 9.21 36.47
N TRP C 224 10.58 10.41 37.06
CA TRP C 224 9.48 11.36 37.35
C TRP C 224 9.50 12.61 36.48
N ILE C 225 10.69 12.99 35.94
CA ILE C 225 10.86 14.13 35.05
C ILE C 225 10.31 13.78 33.65
N SER C 226 10.68 12.59 33.13
CA SER C 226 10.27 12.09 31.82
C SER C 226 9.70 10.66 31.96
N PRO C 227 8.52 10.46 32.61
CA PRO C 227 8.00 9.09 32.77
C PRO C 227 7.47 8.53 31.46
N LYS C 228 6.89 9.42 30.62
CA LYS C 228 6.33 9.08 29.31
C LYS C 228 7.43 8.69 28.34
N VAL C 229 8.62 9.30 28.46
CA VAL C 229 9.79 9.04 27.61
C VAL C 229 10.33 7.61 27.84
N TRP C 230 10.23 7.09 29.09
CA TRP C 230 10.65 5.73 29.41
C TRP C 230 9.72 4.73 28.70
N LYS C 231 8.37 4.94 28.81
CA LYS C 231 7.37 4.10 28.14
C LYS C 231 7.60 4.11 26.63
N GLU C 232 7.76 5.32 26.04
CA GLU C 232 8.07 5.61 24.64
C GLU C 232 9.29 4.80 24.17
N HIS C 233 10.37 4.79 24.99
CA HIS C 233 11.65 4.11 24.77
C HIS C 233 11.49 2.59 24.80
N PHE C 234 10.74 2.08 25.80
CA PHE C 234 10.49 0.64 25.96
C PHE C 234 9.56 0.11 24.90
N GLU C 235 8.61 0.94 24.42
CA GLU C 235 7.69 0.58 23.33
C GLU C 235 8.46 0.48 22.03
N ALA C 236 9.47 1.37 21.83
CA ALA C 236 10.36 1.39 20.67
C ALA C 236 11.20 0.11 20.63
N TRP C 237 11.75 -0.29 21.80
CA TRP C 237 12.55 -1.51 21.94
C TRP C 237 11.70 -2.75 21.71
N ASP C 238 10.41 -2.69 22.10
CA ASP C 238 9.45 -3.77 21.91
C ASP C 238 9.30 -4.07 20.43
N CYS C 239 9.26 -3.03 19.56
CA CYS C 239 9.19 -3.21 18.11
C CYS C 239 10.50 -3.71 17.53
N ILE C 240 11.64 -3.16 18.00
CA ILE C 240 13.00 -3.55 17.59
C ILE C 240 13.23 -5.04 17.90
N PHE C 241 12.88 -5.48 19.14
CA PHE C 241 13.05 -6.87 19.57
C PHE C 241 12.06 -7.82 18.93
N GLN C 242 10.88 -7.31 18.48
CA GLN C 242 9.85 -8.10 17.79
C GLN C 242 10.40 -8.53 16.41
N TYR C 243 10.99 -7.56 15.67
CA TYR C 243 11.58 -7.73 14.34
C TYR C 243 12.77 -8.67 14.41
N GLY C 244 13.64 -8.43 15.39
CA GLY C 244 14.87 -9.19 15.61
C GLY C 244 14.64 -10.64 15.97
N ASP C 245 13.65 -10.92 16.86
CA ASP C 245 13.31 -12.29 17.31
C ASP C 245 12.66 -13.08 16.20
N ASN C 246 11.89 -12.41 15.32
CA ASN C 246 11.26 -13.00 14.15
C ASN C 246 12.34 -13.58 13.25
N CYS C 247 13.44 -12.82 13.04
CA CYS C 247 14.60 -13.25 12.27
C CYS C 247 15.22 -14.51 12.89
N ILE C 248 15.52 -14.45 14.20
CA ILE C 248 16.16 -15.49 14.99
C ILE C 248 15.35 -16.77 14.99
N GLN C 249 14.02 -16.69 15.22
CA GLN C 249 13.16 -17.86 15.26
C GLN C 249 12.98 -18.53 13.87
N LYS C 250 13.28 -17.80 12.77
CA LYS C 250 13.25 -18.34 11.40
C LYS C 250 14.52 -19.19 11.14
N ILE C 251 15.73 -18.60 11.36
CA ILE C 251 17.03 -19.25 11.16
C ILE C 251 17.19 -20.45 12.14
N TYR C 252 16.77 -20.30 13.42
CA TYR C 252 16.86 -21.33 14.45
C TYR C 252 16.02 -22.57 14.08
N GLN C 253 14.81 -22.38 13.52
CA GLN C 253 13.94 -23.47 13.05
C GLN C 253 14.54 -24.13 11.79
N GLU C 254 14.97 -23.32 10.79
CA GLU C 254 15.61 -23.78 9.54
C GLU C 254 16.86 -24.67 9.83
N LEU C 255 17.75 -24.21 10.74
CA LEU C 255 18.96 -24.92 11.15
C LEU C 255 18.71 -26.18 11.99
N ALA C 256 17.55 -26.25 12.66
CA ALA C 256 17.17 -27.40 13.50
C ALA C 256 16.89 -28.66 12.69
N PHE C 257 16.36 -28.51 11.46
CA PHE C 257 16.00 -29.62 10.56
C PHE C 257 17.10 -29.94 9.55
N ASN C 258 17.91 -28.95 9.18
CA ASN C 258 19.01 -29.14 8.24
C ASN C 258 20.16 -28.21 8.58
N ARG C 259 21.36 -28.77 8.77
CA ARG C 259 22.60 -28.02 9.02
C ARG C 259 23.25 -27.85 7.63
N PRO C 260 23.18 -26.64 7.02
CA PRO C 260 23.71 -26.48 5.65
C PRO C 260 25.21 -26.60 5.52
N GLN C 261 25.65 -27.19 4.41
CA GLN C 261 27.06 -27.39 4.10
C GLN C 261 27.75 -26.08 3.69
N HIS C 262 27.07 -25.28 2.85
CA HIS C 262 27.55 -23.98 2.36
C HIS C 262 27.31 -22.83 3.37
N TYR C 263 27.82 -21.63 3.05
CA TYR C 263 27.65 -20.42 3.88
C TYR C 263 26.25 -19.86 3.61
N THR C 264 25.49 -19.63 4.70
CA THR C 264 24.13 -19.10 4.69
C THR C 264 23.98 -17.92 5.67
N GLY C 265 25.07 -17.19 5.88
CA GLY C 265 25.08 -16.02 6.77
C GLY C 265 25.91 -16.13 8.02
N ILE C 266 26.14 -14.97 8.69
CA ILE C 266 26.91 -14.81 9.93
C ILE C 266 26.31 -15.57 11.11
N VAL C 267 25.02 -15.33 11.40
CA VAL C 267 24.26 -15.90 12.52
C VAL C 267 24.13 -17.43 12.42
N ALA C 268 24.10 -17.97 11.18
CA ALA C 268 24.06 -19.42 10.94
C ALA C 268 25.31 -20.05 11.51
N GLU C 269 26.49 -19.42 11.29
CA GLU C 269 27.81 -19.87 11.79
C GLU C 269 27.87 -19.88 13.32
N LEU C 270 27.31 -18.84 13.96
CA LEU C 270 27.27 -18.67 15.40
C LEU C 270 26.41 -19.74 16.07
N LEU C 271 25.25 -20.05 15.46
CA LEU C 271 24.31 -21.07 15.93
C LEU C 271 24.85 -22.47 15.71
N LEU C 272 25.56 -22.68 14.57
CA LEU C 272 26.14 -23.99 14.23
C LEU C 272 27.33 -24.32 15.15
N LYS C 273 28.19 -23.30 15.45
CA LYS C 273 29.35 -23.43 16.33
C LYS C 273 28.91 -23.72 17.76
N ALA C 274 27.80 -23.09 18.20
CA ALA C 274 27.22 -23.19 19.54
C ALA C 274 28.25 -22.99 20.70
N GLU C 275 29.14 -22.01 20.52
CA GLU C 275 30.18 -21.61 21.48
C GLU C 275 29.55 -20.67 22.50
N LEU C 276 28.52 -19.92 22.06
CA LEU C 276 27.74 -18.98 22.87
C LEU C 276 26.36 -19.57 23.07
N SER C 277 25.75 -19.34 24.24
CA SER C 277 24.41 -19.81 24.60
C SER C 277 23.37 -19.16 23.69
N LEU C 278 22.21 -19.83 23.46
CA LEU C 278 21.17 -19.27 22.58
C LEU C 278 20.84 -17.83 22.99
N GLU C 279 20.77 -17.57 24.32
CA GLU C 279 20.49 -16.25 24.87
C GLU C 279 21.55 -15.21 24.47
N ALA C 280 22.85 -15.59 24.50
CA ALA C 280 23.97 -14.73 24.09
C ALA C 280 23.97 -14.47 22.58
N ILE C 281 23.63 -15.50 21.77
CA ILE C 281 23.52 -15.37 20.32
C ILE C 281 22.36 -14.41 20.00
N LYS C 282 21.18 -14.61 20.65
CA LYS C 282 20.00 -13.77 20.51
C LYS C 282 20.35 -12.30 20.74
N ALA C 283 21.06 -12.00 21.88
CA ALA C 283 21.48 -10.67 22.33
C ALA C 283 22.37 -9.93 21.34
N ASN C 284 23.44 -10.61 20.91
CA ASN C 284 24.43 -10.09 19.94
C ASN C 284 23.86 -10.00 18.53
N SER C 285 22.97 -10.94 18.15
CA SER C 285 22.31 -10.96 16.84
C SER C 285 21.37 -9.76 16.74
N MET C 286 20.72 -9.37 17.87
CA MET C 286 19.84 -8.21 17.97
C MET C 286 20.65 -6.93 17.74
N GLU C 287 21.84 -6.88 18.33
CA GLU C 287 22.79 -5.81 18.25
C GLU C 287 23.32 -5.60 16.82
N LEU C 288 23.43 -6.69 16.04
CA LEU C 288 23.91 -6.65 14.65
C LEU C 288 22.80 -6.26 13.66
N THR C 289 21.58 -6.85 13.82
CA THR C 289 20.41 -6.59 12.97
C THR C 289 19.97 -5.12 13.03
N ALA C 290 19.77 -4.60 14.27
CA ALA C 290 19.33 -3.25 14.55
C ALA C 290 20.43 -2.24 14.35
N GLY C 291 21.65 -2.62 14.73
CA GLY C 291 22.83 -1.77 14.65
C GLY C 291 23.35 -1.43 13.26
N SER C 292 23.05 -2.26 12.26
CA SER C 292 23.51 -2.11 10.87
C SER C 292 22.61 -1.28 9.96
N VAL C 293 21.39 -0.94 10.40
CA VAL C 293 20.38 -0.26 9.60
C VAL C 293 20.66 1.23 9.45
N ASP C 294 20.88 1.94 10.57
CA ASP C 294 21.07 3.38 10.54
C ASP C 294 22.53 3.81 10.39
N THR C 295 23.43 3.16 11.15
CA THR C 295 24.85 3.50 11.12
C THR C 295 25.45 3.51 9.69
N THR C 296 25.30 2.42 8.91
CA THR C 296 25.83 2.31 7.54
C THR C 296 25.14 3.28 6.54
N ALA C 297 23.82 3.49 6.68
CA ALA C 297 22.99 4.32 5.80
C ALA C 297 23.35 5.80 5.75
N PHE C 298 23.69 6.40 6.91
CA PHE C 298 24.02 7.84 6.98
C PHE C 298 25.37 8.19 6.27
N PRO C 299 26.54 7.54 6.53
CA PRO C 299 27.74 7.90 5.78
C PRO C 299 27.65 7.50 4.29
N LEU C 300 26.73 6.57 3.93
CA LEU C 300 26.55 6.19 2.53
C LEU C 300 25.90 7.33 1.74
N LEU C 301 24.84 7.93 2.30
CA LEU C 301 24.15 9.07 1.72
C LEU C 301 25.11 10.27 1.64
N MET C 302 25.95 10.44 2.68
CA MET C 302 26.97 11.52 2.74
C MET C 302 28.07 11.36 1.70
N THR C 303 28.46 10.10 1.39
CA THR C 303 29.44 9.81 0.33
C THR C 303 28.83 10.18 -1.02
N LEU C 304 27.56 9.76 -1.25
CA LEU C 304 26.79 10.06 -2.45
C LEU C 304 26.67 11.58 -2.69
N PHE C 305 26.40 12.33 -1.61
CA PHE C 305 26.29 13.78 -1.64
C PHE C 305 27.65 14.40 -1.92
N GLU C 306 28.69 14.05 -1.13
CA GLU C 306 30.04 14.59 -1.29
C GLU C 306 30.64 14.33 -2.68
N LEU C 307 30.23 13.24 -3.34
CA LEU C 307 30.66 12.92 -4.69
C LEU C 307 29.88 13.73 -5.73
N ALA C 308 28.62 14.12 -5.39
CA ALA C 308 27.77 14.94 -6.24
C ALA C 308 28.20 16.43 -6.20
N ARG C 309 28.90 16.84 -5.12
CA ARG C 309 29.44 18.19 -5.01
C ARG C 309 30.89 18.22 -5.46
N ASN C 310 31.57 17.06 -5.47
CA ASN C 310 32.96 16.96 -5.94
C ASN C 310 33.01 16.08 -7.22
N PRO C 311 32.56 16.61 -8.41
CA PRO C 311 32.56 15.77 -9.64
C PRO C 311 33.93 15.29 -10.09
N ASP C 312 34.98 16.10 -9.79
CA ASP C 312 36.39 15.85 -10.06
C ASP C 312 36.83 14.57 -9.34
N VAL C 313 36.46 14.44 -8.05
CA VAL C 313 36.74 13.29 -7.18
C VAL C 313 35.92 12.10 -7.67
N GLN C 314 34.62 12.32 -7.96
CA GLN C 314 33.69 11.31 -8.45
C GLN C 314 34.19 10.61 -9.73
N GLN C 315 34.73 11.38 -10.69
CA GLN C 315 35.27 10.84 -11.95
C GLN C 315 36.55 10.01 -11.74
N ILE C 316 37.38 10.37 -10.73
CA ILE C 316 38.60 9.63 -10.37
C ILE C 316 38.18 8.24 -9.88
N LEU C 317 37.14 8.20 -9.01
CA LEU C 317 36.58 6.98 -8.43
C LEU C 317 35.89 6.11 -9.49
N ARG C 318 35.20 6.75 -10.46
CA ARG C 318 34.49 6.10 -11.56
C ARG C 318 35.47 5.33 -12.45
N GLN C 319 36.60 5.99 -12.81
CA GLN C 319 37.66 5.41 -13.64
C GLN C 319 38.27 4.16 -12.98
N GLU C 320 38.42 4.19 -11.63
CA GLU C 320 38.93 3.09 -10.83
C GLU C 320 37.91 1.94 -10.84
N SER C 321 36.64 2.25 -10.54
CA SER C 321 35.55 1.29 -10.50
C SER C 321 35.28 0.66 -11.88
N LEU C 322 35.45 1.42 -12.97
CA LEU C 322 35.23 0.90 -14.33
C LEU C 322 36.36 -0.02 -14.81
N ALA C 323 37.62 0.28 -14.44
CA ALA C 323 38.77 -0.54 -14.80
C ALA C 323 38.74 -1.87 -14.02
N ALA C 324 38.45 -1.79 -12.72
CA ALA C 324 38.35 -2.94 -11.82
C ALA C 324 36.97 -3.63 -11.86
N ALA C 325 36.07 -3.21 -12.79
CA ALA C 325 34.71 -3.76 -12.96
C ALA C 325 34.69 -5.26 -13.26
N ALA C 326 35.59 -5.70 -14.17
CA ALA C 326 35.71 -7.08 -14.62
C ALA C 326 36.13 -8.06 -13.51
N SER C 327 37.22 -7.73 -12.77
CA SER C 327 37.76 -8.56 -11.67
C SER C 327 36.84 -8.66 -10.46
N ILE C 328 36.00 -7.63 -10.23
CA ILE C 328 35.03 -7.61 -9.12
C ILE C 328 33.78 -8.40 -9.54
N SER C 329 33.50 -8.48 -10.86
CA SER C 329 32.35 -9.22 -11.39
C SER C 329 32.54 -10.74 -11.18
N GLU C 330 33.76 -11.27 -11.47
CA GLU C 330 34.10 -12.71 -11.29
C GLU C 330 34.44 -13.08 -9.84
N HIS C 331 35.11 -12.17 -9.12
CA HIS C 331 35.43 -12.35 -7.69
C HIS C 331 35.01 -11.11 -6.91
N PRO C 332 33.75 -11.06 -6.38
CA PRO C 332 33.32 -9.87 -5.61
C PRO C 332 34.20 -9.53 -4.42
N GLN C 333 34.89 -10.54 -3.88
CA GLN C 333 35.83 -10.41 -2.76
C GLN C 333 37.05 -9.56 -3.11
N LYS C 334 37.30 -9.32 -4.42
CA LYS C 334 38.41 -8.49 -4.93
C LYS C 334 38.17 -7.00 -4.72
N ALA C 335 36.90 -6.59 -4.51
CA ALA C 335 36.47 -5.21 -4.28
C ALA C 335 37.25 -4.50 -3.16
N THR C 336 37.63 -5.26 -2.10
CA THR C 336 38.39 -4.75 -0.96
C THR C 336 39.75 -4.17 -1.36
N THR C 337 40.57 -4.96 -2.07
CA THR C 337 41.93 -4.61 -2.54
C THR C 337 41.95 -3.84 -3.87
N GLU C 338 41.05 -4.18 -4.83
CA GLU C 338 40.96 -3.54 -6.16
C GLU C 338 40.48 -2.07 -6.17
N LEU C 339 39.79 -1.61 -5.08
CA LEU C 339 39.27 -0.23 -4.99
C LEU C 339 39.90 0.60 -3.83
N PRO C 340 41.18 1.02 -3.92
CA PRO C 340 41.78 1.80 -2.82
C PRO C 340 41.23 3.21 -2.63
N LEU C 341 41.05 3.98 -3.74
CA LEU C 341 40.54 5.35 -3.69
C LEU C 341 39.11 5.40 -3.15
N LEU C 342 38.25 4.43 -3.53
CA LEU C 342 36.86 4.35 -3.07
C LEU C 342 36.81 4.02 -1.58
N ARG C 343 37.76 3.18 -1.09
CA ARG C 343 37.91 2.84 0.33
C ARG C 343 38.34 4.11 1.10
N ALA C 344 39.21 4.92 0.48
CA ALA C 344 39.74 6.18 1.01
C ALA C 344 38.69 7.29 1.00
N ALA C 345 37.73 7.24 0.06
CA ALA C 345 36.61 8.19 -0.02
C ALA C 345 35.71 7.97 1.19
N LEU C 346 35.56 6.70 1.65
CA LEU C 346 34.78 6.37 2.86
C LEU C 346 35.48 6.90 4.10
N LYS C 347 36.84 6.78 4.16
CA LYS C 347 37.69 7.30 5.25
C LYS C 347 37.47 8.81 5.37
N GLU C 348 37.28 9.48 4.21
CA GLU C 348 37.02 10.91 4.03
C GLU C 348 35.57 11.32 4.43
N THR C 349 34.59 10.42 4.20
CA THR C 349 33.20 10.67 4.62
C THR C 349 33.12 10.59 6.13
N LEU C 350 33.84 9.62 6.70
CA LEU C 350 33.85 9.41 8.14
C LEU C 350 34.76 10.39 8.89
N ARG C 351 35.70 11.08 8.20
CA ARG C 351 36.59 12.13 8.76
C ARG C 351 35.75 13.38 9.10
N LEU C 352 34.89 13.80 8.15
CA LEU C 352 33.97 14.95 8.19
C LEU C 352 32.59 14.64 8.82
N TYR C 353 32.05 13.43 8.61
CA TYR C 353 30.72 13.03 9.13
C TYR C 353 30.80 11.77 10.04
N PRO C 354 31.44 11.87 11.24
CA PRO C 354 31.54 10.66 12.09
C PRO C 354 30.21 10.25 12.70
N VAL C 355 29.62 9.10 12.25
CA VAL C 355 28.34 8.59 12.79
C VAL C 355 28.45 8.24 14.27
N GLY C 356 29.60 7.73 14.66
CA GLY C 356 29.87 7.36 16.04
C GLY C 356 30.13 8.53 16.97
N LEU C 357 30.47 9.74 16.42
CA LEU C 357 30.82 11.03 17.07
C LEU C 357 31.90 10.96 18.14
N PHE C 358 31.76 10.04 19.09
CA PHE C 358 32.67 9.87 20.22
C PHE C 358 33.18 8.44 20.38
N LEU C 359 34.34 8.34 21.01
CA LEU C 359 35.01 7.13 21.45
C LEU C 359 35.10 7.34 22.96
N GLU C 360 34.42 6.49 23.73
CA GLU C 360 34.42 6.64 25.19
C GLU C 360 35.09 5.44 25.86
N ARG C 361 35.87 5.72 26.93
CA ARG C 361 36.57 4.71 27.75
C ARG C 361 36.66 5.14 29.21
N VAL C 362 36.19 4.27 30.12
CA VAL C 362 36.31 4.53 31.57
C VAL C 362 37.67 3.92 31.99
N VAL C 363 38.73 4.72 31.80
CA VAL C 363 40.12 4.38 32.03
C VAL C 363 40.34 3.66 33.41
N SER C 364 41.09 2.52 33.39
CA SER C 364 41.34 1.61 34.52
C SER C 364 42.57 1.97 35.36
N SER C 365 43.45 2.82 34.81
CA SER C 365 44.67 3.30 35.45
C SER C 365 44.96 4.75 35.10
N ASP C 366 45.56 5.48 36.05
CA ASP C 366 45.94 6.88 35.92
C ASP C 366 46.76 7.06 34.65
N LEU C 367 46.61 8.21 33.99
CA LEU C 367 47.34 8.56 32.77
C LEU C 367 47.53 10.07 32.68
N VAL C 368 48.35 10.53 31.74
CA VAL C 368 48.61 11.96 31.60
C VAL C 368 48.39 12.40 30.15
N LEU C 369 47.14 12.78 29.83
CA LEU C 369 46.72 13.30 28.52
C LEU C 369 46.95 14.83 28.47
N GLN C 370 47.66 15.36 27.45
CA GLN C 370 47.99 16.78 27.31
C GLN C 370 48.62 17.41 28.60
N ASN C 371 49.57 16.67 29.24
CA ASN C 371 50.32 17.01 30.48
C ASN C 371 49.43 17.39 31.71
N TYR C 372 48.24 16.78 31.78
CA TYR C 372 47.24 16.93 32.83
C TYR C 372 47.03 15.55 33.42
N HIS C 373 46.88 15.46 34.74
CA HIS C 373 46.70 14.15 35.36
C HIS C 373 45.24 13.72 35.20
N ILE C 374 45.03 12.58 34.51
CA ILE C 374 43.71 11.97 34.29
C ILE C 374 43.65 10.74 35.21
N PRO C 375 42.91 10.81 36.34
CA PRO C 375 42.90 9.66 37.26
C PRO C 375 42.11 8.44 36.78
N ALA C 376 42.34 7.28 37.41
CA ALA C 376 41.63 6.04 37.12
C ALA C 376 40.17 6.25 37.49
N GLY C 377 39.27 5.76 36.66
CA GLY C 377 37.83 5.93 36.83
C GLY C 377 37.26 7.18 36.18
N THR C 378 38.13 7.98 35.54
CA THR C 378 37.73 9.19 34.83
C THR C 378 37.27 8.76 33.44
N LEU C 379 36.08 9.23 32.99
CA LEU C 379 35.58 8.90 31.65
C LEU C 379 36.33 9.76 30.64
N VAL C 380 37.01 9.12 29.65
CA VAL C 380 37.73 9.84 28.61
C VAL C 380 36.93 9.74 27.34
N GLN C 381 36.48 10.91 26.85
CA GLN C 381 35.66 11.04 25.65
C GLN C 381 36.39 11.74 24.47
N VAL C 382 36.75 10.96 23.43
CA VAL C 382 37.41 11.47 22.22
C VAL C 382 36.33 12.02 21.28
N PHE C 383 36.44 13.28 20.86
CA PHE C 383 35.48 13.90 19.96
C PHE C 383 35.98 13.79 18.52
N LEU C 384 35.37 12.90 17.73
CA LEU C 384 35.76 12.58 16.34
C LEU C 384 35.44 13.66 15.32
N TYR C 385 34.48 14.52 15.63
CA TYR C 385 34.10 15.63 14.75
C TYR C 385 35.22 16.66 14.70
N SER C 386 35.73 17.10 15.87
CA SER C 386 36.79 18.10 16.00
C SER C 386 38.15 17.61 15.52
N LEU C 387 38.46 16.34 15.82
CA LEU C 387 39.68 15.61 15.47
C LEU C 387 39.88 15.63 13.93
N GLY C 388 38.81 15.31 13.21
CA GLY C 388 38.80 15.27 11.76
C GLY C 388 38.80 16.64 11.10
N ARG C 389 38.45 17.69 11.87
CA ARG C 389 38.38 19.07 11.38
C ARG C 389 39.53 19.95 11.86
N ASN C 390 40.61 19.30 12.33
CA ASN C 390 41.82 19.97 12.77
C ASN C 390 42.70 20.18 11.53
N ALA C 391 42.95 21.46 11.20
CA ALA C 391 43.72 21.87 10.03
C ALA C 391 45.18 21.42 10.03
N ALA C 392 45.78 21.20 11.22
CA ALA C 392 47.18 20.76 11.37
C ALA C 392 47.39 19.27 11.05
N LEU C 393 46.40 18.44 11.41
CA LEU C 393 46.43 16.98 11.17
C LEU C 393 45.96 16.68 9.74
N PHE C 394 44.98 17.46 9.24
CA PHE C 394 44.39 17.31 7.91
C PHE C 394 44.46 18.63 7.13
N PRO C 395 45.49 18.82 6.25
CA PRO C 395 45.60 20.09 5.49
C PRO C 395 44.39 20.30 4.58
N ARG C 396 43.77 21.52 4.67
CA ARG C 396 42.49 21.90 4.07
C ARG C 396 41.47 20.89 4.63
N PRO C 397 41.14 20.98 5.96
CA PRO C 397 40.24 19.97 6.57
C PRO C 397 38.83 19.95 6.01
N GLU C 398 38.39 21.05 5.38
CA GLU C 398 37.07 21.12 4.76
C GLU C 398 37.27 20.99 3.25
N ARG C 399 37.87 19.86 2.84
CA ARG C 399 38.17 19.52 1.45
C ARG C 399 38.05 18.01 1.33
N TYR C 400 37.12 17.54 0.48
CA TYR C 400 36.89 16.11 0.26
C TYR C 400 37.99 15.59 -0.68
N ASN C 401 39.12 15.19 -0.08
CA ASN C 401 40.29 14.71 -0.79
C ASN C 401 40.66 13.28 -0.38
N PRO C 402 40.04 12.24 -1.01
CA PRO C 402 40.38 10.85 -0.66
C PRO C 402 41.86 10.50 -0.88
N GLN C 403 42.60 11.33 -1.66
CA GLN C 403 44.02 11.15 -1.93
C GLN C 403 44.87 11.34 -0.66
N ARG C 404 44.38 12.08 0.35
CA ARG C 404 45.12 12.34 1.60
C ARG C 404 45.42 11.05 2.43
N TRP C 405 44.77 9.94 2.06
CA TRP C 405 44.88 8.62 2.69
C TRP C 405 45.86 7.71 1.92
N LEU C 406 46.41 8.25 0.81
CA LEU C 406 47.36 7.63 -0.11
C LEU C 406 48.75 8.25 0.06
N ASP C 407 48.81 9.61 0.13
CA ASP C 407 50.05 10.41 0.29
C ASP C 407 50.77 10.16 1.64
N ILE C 408 50.06 9.52 2.61
CA ILE C 408 50.46 9.16 4.00
C ILE C 408 51.97 8.77 4.13
N ARG C 409 52.61 9.32 5.18
CA ARG C 409 54.02 9.13 5.53
C ARG C 409 54.15 8.66 6.98
N ASN C 414 49.11 7.25 11.30
CA ASN C 414 48.72 6.43 12.44
C ASN C 414 47.79 7.18 13.40
N PHE C 415 46.68 6.51 13.82
CA PHE C 415 45.60 6.98 14.70
C PHE C 415 44.81 8.16 14.14
N HIS C 416 45.05 8.53 12.88
CA HIS C 416 44.32 9.59 12.20
C HIS C 416 42.92 9.12 11.80
N HIS C 417 42.80 7.82 11.41
CA HIS C 417 41.54 7.19 11.04
C HIS C 417 41.05 6.30 12.16
N VAL C 418 40.15 6.84 13.01
CA VAL C 418 39.55 6.12 14.13
C VAL C 418 38.00 6.33 14.22
N PRO C 419 37.22 6.27 13.10
CA PRO C 419 35.77 6.47 13.21
C PRO C 419 35.01 5.26 13.74
N PHE C 420 35.67 4.09 13.76
CA PHE C 420 35.13 2.82 14.24
C PHE C 420 35.75 2.46 15.60
N GLY C 421 36.62 3.32 16.10
CA GLY C 421 37.28 3.10 17.39
C GLY C 421 38.68 2.51 17.26
N PHE C 422 39.15 1.86 18.31
CA PHE C 422 40.49 1.26 18.34
C PHE C 422 40.53 0.03 19.23
N GLY C 423 41.56 -0.76 19.04
CA GLY C 423 41.79 -1.96 19.85
C GLY C 423 40.74 -3.02 19.72
N MET C 424 40.58 -3.79 20.81
CA MET C 424 39.69 -4.94 20.91
C MET C 424 38.21 -4.59 20.87
N ARG C 425 37.88 -3.40 21.39
CA ARG C 425 36.54 -2.84 21.47
C ARG C 425 36.09 -2.11 20.21
N GLN C 426 36.94 -2.03 19.18
CA GLN C 426 36.61 -1.33 17.94
C GLN C 426 35.36 -1.96 17.32
N CYS C 427 34.58 -1.15 16.62
CA CYS C 427 33.34 -1.53 15.98
C CYS C 427 33.36 -2.94 15.37
N LEU C 428 32.49 -3.82 15.90
CA LEU C 428 32.35 -5.20 15.46
C LEU C 428 31.77 -5.26 14.03
N GLY C 429 30.98 -4.24 13.68
CA GLY C 429 30.38 -4.12 12.36
C GLY C 429 31.20 -3.38 11.33
N ARG C 430 32.41 -2.91 11.71
CA ARG C 430 33.34 -2.17 10.85
C ARG C 430 33.40 -2.73 9.40
N ARG C 431 33.75 -4.02 9.26
CA ARG C 431 33.96 -4.74 8.01
C ARG C 431 32.72 -4.99 7.17
N LEU C 432 31.57 -5.31 7.82
CA LEU C 432 30.30 -5.52 7.11
C LEU C 432 29.78 -4.17 6.55
N ALA C 433 29.87 -3.09 7.36
CA ALA C 433 29.46 -1.73 6.99
C ALA C 433 30.29 -1.25 5.80
N GLU C 434 31.64 -1.41 5.87
CA GLU C 434 32.55 -1.03 4.80
C GLU C 434 32.19 -1.71 3.49
N ALA C 435 31.94 -3.05 3.52
CA ALA C 435 31.58 -3.86 2.36
C ALA C 435 30.27 -3.38 1.72
N GLU C 436 29.27 -3.05 2.57
CA GLU C 436 27.97 -2.55 2.14
C GLU C 436 28.11 -1.21 1.43
N MET C 437 28.95 -0.33 1.99
CA MET C 437 29.19 0.99 1.41
C MET C 437 29.98 0.91 0.11
N LEU C 438 31.16 0.28 0.18
CA LEU C 438 32.10 0.07 -0.92
C LEU C 438 31.41 -0.52 -2.17
N LEU C 439 30.61 -1.59 -2.00
CA LEU C 439 29.91 -2.25 -3.09
C LEU C 439 28.71 -1.48 -3.67
N LEU C 440 27.92 -0.76 -2.85
CA LEU C 440 26.80 0.03 -3.39
C LEU C 440 27.37 1.13 -4.29
N LEU C 441 28.39 1.86 -3.78
CA LEU C 441 29.06 2.96 -4.48
C LEU C 441 29.74 2.51 -5.77
N HIS C 442 30.37 1.31 -5.78
CA HIS C 442 31.03 0.75 -6.96
C HIS C 442 30.05 0.57 -8.11
N HIS C 443 28.88 -0.03 -7.84
CA HIS C 443 27.84 -0.29 -8.82
C HIS C 443 27.09 0.96 -9.28
N VAL C 444 27.03 2.01 -8.43
CA VAL C 444 26.39 3.30 -8.74
C VAL C 444 27.33 4.06 -9.70
N LEU C 445 28.63 4.11 -9.39
CA LEU C 445 29.64 4.78 -10.21
C LEU C 445 29.77 4.19 -11.64
N LYS C 446 29.63 2.85 -11.78
CA LYS C 446 29.72 2.12 -13.06
C LYS C 446 28.59 2.47 -14.06
N HIS C 447 27.42 2.88 -13.55
CA HIS C 447 26.26 3.14 -14.42
C HIS C 447 25.70 4.57 -14.38
N PHE C 448 25.94 5.33 -13.28
CA PHE C 448 25.36 6.67 -13.14
C PHE C 448 26.32 7.77 -12.77
N LEU C 449 25.93 9.00 -13.11
CA LEU C 449 26.58 10.24 -12.72
C LEU C 449 25.74 10.82 -11.58
N VAL C 450 26.33 11.03 -10.41
CA VAL C 450 25.59 11.62 -9.27
C VAL C 450 25.79 13.15 -9.34
N GLU C 451 24.69 13.91 -9.36
CA GLU C 451 24.68 15.37 -9.51
C GLU C 451 23.74 16.02 -8.51
N THR C 452 23.98 17.33 -8.17
CA THR C 452 23.15 18.13 -7.26
C THR C 452 23.46 19.62 -7.35
N LEU C 453 22.42 20.46 -7.22
CA LEU C 453 22.52 21.92 -7.19
C LEU C 453 22.74 22.37 -5.74
N THR C 454 22.39 21.47 -4.78
CA THR C 454 22.56 21.65 -3.34
C THR C 454 24.07 21.56 -3.10
N GLN C 455 24.78 22.67 -3.25
CA GLN C 455 26.23 22.69 -3.07
C GLN C 455 26.64 23.16 -1.63
N GLU C 456 25.65 23.46 -0.79
CA GLU C 456 25.81 23.92 0.59
C GLU C 456 25.95 22.70 1.49
N ASP C 457 26.83 22.81 2.52
CA ASP C 457 27.05 21.75 3.51
C ASP C 457 25.73 21.41 4.21
N ILE C 458 25.46 20.10 4.40
CA ILE C 458 24.25 19.66 5.08
C ILE C 458 24.43 19.91 6.57
N LYS C 459 23.38 20.37 7.25
CA LYS C 459 23.41 20.57 8.69
C LYS C 459 23.26 19.17 9.32
N MET C 460 24.24 18.74 10.13
CA MET C 460 24.17 17.43 10.78
C MET C 460 23.37 17.57 12.06
N VAL C 461 22.69 16.50 12.45
CA VAL C 461 21.84 16.41 13.64
C VAL C 461 22.36 15.26 14.56
N TYR C 462 22.47 15.53 15.88
CA TYR C 462 22.83 14.49 16.82
C TYR C 462 21.55 13.85 17.39
N SER C 463 21.33 12.56 17.11
CA SER C 463 20.21 11.81 17.70
C SER C 463 20.72 10.43 18.04
N PHE C 464 21.73 10.40 18.97
CA PHE C 464 22.57 9.30 19.46
C PHE C 464 23.72 9.04 18.49
N ILE C 465 23.39 9.03 17.18
CA ILE C 465 24.33 8.89 16.07
C ILE C 465 24.27 10.22 15.27
N LEU C 466 25.39 10.64 14.64
CA LEU C 466 25.40 11.84 13.82
C LEU C 466 24.75 11.59 12.44
N ARG C 467 23.50 12.06 12.29
CA ARG C 467 22.68 11.93 11.07
C ARG C 467 22.42 13.27 10.36
N PRO C 468 22.36 13.34 9.00
CA PRO C 468 22.01 14.62 8.34
C PRO C 468 20.58 15.07 8.67
N GLY C 469 20.39 16.38 8.73
CA GLY C 469 19.09 16.97 9.02
C GLY C 469 18.16 16.86 7.83
N THR C 470 18.69 17.21 6.65
CA THR C 470 17.97 17.16 5.39
C THR C 470 18.67 16.21 4.44
N SER C 471 17.87 15.50 3.60
CA SER C 471 18.37 14.59 2.58
C SER C 471 18.35 15.40 1.28
N PRO C 472 19.51 15.57 0.59
CA PRO C 472 19.50 16.39 -0.62
C PRO C 472 18.90 15.67 -1.80
N LEU C 473 18.54 16.45 -2.82
CA LEU C 473 17.96 15.97 -4.05
C LEU C 473 19.13 15.60 -4.95
N LEU C 474 19.29 14.30 -5.17
CA LEU C 474 20.38 13.77 -5.99
C LEU C 474 19.85 13.26 -7.32
N THR C 475 20.49 13.70 -8.42
CA THR C 475 20.17 13.30 -9.79
C THR C 475 21.10 12.13 -10.12
N PHE C 476 20.53 11.05 -10.65
CA PHE C 476 21.30 9.87 -11.07
C PHE C 476 21.15 9.78 -12.58
N ARG C 477 22.16 10.26 -13.31
CA ARG C 477 22.11 10.27 -14.76
C ARG C 477 22.77 9.05 -15.36
N ALA C 478 22.05 8.31 -16.23
CA ALA C 478 22.60 7.12 -16.88
C ALA C 478 23.79 7.54 -17.73
N ILE C 479 24.91 6.84 -17.50
CA ILE C 479 26.25 7.10 -18.04
C ILE C 479 26.34 7.11 -19.61
N ASN C 480 25.40 6.44 -20.34
CA ASN C 480 25.43 6.39 -21.81
C ASN C 480 24.16 6.97 -22.43
FE HEC D . -20.50 -26.04 4.09
CHA HEC D . -23.80 -26.53 4.97
CHB HEC D . -19.55 -28.09 6.63
CHC HEC D . -17.23 -25.40 3.35
CHD HEC D . -21.50 -23.79 1.73
NA HEC D . -21.47 -27.04 5.47
C1A HEC D . -22.85 -27.18 5.69
C2A HEC D . -23.09 -28.15 6.74
C3A HEC D . -21.90 -28.55 7.22
C4A HEC D . -20.90 -27.89 6.45
CMA HEC D . -21.67 -29.56 8.29
CAA HEC D . -24.40 -28.68 7.25
CBA HEC D . -24.77 -30.03 6.53
CGA HEC D . -25.89 -30.86 7.19
O1A HEC D . -26.30 -30.56 8.28
O2A HEC D . -26.44 -31.95 6.59
NB HEC D . -18.77 -26.60 4.86
C1B HEC D . -18.55 -27.47 5.87
C2B HEC D . -17.13 -27.71 6.07
C3B HEC D . -16.47 -26.94 5.17
C4B HEC D . -17.53 -26.24 4.40
CMB HEC D . -16.50 -28.62 7.08
CAB HEC D . -15.01 -26.76 4.94
CBB HEC D . -14.06 -27.71 5.10
NC HEC D . -19.59 -24.82 2.85
C1C HEC D . -18.22 -24.73 2.66
C2C HEC D . -17.93 -23.91 1.55
C3C HEC D . -19.15 -23.44 1.08
C4C HEC D . -20.16 -24.01 1.91
CMC HEC D . -16.52 -23.69 1.05
CAC HEC D . -19.42 -22.51 -0.03
CBC HEC D . -19.00 -22.74 -1.25
ND HEC D . -22.24 -25.27 3.54
C1D HEC D . -22.44 -24.38 2.54
C2D HEC D . -23.87 -24.12 2.31
C3D HEC D . -24.53 -24.90 3.18
C4D HEC D . -23.49 -25.61 3.97
CMD HEC D . -24.37 -23.17 1.26
CAD HEC D . -25.99 -25.05 3.39
CBD HEC D . -26.50 -26.44 2.98
CGD HEC D . -28.04 -26.52 2.99
O1D HEC D . -28.66 -27.22 2.29
O2D HEC D . -28.82 -25.83 3.77
C1 O4W E . -22.28 -16.45 4.71
C2 O4W E . -22.00 -18.80 5.11
C3 O4W E . -22.76 -17.76 4.62
C4 O4W E . -20.75 -18.50 5.70
C5 O4W E . -21.06 -16.16 5.32
C6 O4W E . -20.29 -17.18 5.82
C7 O4W E . -20.16 -19.75 6.15
O12 O4W E . -19.10 -19.80 6.72
C14 O4W E . -20.67 -22.12 6.26
C15 O4W E . -20.26 -23.66 8.08
C16 O4W E . -20.50 -22.35 7.63
C8 O4W E . -22.18 -20.30 5.17
C32 O4W E . -24.94 -24.23 17.19
N9 O4W E . -20.95 -20.81 5.85
CL1 O4W E . -23.23 -15.17 4.03
C11 O4W E . -23.46 -20.68 5.92
C13 O4W E . -22.37 -20.83 3.73
C17 O4W E . -20.25 -24.68 7.13
C18 O4W E . -20.63 -23.20 5.38
N19 O4W E . -20.44 -24.43 5.84
O20 O4W E . -20.11 -23.93 9.42
C21 O4W E . -21.22 -23.65 10.30
C22 O4W E . -22.53 -24.40 10.05
C23 O4W E . -21.31 -24.41 11.63
N24 O4W E . -22.77 -24.23 11.49
C25 O4W E . -23.85 -23.99 12.30
O26 O4W E . -24.97 -23.90 11.79
C27 O4W E . -23.72 -23.87 13.80
C28 O4W E . -22.64 -23.35 14.56
N29 O4W E . -22.94 -23.41 15.82
N30 O4W E . -24.23 -23.95 15.94
C31 O4W E . -24.69 -24.25 14.72
FE HEC F . -8.60 24.86 -19.29
CHA HEC F . -8.87 28.34 -19.12
CHB HEC F . -11.89 24.65 -20.22
CHC HEC F . -8.27 21.58 -19.52
CHD HEC F . -5.30 25.19 -18.30
NA HEC F . -10.03 26.18 -19.57
C1A HEC F . -10.00 27.61 -19.46
C2A HEC F . -11.33 28.14 -19.76
C3A HEC F . -12.16 27.10 -20.05
C4A HEC F . -11.37 25.91 -19.96
CMA HEC F . -13.61 27.20 -20.40
CAA HEC F . -11.81 29.57 -19.81
CBA HEC F . -11.12 30.35 -20.98
CGA HEC F . -11.78 31.69 -21.31
O1A HEC F . -12.35 32.28 -20.38
O2A HEC F . -11.73 32.21 -22.58
NB HEC F . -9.81 23.42 -19.80
C1B HEC F . -11.12 23.46 -20.14
C2B HEC F . -11.65 22.16 -20.50
C3B HEC F . -10.63 21.29 -20.35
C4B HEC F . -9.49 22.13 -19.86
CMB HEC F . -13.04 21.90 -21.02
CAB HEC F . -10.54 19.81 -20.59
CBB HEC F . -11.58 19.00 -20.68
NC HEC F . -7.14 23.64 -18.84
C1C HEC F . -7.18 22.29 -19.04
C2C HEC F . -5.95 21.68 -18.72
C3C HEC F . -5.12 22.70 -18.27
C4C HEC F . -5.84 23.91 -18.40
CMC HEC F . -5.67 20.24 -18.90
CAC HEC F . -3.71 22.58 -17.89
CBC HEC F . -2.83 22.17 -18.81
ND HEC F . -7.39 26.45 -18.87
C1D HEC F . -6.07 26.38 -18.50
C2D HEC F . -5.47 27.70 -18.28
C3D HEC F . -6.42 28.55 -18.47
C4D HEC F . -7.63 27.77 -18.84
CMD HEC F . -4.06 27.98 -17.89
CAD HEC F . -6.25 30.03 -18.34
CBD HEC F . -6.52 30.77 -19.67
CGD HEC F . -5.77 32.09 -19.61
O1D HEC F . -4.81 32.29 -20.28
O2D HEC F . -6.13 33.11 -18.81
C1 O4W G . -4.54 25.41 -10.46
C2 O4W G . -6.00 25.39 -12.37
C3 O4W G . -4.99 25.99 -11.63
C4 O4W G . -6.54 24.16 -11.96
C5 O4W G . -5.11 24.20 -10.01
C6 O4W G . -6.11 23.59 -10.75
C7 O4W G . -7.59 23.78 -12.92
O12 O4W G . -8.28 22.79 -12.87
C14 O4W G . -8.68 24.68 -14.90
C15 O4W G . -10.99 24.90 -15.56
C16 O4W G . -10.01 24.89 -14.55
C8 O4W G . -6.70 25.76 -13.66
C32 O4W G . -18.21 30.89 -11.58
N9 O4W G . -7.70 24.70 -13.90
CL1 O4W G . -3.26 26.19 -9.56
C11 O4W G . -7.38 27.11 -13.53
C13 O4W G . -5.64 25.87 -14.77
C17 O4W G . -10.58 24.73 -16.87
C18 O4W G . -8.35 24.54 -16.24
N19 O4W G . -9.30 24.60 -17.17
O20 O4W G . -12.29 25.09 -15.31
C21 O4W G . -12.64 26.26 -14.57
C22 O4W G . -12.45 27.64 -15.22
C23 O4W G . -14.12 26.66 -14.71
N24 O4W G . -13.65 28.03 -14.46
C25 O4W G . -14.11 29.15 -13.81
O26 O4W G . -13.43 30.16 -13.82
C27 O4W G . -15.40 29.17 -13.10
C28 O4W G . -16.14 28.09 -12.53
N29 O4W G . -17.21 28.55 -11.95
N30 O4W G . -17.20 29.95 -12.09
C31 O4W G . -16.12 30.30 -12.78
FE HEC H . 29.82 0.26 15.17
CHA HEC H . 30.97 0.16 18.47
CHB HEC H . 31.25 3.37 14.84
CHC HEC H . 28.48 0.56 12.07
CHD HEC H . 28.12 -2.60 15.71
NA HEC H . 30.84 1.44 16.38
C1A HEC H . 31.25 1.26 17.72
C2A HEC H . 32.01 2.37 18.17
C3A HEC H . 32.11 3.26 17.15
C4A HEC H . 31.39 2.72 16.06
CMA HEC H . 32.80 4.59 17.10
CAA HEC H . 32.62 2.47 19.48
CBA HEC H . 33.90 1.66 19.36
CGA HEC H . 34.89 2.06 20.40
O1A HEC H . 34.59 2.79 21.33
O2A HEC H . 36.15 1.60 20.32
NB HEC H . 29.89 1.65 13.74
C1B HEC H . 30.55 2.84 13.74
C2B HEC H . 30.50 3.53 12.43
C3B HEC H . 29.75 2.74 11.64
C4B HEC H . 29.33 1.58 12.50
CMB HEC H . 31.21 4.84 12.11
CAB HEC H . 29.37 2.93 10.22
CBB HEC H . 29.86 3.87 9.44
NC HEC H . 28.51 -0.76 14.13
C1C HEC H . 28.10 -0.51 12.84
C2C HEC H . 27.45 -1.66 12.30
C3C HEC H . 27.31 -2.54 13.35
C4C HEC H . 27.97 -1.98 14.49
CMC HEC H . 26.99 -1.81 10.87
CAC HEC H . 26.71 -3.85 13.33
CBC HEC H . 26.67 -4.60 12.22
ND HEC H . 29.62 -0.95 16.72
C1D HEC H . 28.86 -2.06 16.77
C2D HEC H . 29.03 -2.78 18.06
C3D HEC H . 29.89 -2.08 18.82
C4D HEC H . 30.21 -0.89 17.98
CMD HEC H . 28.37 -4.09 18.35
CAD HEC H . 30.43 -2.36 20.20
CBD HEC H . 31.74 -3.17 20.07
CGD HEC H . 32.32 -3.78 21.37
O1D HEC H . 32.92 -4.83 21.43
O2D HEC H . 32.20 -3.21 22.55
C1 O4W I . 20.98 -1.77 19.05
C2 O4W I . 23.08 -0.76 18.45
C3 O4W I . 22.37 -1.70 19.18
C4 O4W I . 22.39 0.07 17.54
C5 O4W I . 20.31 -0.92 18.19
C6 O4W I . 21.00 0.01 17.43
C7 O4W I . 23.38 0.94 16.90
O12 O4W I . 23.07 1.76 16.07
C14 O4W I . 25.76 1.36 16.96
C15 O4W I . 26.98 3.41 17.10
C16 O4W I . 25.81 2.70 17.33
C8 O4W I . 24.56 -0.41 18.35
C32 O4W I . 27.74 10.61 24.26
N9 O4W I . 24.62 0.64 17.30
CL1 O4W I . 20.12 -2.98 19.97
C11 O4W I . 25.11 0.16 19.66
C13 O4W I . 25.39 -1.66 18.05
C17 O4W I . 28.04 2.75 16.49
C18 O4W I . 26.88 0.77 16.39
N19 O4W I . 27.97 1.46 16.17
O20 O4W I . 27.07 4.72 17.39
C21 O4W I . 26.93 5.16 18.74
C22 O4W I . 28.01 4.65 19.69
C23 O4W I . 27.61 6.49 19.05
N24 O4W I . 27.81 5.93 20.38
C25 O4W I . 27.80 6.34 21.67
O26 O4W I . 28.00 5.52 22.56
C27 O4W I . 27.52 7.74 22.05
C28 O4W I . 26.69 8.66 21.37
N29 O4W I . 26.69 9.76 22.06
N30 O4W I . 27.50 9.62 23.20
C31 O4W I . 28.00 8.37 23.18
#